data_9J8Q
#
_entry.id   9J8Q
#
_cell.length_a   1.00
_cell.length_b   1.00
_cell.length_c   1.00
_cell.angle_alpha   90.00
_cell.angle_beta   90.00
_cell.angle_gamma   90.00
#
_symmetry.space_group_name_H-M   'P 1'
#
loop_
_entity.id
_entity.type
_entity.pdbx_description
1 polymer 'Phosphatidylglycerol lysyltransferase'
2 non-polymer "(2~{R},3~{S},4~{S},5~{S},6~{S})-2-(hydroxymethyl)-6-[(2~{R},3~{S},4~{R},5~{R},6~{R})-2-(hydroxymethyl)-6-[2-[[(2~{R},3~{S},4~{R},5~{R},6~{S})-6-(hydroxymethyl)-5-[(2~{S},3~{R},4~{S},5~{S},6~{R})-6-(hydroxymethyl)-3,4,5-tris(oxidanyl)oxan-2-yl]oxy-3,4-bis(oxidanyl)oxan-2-yl]oxymethyl]-4-[(1~{R},2~{R},4~{S},5'~{R},6~{R},7~{R},8~{R},9~{S},12~{S},13~{R},16~{S})-5',7,9,13-tetramethylspiro[5-oxapentacyclo[10.8.0.0^{2,9}.0^{4,8}.0^{13,18}]icos-18-ene-6,2'-oxane]-16-yl]oxy-butoxy]-4,5-bis(oxidanyl)oxan-3-yl]oxy-oxane-3,4,5-triol"
3 non-polymer '(1S)-2-{[{[(2R)-2,3-DIHYDROXYPROPYL]OXY}(HYDROXY)PHOSPHORYL]OXY}-1-[(PALMITOYLOXY)METHYL]ETHYL STEARATE'
4 non-polymer PHOSPHATIDYLETHANOLAMINE
#
_entity_poly.entity_id   1
_entity_poly.type   'polypeptide(L)'
_entity_poly.pdbx_seq_one_letter_code
;MWSHPQFEKGGSGMRTDAPVPEHPAPPSSPASPQRIRLIDRITAYRQPIGLVFTLLLFGLALVACYHLLREIDPGALHDA
IADVPRPALLGALSATALGFVILLGYEWSASRFAGVTLPMRSLATGGFSAFAIGNAVGLSLLSGGSVRYRLYSRHGIGAA
EIARMTLFASLSLGCALPVLAALAALCDLDDAASALHLPRALVAVIAIAVLSLAVGLVAFLARHRLPGERPSPDSLLVRL
GRRSLRLPGLRLSLLQLLITALDVAAAATVLYLLLPETPPFAAFLLVYLLALAAGVLSHVPGGVGVFEAVLLAAFAGQLG
AAPLAAALLLYRLIYVVLPLLLACLLLLFLEARRLWVTRQAIRVASGFAAPILAILVFLSGVVLLFSGATPAIDTRLEHL
GFLIPHRLIDASHLVASLIGVLCLLLAQGLRRRLSAAWALTLVLLLVGALLSLLKGFDWEEASLLSLTAALLAMFRRSFY
RPSRLMEVPFSPLYVGASICVVGASVWLLLFANQDVHYSNQLWWQFALDADAPRALRAALGSCLLLLALALGWLLRAAPP
AIREPNAEELQRAARIIRHSDQPDGGLALTGDKALLFHESDDAFLMYARRGRSMIALYDPIGPAMQRAELIWQFRDLCDL
HHARPVFYQVRAENLPFYMDIGLTALKLGEEARVDLLRFDLENKGKEMKDLRYTWNRGQRDGLALEFHEPGQAPLDELKA
ISDAWLGGKQVREKGFSLGRFTPAYLNFFRIAIVRHQGKPVAFANLLETDSRELASLDLMRVHPDAPKLTMEFLMLGLIL
HYKAQGHARFSLGMVPLAGLQPRRGAPLTQRLGALVFRRGEQFYNFQGLRRFKDKFQPDWEPRYLAVPAGLDPLVALADT
AALIAGGLTGLVKRRNSSSVDAL
;
_entity_poly.pdbx_strand_id   A,B
#
loop_
_chem_comp.id
_chem_comp.type
_chem_comp.name
_chem_comp.formula
J4U non-polymer (2~{R},3~{S},4~{S},5~{S},6~{S})-2-(hydroxymethyl)-6-[(2~{R},3~{S},4~{R},5~{R},6~{R})-2-(hydroxymethyl)-6-[2-[[(2~{R},3~{S},4~{R},5~{R},6~{S})-6-(hydroxymethyl)-5-[(2~{S},3~{R},4~{S},5~{S},6~{R})-6-(hydroxymethyl)-3,4,5-tris(oxidanyl)oxan-2-yl]oxy-3,4-bis(oxidanyl)oxan-2-yl]oxymethyl]-4-[(1~{R},2~{R},4~{S},5'~{R},6~{R},7~{R},8~{R},9~{S},12~{S},13~{R},16~{S})-5',7,9,13-tetramethylspiro[5-oxapentacyclo[10.8.0.0^{2,9}.0^{4,8}.0^{13,18}]icos-18-ene-6,2'-oxane]-16-yl]oxy-butoxy]-4,5-bis(oxidanyl)oxan-3-yl]oxy-oxane-3,4,5-triol 'C56 H92 O25'
PGT non-polymer '(1S)-2-{[{[(2R)-2,3-DIHYDROXYPROPYL]OXY}(HYDROXY)PHOSPHORYL]OXY}-1-[(PALMITOYLOXY)METHYL]ETHYL STEARATE' 'C40 H79 O10 P'
PTY non-polymer PHOSPHATIDYLETHANOLAMINE 'C40 H80 N O8 P'
#
# COMPACT_ATOMS: atom_id res chain seq x y z
N ARG A 46 14.01 6.31 -37.84
CA ARG A 46 14.39 7.66 -37.35
C ARG A 46 14.92 7.58 -35.92
N GLN A 47 14.12 6.98 -35.03
CA GLN A 47 14.45 6.89 -33.61
C GLN A 47 15.86 6.34 -33.40
N PRO A 48 16.20 5.14 -33.94
CA PRO A 48 17.52 4.56 -33.70
C PRO A 48 18.65 5.41 -34.27
N ILE A 49 18.49 5.89 -35.50
CA ILE A 49 19.48 6.75 -36.15
C ILE A 49 19.63 8.02 -35.33
N GLY A 50 18.49 8.67 -35.05
CA GLY A 50 18.45 9.91 -34.29
C GLY A 50 19.14 9.78 -32.94
N LEU A 51 18.90 8.66 -32.26
CA LEU A 51 19.47 8.43 -30.93
C LEU A 51 20.97 8.17 -31.04
N VAL A 52 21.38 7.50 -32.11
CA VAL A 52 22.79 7.20 -32.32
C VAL A 52 23.56 8.48 -32.61
N PHE A 53 23.01 9.33 -33.48
CA PHE A 53 23.67 10.56 -33.85
C PHE A 53 23.59 11.57 -32.72
N THR A 54 22.68 11.37 -31.76
CA THR A 54 22.66 12.20 -30.57
C THR A 54 23.82 11.82 -29.64
N LEU A 55 23.98 10.51 -29.43
CA LEU A 55 25.02 10.01 -28.54
C LEU A 55 26.40 10.35 -29.10
N LEU A 56 26.58 10.23 -30.41
CA LEU A 56 27.85 10.57 -31.03
C LEU A 56 28.18 12.03 -30.75
N LEU A 57 27.22 12.92 -31.00
CA LEU A 57 27.42 14.34 -30.79
C LEU A 57 27.81 14.61 -29.34
N PHE A 58 27.12 13.98 -28.40
CA PHE A 58 27.42 14.15 -26.99
C PHE A 58 28.83 13.66 -26.70
N GLY A 59 29.16 12.47 -27.21
CA GLY A 59 30.49 11.89 -27.06
C GLY A 59 31.59 12.80 -27.61
N LEU A 60 31.41 13.26 -28.84
CA LEU A 60 32.38 14.13 -29.48
C LEU A 60 32.53 15.43 -28.69
N ALA A 61 31.43 15.92 -28.11
CA ALA A 61 31.44 17.15 -27.33
C ALA A 61 32.27 16.98 -26.05
N LEU A 62 32.13 15.82 -25.39
CA LEU A 62 32.91 15.48 -24.21
C LEU A 62 34.39 15.42 -24.53
N VAL A 63 34.75 14.77 -25.65
CA VAL A 63 36.13 14.77 -26.10
C VAL A 63 36.62 16.21 -26.28
N ALA A 64 35.80 17.05 -26.92
CA ALA A 64 36.12 18.44 -27.19
C ALA A 64 36.36 19.18 -25.89
N CYS A 65 35.50 18.94 -24.89
CA CYS A 65 35.62 19.61 -23.60
C CYS A 65 36.88 19.16 -22.87
N TYR A 66 37.28 17.90 -23.06
CA TYR A 66 38.47 17.38 -22.39
C TYR A 66 39.72 18.08 -22.93
N HIS A 67 39.76 18.24 -24.25
CA HIS A 67 40.91 18.82 -24.93
C HIS A 67 41.02 20.31 -24.60
N LEU A 68 39.87 20.97 -24.41
CA LEU A 68 39.84 22.41 -24.18
C LEU A 68 40.20 22.73 -22.73
N LEU A 69 40.07 21.75 -21.84
CA LEU A 69 40.47 21.92 -20.45
C LEU A 69 41.67 21.03 -20.14
N ARG A 70 42.67 21.06 -21.03
CA ARG A 70 43.88 20.26 -20.86
C ARG A 70 44.79 20.96 -19.86
N GLU A 71 44.83 22.29 -19.93
CA GLU A 71 45.83 23.09 -19.21
C GLU A 71 45.33 23.43 -17.80
N ILE A 72 44.18 22.89 -17.42
CA ILE A 72 43.55 23.19 -16.14
C ILE A 72 43.46 21.89 -15.33
N ASP A 73 43.75 21.99 -14.03
CA ASP A 73 43.57 20.90 -13.10
C ASP A 73 42.28 21.13 -12.33
N PRO A 74 41.72 20.10 -11.65
CA PRO A 74 40.54 20.30 -10.80
C PRO A 74 40.75 21.23 -9.62
N GLY A 75 42.01 21.41 -9.21
CA GLY A 75 42.36 22.42 -8.22
C GLY A 75 42.00 23.82 -8.71
N ALA A 76 42.48 24.16 -9.91
CA ALA A 76 42.31 25.48 -10.49
C ALA A 76 40.83 25.79 -10.68
N LEU A 77 40.03 24.76 -10.95
CA LEU A 77 38.61 24.93 -11.12
C LEU A 77 37.96 25.25 -9.77
N HIS A 78 38.34 24.50 -8.73
CA HIS A 78 37.80 24.71 -7.39
C HIS A 78 38.08 26.12 -6.91
N ASP A 79 39.31 26.60 -7.18
CA ASP A 79 39.71 27.94 -6.79
C ASP A 79 38.88 28.97 -7.56
N ALA A 80 38.65 28.70 -8.84
CA ALA A 80 37.91 29.60 -9.70
C ALA A 80 36.45 29.70 -9.27
N ILE A 81 35.89 28.57 -8.79
CA ILE A 81 34.52 28.54 -8.30
C ILE A 81 34.42 29.31 -6.99
N ALA A 82 35.45 29.18 -6.15
CA ALA A 82 35.47 29.87 -4.87
C ALA A 82 35.66 31.37 -5.09
N ASP A 83 36.33 31.73 -6.19
CA ASP A 83 36.78 33.09 -6.43
C ASP A 83 35.58 34.01 -6.65
N VAL A 84 34.59 33.54 -7.43
CA VAL A 84 33.48 34.38 -7.86
C VAL A 84 32.81 34.97 -6.63
N PRO A 85 32.65 36.31 -6.55
CA PRO A 85 32.14 36.97 -5.34
C PRO A 85 30.64 36.75 -5.15
N ARG A 86 30.16 37.09 -3.94
CA ARG A 86 28.79 36.82 -3.53
C ARG A 86 27.82 37.76 -4.25
N PRO A 87 28.16 39.06 -4.44
CA PRO A 87 27.33 39.93 -5.28
C PRO A 87 27.08 39.41 -6.69
N ALA A 88 28.08 38.73 -7.26
CA ALA A 88 27.98 38.18 -8.60
C ALA A 88 26.97 37.03 -8.62
N LEU A 89 27.00 36.17 -7.60
CA LEU A 89 26.06 35.08 -7.49
C LEU A 89 24.63 35.61 -7.30
N LEU A 90 24.47 36.69 -6.52
CA LEU A 90 23.17 37.29 -6.32
C LEU A 90 22.69 37.90 -7.64
N GLY A 91 23.63 38.54 -8.35
CA GLY A 91 23.33 39.09 -9.66
C GLY A 91 22.86 38.01 -10.64
N ALA A 92 23.46 36.82 -10.54
CA ALA A 92 23.10 35.72 -11.41
C ALA A 92 21.69 35.23 -11.04
N LEU A 93 21.49 34.92 -9.76
CA LEU A 93 20.20 34.45 -9.27
C LEU A 93 19.08 35.43 -9.60
N SER A 94 19.35 36.74 -9.48
CA SER A 94 18.38 37.74 -9.85
C SER A 94 18.05 37.65 -11.34
N ALA A 95 19.09 37.60 -12.17
CA ALA A 95 18.95 37.54 -13.61
C ALA A 95 18.21 36.27 -14.01
N THR A 96 18.36 35.20 -13.23
CA THR A 96 17.64 33.96 -13.49
C THR A 96 16.16 34.15 -13.22
N ALA A 97 15.85 34.83 -12.11
CA ALA A 97 14.47 35.06 -11.72
C ALA A 97 13.78 35.94 -12.75
N LEU A 98 14.46 36.99 -13.21
CA LEU A 98 13.92 37.85 -14.25
C LEU A 98 13.72 37.05 -15.54
N GLY A 99 14.69 36.19 -15.85
CA GLY A 99 14.69 35.46 -17.11
C GLY A 99 13.65 34.34 -17.14
N PHE A 100 13.08 33.99 -15.98
CA PHE A 100 12.02 33.01 -15.90
C PHE A 100 10.66 33.69 -15.78
N VAL A 101 10.66 34.96 -15.38
CA VAL A 101 9.47 35.78 -15.41
C VAL A 101 9.13 36.13 -16.85
N ILE A 102 10.16 36.31 -17.69
CA ILE A 102 9.96 36.65 -19.09
C ILE A 102 9.32 35.47 -19.82
N LEU A 103 9.60 34.25 -19.37
CA LEU A 103 9.04 33.08 -20.00
C LEU A 103 7.54 32.95 -19.72
N LEU A 104 7.05 33.59 -18.65
CA LEU A 104 5.62 33.59 -18.41
C LEU A 104 4.95 34.38 -19.52
N GLY A 105 5.47 35.57 -19.82
CA GLY A 105 4.96 36.38 -20.91
C GLY A 105 5.08 35.67 -22.26
N TYR A 106 6.08 34.79 -22.34
CA TYR A 106 6.27 33.94 -23.50
C TYR A 106 5.08 32.99 -23.65
N GLU A 107 4.60 32.46 -22.52
CA GLU A 107 3.47 31.54 -22.47
C GLU A 107 2.16 32.27 -22.76
N TRP A 108 2.08 33.54 -22.36
CA TRP A 108 0.90 34.36 -22.61
C TRP A 108 0.73 34.59 -24.09
N SER A 109 1.82 34.90 -24.79
CA SER A 109 1.76 35.20 -26.21
C SER A 109 1.28 33.97 -26.99
N ALA A 110 1.69 32.78 -26.54
CA ALA A 110 1.30 31.53 -27.16
C ALA A 110 -0.20 31.31 -26.99
N SER A 111 -0.74 31.67 -25.82
CA SER A 111 -2.16 31.51 -25.58
C SER A 111 -2.95 32.45 -26.50
N ARG A 112 -2.43 33.67 -26.70
CA ARG A 112 -3.11 34.62 -27.57
C ARG A 112 -3.11 34.10 -29.01
N PHE A 113 -1.98 33.54 -29.44
CA PHE A 113 -1.87 32.97 -30.77
C PHE A 113 -2.84 31.81 -30.94
N ALA A 114 -2.96 30.98 -29.90
CA ALA A 114 -3.77 29.77 -29.96
C ALA A 114 -5.25 30.10 -29.80
N GLY A 115 -5.55 31.31 -29.30
CA GLY A 115 -6.91 31.71 -29.01
C GLY A 115 -7.44 30.96 -27.78
N VAL A 116 -6.60 30.86 -26.75
CA VAL A 116 -6.91 30.11 -25.55
C VAL A 116 -7.03 31.10 -24.40
N THR A 117 -8.16 31.05 -23.69
CA THR A 117 -8.35 31.83 -22.47
C THR A 117 -8.04 30.93 -21.28
N LEU A 118 -7.11 31.36 -20.43
CA LEU A 118 -6.75 30.63 -19.23
C LEU A 118 -6.59 31.62 -18.07
N PRO A 119 -6.80 31.17 -16.81
CA PRO A 119 -6.50 32.00 -15.63
C PRO A 119 -5.02 32.35 -15.56
N MET A 120 -4.71 33.47 -14.91
CA MET A 120 -3.35 33.96 -14.84
C MET A 120 -2.50 32.95 -14.06
N ARG A 121 -3.06 32.38 -12.99
CA ARG A 121 -2.31 31.46 -12.14
C ARG A 121 -2.03 30.17 -12.90
N SER A 122 -2.92 29.80 -13.82
CA SER A 122 -2.77 28.58 -14.60
C SER A 122 -1.71 28.75 -15.69
N LEU A 123 -1.77 29.89 -16.39
CA LEU A 123 -0.74 30.22 -17.37
C LEU A 123 0.63 30.28 -16.69
N ALA A 124 0.69 30.91 -15.51
CA ALA A 124 1.91 31.03 -14.76
C ALA A 124 2.52 29.65 -14.53
N THR A 125 1.74 28.76 -13.93
CA THR A 125 2.22 27.45 -13.55
C THR A 125 2.68 26.66 -14.77
N GLY A 126 1.86 26.70 -15.82
CA GLY A 126 2.14 25.99 -17.06
C GLY A 126 3.34 26.58 -17.78
N GLY A 127 3.43 27.92 -17.78
CA GLY A 127 4.60 28.60 -18.31
C GLY A 127 5.86 28.12 -17.63
N PHE A 128 5.88 28.22 -16.29
CA PHE A 128 7.07 27.95 -15.53
C PHE A 128 7.46 26.49 -15.68
N SER A 129 6.55 25.59 -15.33
CA SER A 129 6.87 24.17 -15.25
C SER A 129 7.30 23.61 -16.60
N ALA A 130 6.63 24.02 -17.67
CA ALA A 130 6.90 23.49 -19.00
C ALA A 130 8.25 23.98 -19.50
N PHE A 131 8.58 25.25 -19.23
CA PHE A 131 9.84 25.82 -19.68
C PHE A 131 10.98 25.34 -18.80
N ALA A 132 10.69 25.04 -17.54
CA ALA A 132 11.72 24.67 -16.59
C ALA A 132 12.14 23.22 -16.78
N ILE A 133 11.15 22.34 -16.98
CA ILE A 133 11.40 20.92 -17.22
C ILE A 133 11.83 20.72 -18.66
N GLY A 134 11.13 21.37 -19.58
CA GLY A 134 11.43 21.28 -21.00
C GLY A 134 12.90 21.60 -21.29
N ASN A 135 13.41 22.66 -20.66
CA ASN A 135 14.76 23.12 -20.94
C ASN A 135 15.78 22.15 -20.35
N ALA A 136 15.42 21.52 -19.23
CA ALA A 136 16.36 20.71 -18.47
C ALA A 136 16.52 19.35 -19.13
N VAL A 137 15.40 18.61 -19.20
CA VAL A 137 15.45 17.20 -19.60
C VAL A 137 15.16 17.08 -21.09
N GLY A 138 14.63 18.14 -21.71
CA GLY A 138 14.42 18.15 -23.15
C GLY A 138 13.36 17.14 -23.56
N LEU A 139 13.80 16.09 -24.26
CA LEU A 139 12.91 15.10 -24.86
C LEU A 139 12.91 13.79 -24.06
N SER A 140 14.02 13.53 -23.34
CA SER A 140 14.23 12.23 -22.69
C SER A 140 13.03 11.83 -21.84
N LEU A 141 12.81 12.58 -20.75
CA LEU A 141 11.70 12.32 -19.85
C LEU A 141 10.56 13.27 -20.21
N LEU A 142 9.90 13.86 -19.20
CA LEU A 142 8.72 14.68 -19.44
C LEU A 142 9.13 15.95 -20.21
N SER A 143 8.43 16.22 -21.31
CA SER A 143 8.74 17.35 -22.18
C SER A 143 7.78 18.51 -21.92
N GLY A 144 8.05 19.65 -22.57
CA GLY A 144 7.26 20.85 -22.40
C GLY A 144 5.80 20.66 -22.79
N GLY A 145 5.57 20.07 -23.97
CA GLY A 145 4.23 19.80 -24.46
C GLY A 145 3.44 18.91 -23.50
N SER A 146 4.08 17.84 -23.02
CA SER A 146 3.45 16.85 -22.16
C SER A 146 3.01 17.48 -20.84
N VAL A 147 3.79 18.45 -20.34
CA VAL A 147 3.45 19.18 -19.15
C VAL A 147 2.26 20.09 -19.44
N ARG A 148 2.36 20.88 -20.52
CA ARG A 148 1.29 21.78 -20.90
C ARG A 148 -0.03 21.01 -21.03
N TYR A 149 0.03 19.86 -21.69
CA TYR A 149 -1.18 19.12 -22.02
C TYR A 149 -1.87 18.64 -20.74
N ARG A 150 -1.11 18.00 -19.84
CA ARG A 150 -1.64 17.59 -18.56
C ARG A 150 -2.29 18.77 -17.85
N LEU A 151 -1.52 19.85 -17.66
CA LEU A 151 -1.94 21.01 -16.89
C LEU A 151 -3.18 21.67 -17.49
N TYR A 152 -3.20 21.80 -18.84
CA TYR A 152 -4.22 22.60 -19.50
C TYR A 152 -5.37 21.75 -20.01
N SER A 153 -5.39 20.45 -19.67
CA SER A 153 -6.54 19.61 -19.98
C SER A 153 -7.62 19.76 -18.90
N ARG A 154 -7.22 20.17 -17.69
CA ARG A 154 -8.14 20.35 -16.58
C ARG A 154 -9.18 21.42 -16.92
N HIS A 155 -8.74 22.49 -17.58
CA HIS A 155 -9.59 23.65 -17.83
C HIS A 155 -10.42 23.47 -19.09
N GLY A 156 -10.24 22.33 -19.77
CA GLY A 156 -11.02 22.01 -20.95
C GLY A 156 -10.50 22.74 -22.18
N ILE A 157 -9.17 22.87 -22.27
CA ILE A 157 -8.53 23.35 -23.47
C ILE A 157 -8.35 22.13 -24.39
N GLY A 158 -8.65 22.32 -25.68
CA GLY A 158 -8.58 21.25 -26.65
C GLY A 158 -7.14 20.79 -26.90
N ALA A 159 -7.00 19.55 -27.38
CA ALA A 159 -5.70 18.97 -27.66
C ALA A 159 -5.03 19.71 -28.82
N ALA A 160 -5.84 20.19 -29.76
CA ALA A 160 -5.35 20.90 -30.92
C ALA A 160 -4.77 22.24 -30.50
N GLU A 161 -5.52 22.97 -29.66
CA GLU A 161 -5.12 24.27 -29.17
C GLU A 161 -3.75 24.15 -28.49
N ILE A 162 -3.67 23.23 -27.52
CA ILE A 162 -2.46 23.07 -26.73
C ILE A 162 -1.27 22.76 -27.65
N ALA A 163 -1.48 21.88 -28.63
CA ALA A 163 -0.43 21.56 -29.59
C ALA A 163 0.04 22.83 -30.29
N ARG A 164 -0.91 23.73 -30.58
CA ARG A 164 -0.65 24.95 -31.31
C ARG A 164 0.03 25.97 -30.39
N MET A 165 -0.20 25.81 -29.09
CA MET A 165 0.48 26.60 -28.08
C MET A 165 1.91 26.11 -27.88
N THR A 166 2.10 24.79 -27.97
CA THR A 166 3.43 24.22 -27.81
C THR A 166 4.30 24.64 -29.00
N LEU A 167 3.78 24.43 -30.20
CA LEU A 167 4.54 24.71 -31.41
C LEU A 167 4.98 26.18 -31.42
N PHE A 168 4.07 27.07 -31.03
CA PHE A 168 4.36 28.50 -31.06
C PHE A 168 5.42 28.86 -30.02
N ALA A 169 5.40 28.16 -28.89
CA ALA A 169 6.35 28.42 -27.82
C ALA A 169 7.76 28.03 -28.26
N SER A 170 7.86 26.94 -29.02
CA SER A 170 9.14 26.42 -29.48
C SER A 170 9.66 27.23 -30.66
N LEU A 171 8.89 27.22 -31.75
CA LEU A 171 9.34 27.79 -33.02
C LEU A 171 9.73 29.26 -32.87
N SER A 172 9.06 30.00 -31.98
CA SER A 172 9.25 31.44 -31.90
C SER A 172 10.68 31.77 -31.45
N LEU A 173 11.23 30.99 -30.52
CA LEU A 173 12.63 31.14 -30.14
C LEU A 173 13.51 30.67 -31.29
N GLY A 174 13.25 29.46 -31.78
CA GLY A 174 14.04 28.86 -32.85
C GLY A 174 14.25 29.81 -34.02
N CYS A 175 13.18 30.50 -34.43
CA CYS A 175 13.19 31.30 -35.66
C CYS A 175 13.69 32.72 -35.37
N ALA A 176 13.71 33.11 -34.09
CA ALA A 176 14.21 34.43 -33.70
C ALA A 176 15.72 34.40 -33.47
N LEU A 177 16.26 33.19 -33.25
CA LEU A 177 17.63 33.00 -32.84
C LEU A 177 18.60 33.45 -33.93
N PRO A 178 18.33 33.14 -35.23
CA PRO A 178 19.13 33.67 -36.33
C PRO A 178 19.11 35.19 -36.46
N VAL A 179 17.91 35.77 -36.29
CA VAL A 179 17.75 37.21 -36.41
C VAL A 179 18.50 37.90 -35.28
N LEU A 180 18.27 37.45 -34.05
CA LEU A 180 18.93 38.02 -32.88
C LEU A 180 20.45 37.93 -33.04
N ALA A 181 20.93 36.79 -33.54
CA ALA A 181 22.35 36.57 -33.70
C ALA A 181 22.91 37.58 -34.71
N ALA A 182 22.27 37.66 -35.88
CA ALA A 182 22.71 38.54 -36.94
C ALA A 182 22.82 39.97 -36.43
N LEU A 183 21.76 40.43 -35.75
CA LEU A 183 21.73 41.78 -35.22
C LEU A 183 22.89 41.99 -34.25
N ALA A 184 23.11 41.02 -33.35
CA ALA A 184 24.15 41.12 -32.35
C ALA A 184 25.50 41.33 -33.03
N ALA A 185 25.76 40.53 -34.07
CA ALA A 185 27.01 40.58 -34.80
C ALA A 185 27.18 41.92 -35.52
N LEU A 186 26.06 42.60 -35.79
CA LEU A 186 26.07 43.79 -36.63
C LEU A 186 26.41 45.03 -35.81
N CYS A 187 26.44 44.88 -34.48
CA CYS A 187 26.98 45.92 -33.61
C CYS A 187 28.45 45.58 -33.29
N ASP A 188 29.36 46.52 -33.60
CA ASP A 188 30.78 46.32 -33.41
C ASP A 188 31.21 45.04 -34.14
N LEU A 189 31.30 45.13 -35.48
CA LEU A 189 31.64 43.99 -36.32
C LEU A 189 33.05 43.50 -36.02
N ASP A 190 33.96 44.43 -35.68
CA ASP A 190 35.34 44.10 -35.40
C ASP A 190 35.44 43.11 -34.24
N ASP A 191 34.65 43.35 -33.19
CA ASP A 191 34.66 42.52 -32.00
C ASP A 191 34.07 41.15 -32.30
N ALA A 192 33.00 41.13 -33.11
CA ALA A 192 32.35 39.90 -33.51
C ALA A 192 33.29 39.08 -34.38
N ALA A 193 34.04 39.76 -35.27
CA ALA A 193 34.97 39.11 -36.16
C ALA A 193 36.12 38.48 -35.37
N SER A 194 36.59 39.19 -34.33
CA SER A 194 37.69 38.73 -33.50
C SER A 194 37.26 37.52 -32.66
N ALA A 195 35.99 37.49 -32.26
CA ALA A 195 35.46 36.43 -31.42
C ALA A 195 35.32 35.14 -32.22
N LEU A 196 34.83 35.25 -33.46
CA LEU A 196 34.61 34.11 -34.32
C LEU A 196 35.88 33.76 -35.10
N HIS A 197 36.88 34.66 -35.06
CA HIS A 197 38.13 34.49 -35.78
C HIS A 197 37.88 34.41 -37.29
N LEU A 198 36.89 35.18 -37.77
CA LEU A 198 36.55 35.21 -39.18
C LEU A 198 36.88 36.59 -39.74
N PRO A 199 36.95 36.75 -41.09
CA PRO A 199 37.09 38.07 -41.71
C PRO A 199 35.88 38.97 -41.42
N ARG A 200 36.14 40.28 -41.33
CA ARG A 200 35.12 41.26 -40.98
C ARG A 200 34.10 41.36 -42.11
N ALA A 201 34.58 41.23 -43.36
CA ALA A 201 33.72 41.33 -44.53
C ALA A 201 32.76 40.15 -44.58
N LEU A 202 33.24 38.95 -44.21
CA LEU A 202 32.44 37.74 -44.30
C LEU A 202 31.27 37.82 -43.33
N VAL A 203 31.56 38.08 -42.05
CA VAL A 203 30.54 38.11 -41.01
C VAL A 203 29.57 39.26 -41.25
N ALA A 204 30.05 40.32 -41.94
CA ALA A 204 29.19 41.44 -42.31
C ALA A 204 28.14 40.99 -43.32
N VAL A 205 28.58 40.33 -44.40
CA VAL A 205 27.69 39.95 -45.48
C VAL A 205 26.73 38.86 -45.01
N ILE A 206 27.19 37.97 -44.12
CA ILE A 206 26.35 36.91 -43.62
C ILE A 206 25.20 37.51 -42.81
N ALA A 207 25.52 38.45 -41.93
CA ALA A 207 24.52 39.12 -41.11
C ALA A 207 23.50 39.82 -42.01
N ILE A 208 23.99 40.56 -43.01
CA ILE A 208 23.15 41.29 -43.94
C ILE A 208 22.24 40.30 -44.67
N ALA A 209 22.84 39.20 -45.18
CA ALA A 209 22.10 38.20 -45.92
C ALA A 209 20.94 37.66 -45.08
N VAL A 210 21.23 37.39 -43.80
CA VAL A 210 20.24 36.80 -42.89
C VAL A 210 19.08 37.77 -42.69
N LEU A 211 19.41 39.05 -42.45
CA LEU A 211 18.38 40.06 -42.25
C LEU A 211 17.56 40.24 -43.52
N SER A 212 18.23 40.27 -44.68
CA SER A 212 17.56 40.47 -45.95
C SER A 212 16.60 39.31 -46.23
N LEU A 213 17.05 38.08 -45.93
CA LEU A 213 16.25 36.89 -46.16
C LEU A 213 15.03 36.90 -45.23
N ALA A 214 15.23 37.37 -44.00
CA ALA A 214 14.14 37.49 -43.03
C ALA A 214 13.09 38.47 -43.53
N VAL A 215 13.55 39.63 -44.02
CA VAL A 215 12.65 40.66 -44.53
C VAL A 215 11.92 40.12 -45.75
N GLY A 216 12.64 39.44 -46.63
CA GLY A 216 12.08 38.88 -47.86
C GLY A 216 11.02 37.80 -47.59
N LEU A 217 11.25 37.02 -46.54
CA LEU A 217 10.30 36.00 -46.10
C LEU A 217 9.04 36.67 -45.56
N VAL A 218 9.23 37.66 -44.68
CA VAL A 218 8.13 38.38 -44.07
C VAL A 218 7.26 38.99 -45.16
N ALA A 219 7.89 39.57 -46.18
CA ALA A 219 7.17 40.23 -47.27
C ALA A 219 6.41 39.21 -48.10
N PHE A 220 6.96 37.99 -48.24
CA PHE A 220 6.37 36.96 -49.06
C PHE A 220 5.10 36.42 -48.41
N LEU A 221 5.17 36.11 -47.11
CA LEU A 221 4.04 35.55 -46.39
C LEU A 221 2.98 36.62 -46.15
N ALA A 222 3.38 37.90 -46.18
CA ALA A 222 2.45 39.00 -46.06
C ALA A 222 1.68 39.19 -47.37
N ARG A 223 2.28 38.76 -48.48
CA ARG A 223 1.68 38.87 -49.80
C ARG A 223 0.42 38.01 -49.88
N HIS A 224 0.50 36.80 -49.33
CA HIS A 224 -0.58 35.82 -49.44
C HIS A 224 -1.48 35.85 -48.19
N ARG A 225 -1.66 37.05 -47.61
CA ARG A 225 -2.49 37.22 -46.44
C ARG A 225 -3.95 37.32 -46.88
N LEU A 226 -4.73 36.26 -46.60
CA LEU A 226 -6.15 36.24 -46.92
C LEU A 226 -6.89 37.16 -45.95
N PRO A 227 -7.64 38.17 -46.44
CA PRO A 227 -8.43 39.04 -45.57
C PRO A 227 -9.77 38.42 -45.18
N GLY A 228 -10.50 39.11 -44.29
CA GLY A 228 -11.82 38.68 -43.86
C GLY A 228 -11.76 37.83 -42.60
N GLU A 229 -11.36 36.57 -42.75
CA GLU A 229 -11.41 35.59 -41.67
C GLU A 229 -10.13 35.65 -40.85
N ARG A 230 -10.28 35.45 -39.54
CA ARG A 230 -9.17 35.44 -38.59
C ARG A 230 -9.48 34.42 -37.50
N PRO A 231 -8.71 33.31 -37.39
CA PRO A 231 -8.95 32.30 -36.35
C PRO A 231 -9.01 32.88 -34.93
N SER A 232 -8.05 33.77 -34.63
CA SER A 232 -8.01 34.47 -33.37
C SER A 232 -7.82 35.96 -33.62
N PRO A 233 -8.12 36.85 -32.64
CA PRO A 233 -7.83 38.27 -32.77
C PRO A 233 -6.43 38.57 -33.31
N ASP A 234 -5.43 37.82 -32.82
CA ASP A 234 -4.04 38.04 -33.17
C ASP A 234 -3.52 36.86 -33.98
N SER A 235 -3.99 36.75 -35.24
CA SER A 235 -3.53 35.72 -36.15
C SER A 235 -3.91 36.09 -37.58
N LEU A 236 -3.23 35.43 -38.53
CA LEU A 236 -3.55 35.53 -39.94
C LEU A 236 -3.71 34.11 -40.48
N LEU A 237 -4.50 33.97 -41.56
CA LEU A 237 -4.55 32.74 -42.33
C LEU A 237 -4.03 33.03 -43.74
N VAL A 238 -2.89 32.42 -44.08
CA VAL A 238 -2.27 32.62 -45.39
C VAL A 238 -2.48 31.35 -46.21
N ARG A 239 -2.45 31.51 -47.54
CA ARG A 239 -2.69 30.41 -48.47
C ARG A 239 -1.53 30.34 -49.45
N LEU A 240 -1.09 29.12 -49.77
CA LEU A 240 0.00 28.91 -50.71
C LEU A 240 -0.40 27.96 -51.84
N GLY A 241 -1.61 27.38 -51.77
CA GLY A 241 -2.11 26.50 -52.82
C GLY A 241 -2.59 25.16 -52.28
N ARG A 242 -1.77 24.54 -51.43
CA ARG A 242 -2.04 23.19 -50.93
C ARG A 242 -2.70 23.27 -49.55
N ARG A 243 -2.02 23.93 -48.61
CA ARG A 243 -2.43 23.97 -47.21
C ARG A 243 -2.56 25.42 -46.76
N SER A 244 -3.50 25.68 -45.84
CA SER A 244 -3.61 26.96 -45.17
C SER A 244 -2.68 26.97 -43.96
N LEU A 245 -2.06 28.12 -43.68
CA LEU A 245 -1.09 28.24 -42.62
C LEU A 245 -1.50 29.39 -41.69
N ARG A 246 -1.38 29.14 -40.38
CA ARG A 246 -1.82 30.09 -39.37
C ARG A 246 -0.60 30.75 -38.72
N LEU A 247 -0.45 32.06 -38.99
CA LEU A 247 0.71 32.81 -38.53
C LEU A 247 0.26 33.89 -37.55
N PRO A 248 1.14 34.32 -36.61
CA PRO A 248 0.82 35.43 -35.71
C PRO A 248 0.65 36.72 -36.50
N GLY A 249 0.05 37.73 -35.84
CA GLY A 249 -0.11 39.05 -36.41
C GLY A 249 1.15 39.90 -36.22
N LEU A 250 1.21 41.04 -36.92
CA LEU A 250 2.34 41.95 -36.83
C LEU A 250 2.63 42.27 -35.37
N ARG A 251 1.59 42.73 -34.65
CA ARG A 251 1.71 43.14 -33.27
C ARG A 251 2.22 41.98 -32.42
N LEU A 252 1.71 40.78 -32.67
CA LEU A 252 2.08 39.63 -31.86
C LEU A 252 3.49 39.15 -32.24
N SER A 253 3.85 39.30 -33.52
CA SER A 253 5.18 38.92 -33.99
C SER A 253 6.23 39.83 -33.35
N LEU A 254 5.99 41.14 -33.40
CA LEU A 254 6.87 42.10 -32.75
C LEU A 254 7.01 41.74 -31.27
N LEU A 255 5.89 41.66 -30.56
CA LEU A 255 5.91 41.43 -29.13
C LEU A 255 6.70 40.15 -28.82
N GLN A 256 6.49 39.10 -29.61
CA GLN A 256 7.17 37.84 -29.37
C GLN A 256 8.68 38.03 -29.51
N LEU A 257 9.10 38.82 -30.51
CA LEU A 257 10.51 39.07 -30.78
C LEU A 257 11.13 39.86 -29.63
N LEU A 258 10.35 40.80 -29.06
CA LEU A 258 10.80 41.61 -27.94
C LEU A 258 10.93 40.75 -26.68
N ILE A 259 9.99 39.82 -26.48
CA ILE A 259 10.06 38.88 -25.37
C ILE A 259 11.28 37.98 -25.54
N THR A 260 11.46 37.44 -26.75
CA THR A 260 12.56 36.52 -27.01
C THR A 260 13.89 37.23 -26.78
N ALA A 261 13.96 38.51 -27.16
CA ALA A 261 15.17 39.30 -27.02
C ALA A 261 15.55 39.40 -25.54
N LEU A 262 14.60 39.85 -24.72
CA LEU A 262 14.83 40.01 -23.29
C LEU A 262 15.20 38.67 -22.65
N ASP A 263 14.59 37.58 -23.11
CA ASP A 263 14.79 36.29 -22.46
C ASP A 263 16.24 35.84 -22.67
N VAL A 264 16.69 35.90 -23.93
CA VAL A 264 18.05 35.55 -24.28
C VAL A 264 18.99 36.43 -23.46
N ALA A 265 18.92 37.74 -23.67
CA ALA A 265 19.74 38.68 -22.91
C ALA A 265 19.83 38.24 -21.45
N ALA A 266 18.67 38.01 -20.82
CA ALA A 266 18.62 37.69 -19.40
C ALA A 266 19.41 36.43 -19.10
N ALA A 267 19.32 35.42 -19.98
CA ALA A 267 20.02 34.17 -19.80
C ALA A 267 21.52 34.36 -19.98
N ALA A 268 21.91 35.05 -21.06
CA ALA A 268 23.30 35.37 -21.30
C ALA A 268 23.85 36.19 -20.14
N THR A 269 23.05 37.09 -19.57
CA THR A 269 23.48 37.93 -18.47
C THR A 269 23.81 37.10 -17.22
N VAL A 270 23.10 35.98 -17.02
CA VAL A 270 23.38 35.09 -15.90
C VAL A 270 24.83 34.60 -16.00
N LEU A 271 25.28 34.33 -17.22
CA LEU A 271 26.62 33.82 -17.45
C LEU A 271 27.62 34.97 -17.40
N TYR A 272 27.23 36.14 -17.90
CA TYR A 272 28.14 37.27 -18.04
C TYR A 272 28.57 37.80 -16.67
N LEU A 273 27.71 37.66 -15.66
CA LEU A 273 27.99 38.18 -14.34
C LEU A 273 28.95 37.26 -13.58
N LEU A 274 28.96 35.97 -13.95
CA LEU A 274 29.78 34.99 -13.27
C LEU A 274 31.20 34.97 -13.82
N LEU A 275 31.50 35.82 -14.82
CA LEU A 275 32.83 35.94 -15.37
C LEU A 275 33.57 37.09 -14.69
N PRO A 276 34.74 36.82 -14.04
CA PRO A 276 35.61 37.87 -13.54
C PRO A 276 36.00 38.90 -14.60
N GLU A 277 36.59 38.42 -15.71
CA GLU A 277 37.00 39.29 -16.80
C GLU A 277 36.17 38.91 -18.02
N THR A 278 35.61 39.93 -18.69
CA THR A 278 34.55 39.73 -19.66
C THR A 278 34.94 40.37 -21.00
N PRO A 279 34.53 39.77 -22.14
CA PRO A 279 34.68 40.41 -23.44
C PRO A 279 33.58 41.43 -23.69
N PRO A 280 33.63 42.20 -24.81
CA PRO A 280 32.52 43.07 -25.19
C PRO A 280 31.21 42.28 -25.34
N PHE A 281 30.11 42.85 -24.82
CA PHE A 281 28.88 42.10 -24.62
C PHE A 281 28.28 41.66 -25.97
N ALA A 282 28.45 42.51 -26.99
CA ALA A 282 27.94 42.19 -28.32
C ALA A 282 28.45 40.82 -28.74
N ALA A 283 29.78 40.66 -28.76
CA ALA A 283 30.43 39.44 -29.21
C ALA A 283 30.07 38.28 -28.30
N PHE A 284 29.98 38.56 -26.99
CA PHE A 284 29.66 37.54 -26.00
C PHE A 284 28.25 37.01 -26.22
N LEU A 285 27.32 37.91 -26.56
CA LEU A 285 25.95 37.51 -26.84
C LEU A 285 25.93 36.66 -28.11
N LEU A 286 26.61 37.15 -29.16
CA LEU A 286 26.64 36.46 -30.43
C LEU A 286 27.06 35.02 -30.22
N VAL A 287 28.16 34.81 -29.47
CA VAL A 287 28.69 33.49 -29.24
C VAL A 287 27.65 32.66 -28.47
N TYR A 288 27.06 33.24 -27.44
CA TYR A 288 26.11 32.53 -26.60
C TYR A 288 24.94 32.01 -27.41
N LEU A 289 24.47 32.81 -28.37
CA LEU A 289 23.35 32.44 -29.22
C LEU A 289 23.73 31.28 -30.15
N LEU A 290 24.96 31.31 -30.67
CA LEU A 290 25.45 30.25 -31.55
C LEU A 290 25.59 28.96 -30.76
N ALA A 291 26.18 29.04 -29.57
CA ALA A 291 26.32 27.89 -28.69
C ALA A 291 24.94 27.32 -28.35
N LEU A 292 23.97 28.21 -28.16
CA LEU A 292 22.62 27.81 -27.82
C LEU A 292 21.99 27.07 -29.01
N ALA A 293 22.20 27.63 -30.21
CA ALA A 293 21.71 26.99 -31.42
C ALA A 293 22.28 25.58 -31.51
N ALA A 294 23.62 25.49 -31.47
CA ALA A 294 24.33 24.23 -31.58
C ALA A 294 23.78 23.22 -30.58
N GLY A 295 23.52 23.68 -29.35
CA GLY A 295 22.97 22.83 -28.31
C GLY A 295 21.59 22.30 -28.67
N VAL A 296 20.77 23.15 -29.30
CA VAL A 296 19.40 22.79 -29.67
C VAL A 296 19.43 21.79 -30.83
N LEU A 297 20.17 22.13 -31.89
CA LEU A 297 20.26 21.28 -33.07
C LEU A 297 20.76 19.89 -32.68
N SER A 298 21.72 19.83 -31.75
CA SER A 298 22.37 18.58 -31.39
C SER A 298 21.39 17.61 -30.71
N HIS A 299 20.25 18.14 -30.25
CA HIS A 299 19.21 17.32 -29.63
C HIS A 299 19.75 16.59 -28.41
N VAL A 300 20.74 17.20 -27.74
CA VAL A 300 21.19 16.73 -26.44
C VAL A 300 20.25 17.29 -25.37
N PRO A 301 19.73 16.44 -24.46
CA PRO A 301 18.60 16.81 -23.60
C PRO A 301 18.69 18.20 -22.98
N GLY A 302 19.79 18.47 -22.27
CA GLY A 302 19.99 19.76 -21.64
C GLY A 302 20.65 20.79 -22.56
N GLY A 303 21.27 20.28 -23.65
CA GLY A 303 22.24 21.06 -24.41
C GLY A 303 23.64 20.87 -23.86
N VAL A 304 23.75 20.01 -22.84
CA VAL A 304 24.99 19.83 -22.10
C VAL A 304 26.06 19.25 -23.01
N GLY A 305 27.30 19.72 -22.82
CA GLY A 305 28.44 19.25 -23.59
C GLY A 305 28.69 20.14 -24.81
N VAL A 306 27.68 20.26 -25.67
CA VAL A 306 27.82 20.99 -26.92
C VAL A 306 27.86 22.49 -26.64
N PHE A 307 26.99 22.95 -25.72
CA PHE A 307 26.98 24.34 -25.31
C PHE A 307 28.34 24.72 -24.75
N GLU A 308 28.78 23.99 -23.72
CA GLU A 308 30.03 24.27 -23.03
C GLU A 308 31.18 24.24 -24.02
N ALA A 309 31.21 23.21 -24.87
CA ALA A 309 32.28 23.04 -25.83
C ALA A 309 32.49 24.30 -26.67
N VAL A 310 31.37 24.90 -27.12
CA VAL A 310 31.41 26.04 -28.03
C VAL A 310 31.89 27.29 -27.30
N LEU A 311 31.27 27.60 -26.15
CA LEU A 311 31.73 28.67 -25.28
C LEU A 311 33.23 28.52 -25.04
N LEU A 312 33.64 27.34 -24.54
CA LEU A 312 35.04 27.07 -24.24
C LEU A 312 35.90 27.35 -25.47
N ALA A 313 35.52 26.77 -26.61
CA ALA A 313 36.24 26.98 -27.85
C ALA A 313 36.48 28.47 -28.09
N ALA A 314 35.40 29.25 -28.07
CA ALA A 314 35.46 30.66 -28.39
C ALA A 314 36.43 31.39 -27.46
N PHE A 315 36.24 31.21 -26.14
CA PHE A 315 36.96 32.01 -25.16
C PHE A 315 37.88 31.12 -24.32
N ALA A 316 38.67 30.29 -25.00
CA ALA A 316 39.66 29.46 -24.33
C ALA A 316 40.75 30.36 -23.76
N GLY A 317 41.40 31.13 -24.66
CA GLY A 317 42.60 31.87 -24.32
C GLY A 317 42.30 33.26 -23.76
N GLN A 318 41.28 33.92 -24.31
CA GLN A 318 41.02 35.31 -24.00
C GLN A 318 40.69 35.45 -22.51
N LEU A 319 39.87 34.53 -22.00
CA LEU A 319 39.34 34.63 -20.65
C LEU A 319 40.10 33.71 -19.69
N GLY A 320 40.66 32.62 -20.21
CA GLY A 320 41.28 31.59 -19.39
C GLY A 320 40.30 30.48 -19.07
N ALA A 321 40.82 29.25 -18.92
CA ALA A 321 39.97 28.07 -18.84
C ALA A 321 39.21 28.05 -17.52
N ALA A 322 39.92 28.26 -16.40
CA ALA A 322 39.36 28.03 -15.08
C ALA A 322 38.20 28.98 -14.79
N PRO A 323 38.34 30.30 -15.01
CA PRO A 323 37.22 31.22 -14.79
C PRO A 323 36.00 30.84 -15.62
N LEU A 324 36.23 30.57 -16.91
CA LEU A 324 35.17 30.27 -17.86
C LEU A 324 34.48 28.95 -17.48
N ALA A 325 35.30 27.95 -17.14
CA ALA A 325 34.79 26.62 -16.83
C ALA A 325 34.03 26.63 -15.50
N ALA A 326 34.41 27.53 -14.59
CA ALA A 326 33.69 27.72 -13.35
C ALA A 326 32.35 28.42 -13.61
N ALA A 327 32.40 29.47 -14.45
CA ALA A 327 31.21 30.21 -14.83
C ALA A 327 30.19 29.29 -15.50
N LEU A 328 30.68 28.39 -16.36
CA LEU A 328 29.81 27.54 -17.18
C LEU A 328 29.13 26.50 -16.30
N LEU A 329 29.84 26.03 -15.28
CA LEU A 329 29.29 25.07 -14.35
C LEU A 329 28.21 25.76 -13.51
N LEU A 330 28.53 26.93 -12.94
CA LEU A 330 27.61 27.66 -12.09
C LEU A 330 26.39 28.08 -12.90
N TYR A 331 26.60 28.46 -14.17
CA TYR A 331 25.51 28.84 -15.05
C TYR A 331 24.54 27.67 -15.22
N ARG A 332 25.07 26.45 -15.36
CA ARG A 332 24.26 25.27 -15.51
C ARG A 332 23.44 25.02 -14.25
N LEU A 333 24.06 25.14 -13.08
CA LEU A 333 23.38 24.88 -11.83
C LEU A 333 22.24 25.87 -11.65
N ILE A 334 22.53 27.16 -11.88
CA ILE A 334 21.63 28.22 -11.48
C ILE A 334 20.48 28.33 -12.47
N TYR A 335 20.80 28.33 -13.77
CA TYR A 335 19.80 28.66 -14.78
C TYR A 335 19.06 27.42 -15.28
N VAL A 336 19.60 26.23 -15.04
CA VAL A 336 19.04 25.01 -15.60
C VAL A 336 18.55 24.09 -14.48
N VAL A 337 19.47 23.63 -13.64
CA VAL A 337 19.16 22.64 -12.63
C VAL A 337 18.21 23.25 -11.59
N LEU A 338 18.48 24.48 -11.15
CA LEU A 338 17.73 25.04 -10.04
C LEU A 338 16.25 25.14 -10.39
N PRO A 339 15.85 25.88 -11.45
CA PRO A 339 14.44 26.00 -11.80
C PRO A 339 13.75 24.66 -12.08
N LEU A 340 14.53 23.66 -12.49
CA LEU A 340 13.99 22.32 -12.70
C LEU A 340 13.53 21.74 -11.37
N LEU A 341 14.38 21.85 -10.36
CA LEU A 341 14.05 21.33 -9.04
C LEU A 341 12.84 22.08 -8.50
N LEU A 342 12.83 23.42 -8.64
CA LEU A 342 11.71 24.22 -8.16
C LEU A 342 10.43 23.77 -8.88
N ALA A 343 10.48 23.64 -10.20
CA ALA A 343 9.33 23.20 -10.96
C ALA A 343 8.88 21.82 -10.48
N CYS A 344 9.83 20.90 -10.34
CA CYS A 344 9.52 19.56 -9.87
C CYS A 344 8.80 19.63 -8.53
N LEU A 345 9.34 20.43 -7.61
CA LEU A 345 8.75 20.54 -6.28
C LEU A 345 7.34 21.10 -6.40
N LEU A 346 7.20 22.20 -7.13
CA LEU A 346 5.92 22.89 -7.30
C LEU A 346 4.85 21.93 -7.80
N LEU A 347 5.19 21.10 -8.79
CA LEU A 347 4.21 20.18 -9.36
C LEU A 347 3.89 19.07 -8.36
N LEU A 348 4.88 18.60 -7.60
CA LEU A 348 4.64 17.61 -6.55
C LEU A 348 3.76 18.22 -5.47
N PHE A 349 3.99 19.51 -5.16
CA PHE A 349 3.23 20.16 -4.12
C PHE A 349 1.75 20.20 -4.51
N LEU A 350 1.48 20.64 -5.73
CA LEU A 350 0.12 20.73 -6.23
C LEU A 350 -0.53 19.36 -6.28
N GLU A 351 0.26 18.31 -6.57
CA GLU A 351 -0.26 16.95 -6.58
C GLU A 351 -0.65 16.56 -5.17
N ALA A 352 0.27 16.79 -4.23
CA ALA A 352 0.06 16.45 -2.84
C ALA A 352 -1.18 17.17 -2.31
N ARG A 353 -1.31 18.45 -2.65
CA ARG A 353 -2.46 19.24 -2.22
C ARG A 353 -3.74 18.60 -2.75
N ARG A 354 -3.76 18.30 -4.05
CA ARG A 354 -4.93 17.72 -4.69
C ARG A 354 -5.33 16.42 -4.01
N LEU A 355 -4.34 15.62 -3.59
CA LEU A 355 -4.62 14.36 -2.91
C LEU A 355 -5.22 14.63 -1.54
N TRP A 356 -4.74 15.67 -0.85
CA TRP A 356 -5.20 16.00 0.48
C TRP A 356 -6.64 16.53 0.47
N VAL A 357 -6.95 17.43 -0.46
CA VAL A 357 -8.24 18.11 -0.45
C VAL A 357 -9.29 17.24 -1.17
N THR A 358 -8.96 16.76 -2.38
CA THR A 358 -9.89 15.94 -3.15
C THR A 358 -9.52 14.48 -2.97
N ARG A 359 -9.91 13.91 -1.82
CA ARG A 359 -9.60 12.53 -1.48
C ARG A 359 -10.58 11.59 -2.18
N GLN A 360 -11.85 12.04 -2.27
CA GLN A 360 -12.92 11.23 -2.79
C GLN A 360 -12.87 11.19 -4.32
N ALA A 361 -12.65 12.37 -4.94
CA ALA A 361 -12.67 12.52 -6.38
C ALA A 361 -11.57 11.70 -7.03
N ILE A 362 -10.33 11.90 -6.55
CA ILE A 362 -9.18 11.16 -7.05
C ILE A 362 -9.24 9.74 -6.51
N ARG A 363 -9.15 8.76 -7.42
CA ARG A 363 -9.31 7.36 -7.06
C ARG A 363 -8.06 6.58 -7.47
N VAL A 364 -7.71 6.62 -8.75
CA VAL A 364 -6.68 5.74 -9.29
C VAL A 364 -5.33 6.45 -9.33
N ALA A 365 -5.34 7.78 -9.34
CA ALA A 365 -4.11 8.56 -9.30
C ALA A 365 -3.32 8.35 -10.59
N SER A 366 -3.58 9.23 -11.57
CA SER A 366 -2.73 9.36 -12.73
C SER A 366 -2.50 10.85 -13.02
N GLY A 367 -1.48 11.40 -12.34
CA GLY A 367 -1.12 12.81 -12.41
C GLY A 367 0.38 13.00 -12.65
N PHE A 368 0.98 13.94 -11.92
CA PHE A 368 2.34 14.39 -12.20
C PHE A 368 3.38 13.68 -11.36
N ALA A 369 2.98 13.00 -10.29
CA ALA A 369 3.94 12.46 -9.36
C ALA A 369 4.86 11.45 -10.05
N ALA A 370 4.31 10.61 -10.92
CA ALA A 370 5.07 9.50 -11.47
C ALA A 370 6.20 10.00 -12.37
N PRO A 371 5.94 10.87 -13.38
CA PRO A 371 7.01 11.43 -14.19
C PRO A 371 8.03 12.24 -13.40
N ILE A 372 7.56 13.11 -12.51
CA ILE A 372 8.44 13.97 -11.74
C ILE A 372 9.37 13.11 -10.89
N LEU A 373 8.83 12.05 -10.29
CA LEU A 373 9.63 11.25 -9.39
C LEU A 373 10.60 10.38 -10.19
N ALA A 374 10.27 10.07 -11.44
CA ALA A 374 11.21 9.37 -12.30
C ALA A 374 12.42 10.26 -12.56
N ILE A 375 12.18 11.56 -12.75
CA ILE A 375 13.26 12.52 -12.99
C ILE A 375 14.16 12.58 -11.77
N LEU A 376 13.57 12.76 -10.58
CA LEU A 376 14.35 12.93 -9.37
C LEU A 376 15.17 11.67 -9.08
N VAL A 377 14.57 10.50 -9.34
CA VAL A 377 15.28 9.25 -9.14
C VAL A 377 16.40 9.11 -10.16
N PHE A 378 16.19 9.61 -11.37
CA PHE A 378 17.24 9.55 -12.39
C PHE A 378 18.39 10.46 -11.97
N LEU A 379 18.05 11.65 -11.45
CA LEU A 379 19.06 12.58 -10.98
C LEU A 379 19.82 12.00 -9.80
N SER A 380 19.11 11.29 -8.92
CA SER A 380 19.72 10.63 -7.78
C SER A 380 20.78 9.63 -8.23
N GLY A 381 20.50 8.88 -9.29
CA GLY A 381 21.47 7.96 -9.84
C GLY A 381 22.67 8.70 -10.46
N VAL A 382 22.43 9.89 -10.99
CA VAL A 382 23.50 10.69 -11.58
C VAL A 382 24.41 11.18 -10.46
N VAL A 383 23.81 11.60 -9.35
CA VAL A 383 24.58 12.07 -8.21
C VAL A 383 25.49 10.94 -7.72
N LEU A 384 24.92 9.75 -7.52
CA LEU A 384 25.68 8.62 -7.03
C LEU A 384 26.88 8.33 -7.95
N LEU A 385 26.67 8.41 -9.27
CA LEU A 385 27.69 8.01 -10.22
C LEU A 385 28.79 9.06 -10.32
N PHE A 386 28.43 10.34 -10.18
CA PHE A 386 29.40 11.42 -10.28
C PHE A 386 30.19 11.49 -8.98
N SER A 387 29.50 11.23 -7.87
CA SER A 387 30.13 11.25 -6.57
C SER A 387 31.29 10.24 -6.55
N GLY A 388 31.03 9.06 -7.12
CA GLY A 388 32.00 7.98 -7.12
C GLY A 388 33.23 8.27 -7.97
N ALA A 389 33.04 9.04 -9.06
CA ALA A 389 34.12 9.33 -9.98
C ALA A 389 35.09 10.35 -9.38
N THR A 390 34.57 11.14 -8.44
CA THR A 390 35.34 12.21 -7.83
C THR A 390 36.01 11.70 -6.56
N PRO A 391 37.30 12.07 -6.30
CA PRO A 391 38.00 11.68 -5.08
C PRO A 391 37.44 12.31 -3.80
N ALA A 392 37.73 11.67 -2.66
CA ALA A 392 37.14 12.02 -1.38
C ALA A 392 38.00 13.06 -0.66
N ILE A 393 37.41 13.69 0.37
CA ILE A 393 38.10 14.69 1.17
C ILE A 393 39.02 13.97 2.16
N ASP A 394 40.30 14.37 2.17
CA ASP A 394 41.32 13.68 2.93
C ASP A 394 40.97 13.69 4.41
N THR A 395 40.38 14.80 4.87
CA THR A 395 40.07 14.99 6.28
C THR A 395 39.00 13.98 6.72
N ARG A 396 37.95 13.82 5.92
CA ARG A 396 36.85 12.95 6.27
C ARG A 396 37.32 11.51 6.28
N LEU A 397 38.06 11.10 5.24
CA LEU A 397 38.57 9.74 5.17
C LEU A 397 39.43 9.46 6.40
N GLU A 398 40.24 10.44 6.79
CA GLU A 398 41.15 10.29 7.90
C GLU A 398 40.38 9.84 9.13
N HIS A 399 39.28 10.54 9.44
CA HIS A 399 38.53 10.32 10.67
C HIS A 399 37.62 9.11 10.52
N LEU A 400 37.00 8.94 9.35
CA LEU A 400 36.11 7.82 9.14
C LEU A 400 36.89 6.52 9.04
N GLY A 401 38.20 6.60 8.81
CA GLY A 401 39.07 5.43 8.85
C GLY A 401 39.11 4.79 10.24
N PHE A 402 38.89 5.61 11.28
CA PHE A 402 38.93 5.16 12.66
C PHE A 402 37.59 4.57 13.11
N LEU A 403 36.52 4.85 12.37
CA LEU A 403 35.20 4.40 12.76
C LEU A 403 34.79 3.14 12.00
N ILE A 404 35.37 2.94 10.81
CA ILE A 404 34.93 1.92 9.87
C ILE A 404 36.14 1.06 9.54
N PRO A 405 35.99 -0.21 9.13
CA PRO A 405 37.08 -0.96 8.50
C PRO A 405 37.43 -0.38 7.14
N HIS A 406 38.72 -0.21 6.88
CA HIS A 406 39.19 0.43 5.67
C HIS A 406 38.67 -0.31 4.43
N ARG A 407 38.61 -1.65 4.48
CA ARG A 407 38.18 -2.41 3.31
C ARG A 407 36.68 -2.33 3.13
N LEU A 408 35.96 -1.70 4.05
CA LEU A 408 34.52 -1.51 3.89
C LEU A 408 34.24 -0.22 3.14
N ILE A 409 35.17 0.74 3.24
CA ILE A 409 35.10 1.94 2.44
C ILE A 409 35.13 1.55 0.96
N ASP A 410 36.03 0.64 0.60
CA ASP A 410 36.14 0.20 -0.77
C ASP A 410 34.83 -0.44 -1.22
N ALA A 411 34.30 -1.36 -0.40
CA ALA A 411 33.09 -2.08 -0.75
C ALA A 411 31.91 -1.13 -0.88
N SER A 412 31.81 -0.17 0.04
CA SER A 412 30.74 0.81 0.01
C SER A 412 30.82 1.63 -1.27
N HIS A 413 32.05 2.00 -1.66
CA HIS A 413 32.27 2.86 -2.81
C HIS A 413 31.77 2.17 -4.07
N LEU A 414 32.12 0.89 -4.24
CA LEU A 414 31.73 0.15 -5.43
C LEU A 414 30.21 -0.05 -5.46
N VAL A 415 29.64 -0.48 -4.35
CA VAL A 415 28.22 -0.80 -4.31
C VAL A 415 27.41 0.45 -4.62
N ALA A 416 27.84 1.60 -4.10
CA ALA A 416 27.12 2.84 -4.33
C ALA A 416 27.04 3.16 -5.82
N SER A 417 28.10 2.83 -6.56
CA SER A 417 28.15 3.12 -7.99
C SER A 417 27.24 2.18 -8.78
N LEU A 418 27.05 0.95 -8.30
CA LEU A 418 26.15 0.01 -8.97
C LEU A 418 24.71 0.40 -8.71
N ILE A 419 24.41 0.82 -7.47
CA ILE A 419 23.09 1.31 -7.12
C ILE A 419 22.76 2.52 -7.99
N GLY A 420 23.78 3.35 -8.27
CA GLY A 420 23.59 4.50 -9.13
C GLY A 420 23.05 4.11 -10.50
N VAL A 421 23.66 3.08 -11.08
CA VAL A 421 23.27 2.58 -12.38
C VAL A 421 21.86 2.03 -12.32
N LEU A 422 21.56 1.24 -11.30
CA LEU A 422 20.21 0.71 -11.12
C LEU A 422 19.20 1.86 -11.02
N CYS A 423 19.56 2.93 -10.33
CA CYS A 423 18.67 4.07 -10.18
C CYS A 423 18.35 4.70 -11.54
N LEU A 424 19.33 4.73 -12.44
CA LEU A 424 19.12 5.27 -13.77
C LEU A 424 18.07 4.44 -14.51
N LEU A 425 18.18 3.12 -14.42
CA LEU A 425 17.29 2.24 -15.16
C LEU A 425 15.91 2.17 -14.51
N LEU A 426 15.85 2.16 -13.18
CA LEU A 426 14.59 2.04 -12.46
C LEU A 426 13.69 3.25 -12.71
N ALA A 427 14.27 4.37 -13.13
CA ALA A 427 13.51 5.58 -13.41
C ALA A 427 12.38 5.29 -14.39
N GLN A 428 12.66 4.41 -15.36
CA GLN A 428 11.64 4.00 -16.33
C GLN A 428 10.49 3.31 -15.61
N GLY A 429 10.79 2.25 -14.84
CA GLY A 429 9.78 1.51 -14.10
C GLY A 429 8.87 2.43 -13.29
N LEU A 430 9.44 3.45 -12.64
CA LEU A 430 8.65 4.40 -11.88
C LEU A 430 7.68 5.12 -12.80
N ARG A 431 8.18 5.57 -13.97
CA ARG A 431 7.36 6.30 -14.93
C ARG A 431 6.12 5.48 -15.31
N ARG A 432 6.27 4.17 -15.45
CA ARG A 432 5.18 3.28 -15.81
C ARG A 432 4.38 2.82 -14.59
N ARG A 433 4.57 3.45 -13.43
CA ARG A 433 3.72 3.29 -12.26
C ARG A 433 3.75 1.86 -11.71
N LEU A 434 4.91 1.20 -11.78
CA LEU A 434 5.04 -0.11 -11.17
C LEU A 434 5.28 0.02 -9.67
N SER A 435 4.48 -0.70 -8.87
CA SER A 435 4.66 -0.72 -7.43
C SER A 435 5.96 -1.43 -7.06
N ALA A 436 6.34 -2.46 -7.81
CA ALA A 436 7.62 -3.11 -7.60
C ALA A 436 8.73 -2.08 -7.69
N ALA A 437 8.67 -1.25 -8.74
CA ALA A 437 9.69 -0.25 -8.98
C ALA A 437 9.77 0.70 -7.80
N TRP A 438 8.61 1.06 -7.24
CA TRP A 438 8.53 2.00 -6.14
C TRP A 438 9.26 1.45 -4.92
N ALA A 439 8.96 0.20 -4.58
CA ALA A 439 9.52 -0.42 -3.39
C ALA A 439 11.01 -0.59 -3.55
N LEU A 440 11.44 -1.07 -4.72
CA LEU A 440 12.84 -1.39 -4.94
C LEU A 440 13.66 -0.11 -4.95
N THR A 441 13.16 0.93 -5.60
CA THR A 441 13.84 2.21 -5.63
C THR A 441 14.05 2.71 -4.20
N LEU A 442 12.96 2.73 -3.44
CA LEU A 442 12.94 3.35 -2.12
C LEU A 442 13.93 2.65 -1.20
N VAL A 443 14.12 1.35 -1.40
CA VAL A 443 15.11 0.57 -0.68
C VAL A 443 16.51 0.99 -1.13
N LEU A 444 16.75 1.04 -2.45
CA LEU A 444 18.05 1.37 -3.00
C LEU A 444 18.47 2.80 -2.65
N LEU A 445 17.52 3.74 -2.61
CA LEU A 445 17.82 5.11 -2.23
C LEU A 445 18.29 5.17 -0.78
N LEU A 446 17.67 4.37 0.10
CA LEU A 446 18.04 4.36 1.51
C LEU A 446 19.39 3.70 1.71
N VAL A 447 19.64 2.59 1.01
CA VAL A 447 20.93 1.94 1.09
C VAL A 447 21.99 2.83 0.45
N GLY A 448 21.65 3.45 -0.68
CA GLY A 448 22.57 4.34 -1.37
C GLY A 448 22.94 5.56 -0.52
N ALA A 449 21.97 6.07 0.24
CA ALA A 449 22.20 7.18 1.16
C ALA A 449 23.11 6.73 2.29
N LEU A 450 22.98 5.46 2.69
CA LEU A 450 23.78 4.93 3.78
C LEU A 450 25.21 4.73 3.30
N LEU A 451 25.37 4.08 2.15
CA LEU A 451 26.70 3.80 1.64
C LEU A 451 27.36 5.10 1.19
N SER A 452 26.59 6.17 1.06
CA SER A 452 27.15 7.49 0.79
C SER A 452 27.90 7.99 2.02
N LEU A 453 27.37 7.68 3.21
CA LEU A 453 27.99 8.09 4.45
C LEU A 453 29.21 7.19 4.75
N LEU A 454 29.11 5.90 4.42
CA LEU A 454 30.17 4.95 4.74
C LEU A 454 31.31 5.08 3.74
N LYS A 455 31.04 5.70 2.59
CA LYS A 455 32.03 5.81 1.54
C LYS A 455 33.10 6.81 1.96
N GLY A 456 32.77 8.10 1.92
CA GLY A 456 33.69 9.15 2.30
C GLY A 456 33.02 10.22 3.17
N PHE A 457 32.04 9.77 3.97
CA PHE A 457 31.11 10.65 4.66
C PHE A 457 30.60 11.74 3.72
N ASP A 458 30.03 11.29 2.60
CA ASP A 458 29.41 12.18 1.63
C ASP A 458 28.00 12.50 2.11
N TRP A 459 27.91 13.47 3.03
CA TRP A 459 26.65 13.78 3.69
C TRP A 459 25.76 14.64 2.79
N GLU A 460 26.33 15.19 1.72
CA GLU A 460 25.56 15.97 0.77
C GLU A 460 24.82 15.02 -0.18
N GLU A 461 25.52 13.98 -0.64
CA GLU A 461 24.92 12.97 -1.49
C GLU A 461 23.83 12.25 -0.70
N ALA A 462 24.18 11.86 0.54
CA ALA A 462 23.27 11.15 1.42
C ALA A 462 22.01 11.97 1.66
N SER A 463 22.16 13.31 1.78
CA SER A 463 21.03 14.17 2.08
C SER A 463 20.10 14.26 0.89
N LEU A 464 20.65 14.37 -0.33
CA LEU A 464 19.85 14.43 -1.54
C LEU A 464 19.05 13.13 -1.70
N LEU A 465 19.75 12.00 -1.56
CA LEU A 465 19.16 10.68 -1.74
C LEU A 465 18.04 10.46 -0.73
N SER A 466 18.28 10.85 0.53
CA SER A 466 17.27 10.74 1.56
C SER A 466 16.04 11.56 1.19
N LEU A 467 16.27 12.79 0.73
CA LEU A 467 15.18 13.70 0.43
C LEU A 467 14.34 13.17 -0.72
N THR A 468 15.01 12.55 -1.70
CA THR A 468 14.32 11.90 -2.82
C THR A 468 13.46 10.75 -2.30
N ALA A 469 14.03 9.96 -1.37
CA ALA A 469 13.32 8.84 -0.79
C ALA A 469 12.09 9.32 -0.04
N ALA A 470 12.23 10.41 0.72
CA ALA A 470 11.13 10.93 1.50
C ALA A 470 9.97 11.34 0.58
N LEU A 471 10.31 11.92 -0.57
CA LEU A 471 9.31 12.34 -1.55
C LEU A 471 8.66 11.10 -2.16
N LEU A 472 9.50 10.16 -2.58
CA LEU A 472 9.01 8.99 -3.28
C LEU A 472 8.02 8.25 -2.38
N ALA A 473 8.33 8.21 -1.07
CA ALA A 473 7.51 7.54 -0.08
C ALA A 473 6.12 8.18 0.00
N MET A 474 6.07 9.51 0.11
CA MET A 474 4.81 10.22 0.21
C MET A 474 3.83 9.81 -0.88
N PHE A 475 4.32 9.44 -2.07
CA PHE A 475 3.47 9.14 -3.21
C PHE A 475 3.49 7.65 -3.52
N ARG A 476 3.23 6.80 -2.53
CA ARG A 476 3.23 5.36 -2.74
C ARG A 476 2.07 4.97 -3.67
N ARG A 477 0.89 5.56 -3.43
CA ARG A 477 -0.32 5.17 -4.15
C ARG A 477 -0.22 5.50 -5.63
N SER A 478 0.67 6.44 -6.00
CA SER A 478 0.86 6.82 -7.38
C SER A 478 1.30 5.63 -8.23
N PHE A 479 2.06 4.71 -7.64
CA PHE A 479 2.58 3.57 -8.36
C PHE A 479 1.72 2.36 -8.00
N TYR A 480 0.69 2.10 -8.82
CA TYR A 480 -0.36 1.18 -8.44
C TYR A 480 -0.41 -0.09 -9.28
N ARG A 481 0.40 -0.19 -10.33
CA ARG A 481 0.35 -1.36 -11.18
C ARG A 481 1.13 -2.49 -10.53
N PRO A 482 0.58 -3.72 -10.49
CA PRO A 482 1.30 -4.89 -9.98
C PRO A 482 1.83 -5.79 -11.08
N SER A 483 2.45 -5.18 -12.10
CA SER A 483 3.12 -5.94 -13.15
C SER A 483 4.53 -6.30 -12.68
N ARG A 484 5.15 -7.25 -13.37
CA ARG A 484 6.52 -7.63 -13.07
C ARG A 484 7.45 -6.55 -13.62
N LEU A 485 8.58 -6.35 -12.94
CA LEU A 485 9.63 -5.47 -13.43
C LEU A 485 10.30 -6.11 -14.65
N MET A 486 10.32 -7.44 -14.69
CA MET A 486 11.05 -8.17 -15.72
C MET A 486 10.32 -8.09 -17.06
N GLU A 487 9.10 -7.54 -17.07
CA GLU A 487 8.27 -7.51 -18.25
C GLU A 487 8.14 -6.10 -18.81
N VAL A 488 8.96 -5.16 -18.31
CA VAL A 488 8.96 -3.82 -18.86
C VAL A 488 9.55 -3.89 -20.27
N PRO A 489 8.94 -3.25 -21.28
CA PRO A 489 9.48 -3.23 -22.63
C PRO A 489 10.77 -2.40 -22.71
N PHE A 490 11.66 -2.79 -23.63
CA PHE A 490 12.95 -2.13 -23.82
C PHE A 490 12.75 -0.72 -24.34
N SER A 491 13.37 0.25 -23.66
CA SER A 491 13.34 1.64 -24.10
C SER A 491 14.75 2.07 -24.51
N PRO A 492 15.02 2.24 -25.83
CA PRO A 492 16.34 2.67 -26.29
C PRO A 492 16.74 4.01 -25.68
N LEU A 493 15.77 4.91 -25.54
CA LEU A 493 16.02 6.25 -25.02
C LEU A 493 16.64 6.14 -23.63
N TYR A 494 15.96 5.45 -22.71
CA TYR A 494 16.41 5.29 -21.34
C TYR A 494 17.78 4.63 -21.28
N VAL A 495 18.05 3.70 -22.20
CA VAL A 495 19.35 3.05 -22.27
C VAL A 495 20.39 4.05 -22.79
N GLY A 496 20.01 4.82 -23.81
CA GLY A 496 20.87 5.85 -24.36
C GLY A 496 21.25 6.88 -23.30
N ALA A 497 20.25 7.31 -22.51
CA ALA A 497 20.48 8.29 -21.47
C ALA A 497 21.46 7.74 -20.44
N SER A 498 21.28 6.48 -20.05
CA SER A 498 22.14 5.86 -19.06
C SER A 498 23.58 5.80 -19.55
N ILE A 499 23.76 5.44 -20.83
CA ILE A 499 25.07 5.36 -21.43
C ILE A 499 25.72 6.74 -21.44
N CYS A 500 24.94 7.79 -21.68
CA CYS A 500 25.49 9.13 -21.67
C CYS A 500 26.00 9.46 -20.27
N VAL A 501 25.20 9.14 -19.25
CA VAL A 501 25.53 9.49 -17.88
C VAL A 501 26.83 8.79 -17.51
N VAL A 502 26.89 7.48 -17.77
CA VAL A 502 28.07 6.70 -17.51
C VAL A 502 29.27 7.21 -18.31
N GLY A 503 29.02 7.70 -19.53
CA GLY A 503 30.05 8.39 -20.30
C GLY A 503 30.54 9.65 -19.60
N ALA A 504 29.61 10.47 -19.12
CA ALA A 504 29.97 11.70 -18.44
C ALA A 504 30.81 11.38 -17.21
N SER A 505 30.45 10.30 -16.51
CA SER A 505 31.10 9.97 -15.25
C SER A 505 32.54 9.51 -15.49
N VAL A 506 32.81 8.88 -16.64
CA VAL A 506 34.16 8.48 -16.98
C VAL A 506 34.95 9.71 -17.44
N TRP A 507 34.26 10.69 -18.02
CA TRP A 507 34.91 11.94 -18.38
C TRP A 507 35.35 12.64 -17.10
N LEU A 508 34.49 12.59 -16.08
CA LEU A 508 34.76 13.24 -14.80
C LEU A 508 35.88 12.51 -14.06
N LEU A 509 35.89 11.18 -14.13
CA LEU A 509 36.92 10.35 -13.55
C LEU A 509 38.29 10.73 -14.11
N LEU A 510 38.39 10.88 -15.44
CA LEU A 510 39.68 11.17 -16.06
C LEU A 510 40.12 12.58 -15.70
N PHE A 511 39.17 13.50 -15.49
CA PHE A 511 39.51 14.89 -15.20
C PHE A 511 39.92 15.03 -13.74
N ALA A 512 39.15 14.39 -12.84
CA ALA A 512 39.30 14.59 -11.41
C ALA A 512 40.51 13.84 -10.86
N ASN A 513 40.98 12.82 -11.59
CA ASN A 513 42.09 12.01 -11.13
C ASN A 513 43.22 12.05 -12.14
N GLN A 514 43.65 13.26 -12.52
CA GLN A 514 44.64 13.40 -13.59
C GLN A 514 46.04 13.51 -12.98
N ASP A 515 46.11 13.63 -11.65
CA ASP A 515 47.37 13.88 -10.98
C ASP A 515 48.16 12.58 -10.84
N VAL A 516 47.49 11.44 -10.99
CA VAL A 516 48.10 10.14 -10.78
C VAL A 516 48.59 9.57 -12.11
N HIS A 517 49.65 8.76 -12.04
CA HIS A 517 50.15 8.05 -13.20
C HIS A 517 49.47 6.69 -13.27
N TYR A 518 48.81 6.42 -14.40
CA TYR A 518 48.10 5.16 -14.59
C TYR A 518 49.10 4.02 -14.67
N SER A 519 48.65 2.84 -14.23
CA SER A 519 49.43 1.62 -14.34
C SER A 519 48.49 0.43 -14.19
N ASN A 520 48.94 -0.75 -14.63
CA ASN A 520 48.12 -1.94 -14.58
C ASN A 520 47.84 -2.30 -13.13
N GLN A 521 48.73 -1.90 -12.22
CA GLN A 521 48.65 -2.31 -10.83
C GLN A 521 47.56 -1.51 -10.09
N LEU A 522 47.16 -0.36 -10.62
CA LEU A 522 46.21 0.50 -9.93
C LEU A 522 44.93 -0.23 -9.59
N TRP A 523 44.52 -1.19 -10.42
CA TRP A 523 43.22 -1.81 -10.25
C TRP A 523 43.17 -2.59 -8.93
N TRP A 524 44.32 -3.13 -8.51
CA TRP A 524 44.40 -4.05 -7.39
C TRP A 524 44.88 -3.37 -6.11
N GLN A 525 44.96 -2.03 -6.10
CA GLN A 525 45.38 -1.32 -4.91
C GLN A 525 44.15 -1.05 -4.05
N PHE A 526 44.12 -1.66 -2.85
CA PHE A 526 43.13 -1.32 -1.84
C PHE A 526 43.83 -0.66 -0.66
N ALA A 527 43.92 0.67 -0.71
CA ALA A 527 44.40 1.47 0.40
C ALA A 527 43.28 2.41 0.83
N LEU A 528 43.60 3.34 1.74
CA LEU A 528 42.66 4.38 2.13
C LEU A 528 42.94 5.63 1.30
N ASP A 529 44.22 6.00 1.19
CA ASP A 529 44.62 7.20 0.47
C ASP A 529 44.41 7.03 -1.03
N ALA A 530 44.33 5.77 -1.49
CA ALA A 530 44.14 5.46 -2.91
C ALA A 530 42.71 5.80 -3.34
N ASP A 531 42.55 6.98 -3.95
CA ASP A 531 41.26 7.46 -4.42
C ASP A 531 41.06 7.10 -5.89
N ALA A 532 42.15 7.06 -6.67
CA ALA A 532 42.03 6.79 -8.10
C ALA A 532 41.56 5.36 -8.33
N PRO A 533 42.17 4.34 -7.70
CA PRO A 533 41.66 2.97 -7.80
C PRO A 533 40.21 2.75 -7.41
N ARG A 534 39.69 3.56 -6.48
CA ARG A 534 38.29 3.43 -6.10
C ARG A 534 37.38 3.97 -7.21
N ALA A 535 37.88 4.99 -7.92
CA ALA A 535 37.19 5.49 -9.09
C ALA A 535 37.20 4.41 -10.16
N LEU A 536 38.39 3.97 -10.54
CA LEU A 536 38.54 3.03 -11.64
C LEU A 536 37.58 1.85 -11.44
N ARG A 537 37.68 1.20 -10.28
CA ARG A 537 36.94 -0.02 -10.05
C ARG A 537 35.44 0.25 -10.16
N ALA A 538 34.99 1.37 -9.60
CA ALA A 538 33.59 1.77 -9.69
C ALA A 538 33.20 1.98 -11.15
N ALA A 539 34.05 2.69 -11.90
CA ALA A 539 33.77 3.00 -13.28
C ALA A 539 33.54 1.73 -14.08
N LEU A 540 34.46 0.78 -13.95
CA LEU A 540 34.38 -0.50 -14.64
C LEU A 540 33.13 -1.25 -14.22
N GLY A 541 32.85 -1.27 -12.92
CA GLY A 541 31.67 -1.95 -12.42
C GLY A 541 30.40 -1.38 -13.01
N SER A 542 30.30 -0.05 -13.06
CA SER A 542 29.13 0.62 -13.62
C SER A 542 28.95 0.21 -15.08
N CYS A 543 30.02 0.36 -15.87
CA CYS A 543 29.99 0.07 -17.29
C CYS A 543 29.59 -1.37 -17.55
N LEU A 544 30.10 -2.31 -16.76
CA LEU A 544 29.81 -3.73 -16.99
C LEU A 544 28.37 -4.04 -16.64
N LEU A 545 27.90 -3.54 -15.49
CA LEU A 545 26.53 -3.79 -15.08
C LEU A 545 25.57 -3.21 -16.11
N LEU A 546 25.84 -1.97 -16.56
CA LEU A 546 24.96 -1.32 -17.52
C LEU A 546 24.93 -2.13 -18.82
N LEU A 547 26.10 -2.55 -19.29
CA LEU A 547 26.19 -3.36 -20.50
C LEU A 547 25.42 -4.67 -20.33
N ALA A 548 25.60 -5.32 -19.19
CA ALA A 548 24.98 -6.61 -18.95
C ALA A 548 23.46 -6.48 -18.99
N LEU A 549 22.94 -5.57 -18.17
CA LEU A 549 21.50 -5.35 -18.09
C LEU A 549 20.95 -5.07 -19.50
N ALA A 550 21.57 -4.13 -20.22
CA ALA A 550 21.08 -3.73 -21.52
C ALA A 550 21.07 -4.89 -22.50
N LEU A 551 22.05 -5.79 -22.43
CA LEU A 551 22.07 -6.98 -23.26
C LEU A 551 21.00 -7.96 -22.78
N GLY A 552 20.83 -8.07 -21.47
CA GLY A 552 19.83 -8.95 -20.89
C GLY A 552 18.40 -8.44 -21.15
N TRP A 553 18.28 -7.15 -21.44
CA TRP A 553 17.02 -6.53 -21.74
C TRP A 553 16.69 -6.77 -23.21
N LEU A 554 17.70 -6.58 -24.07
CA LEU A 554 17.47 -6.51 -25.51
C LEU A 554 17.29 -7.92 -26.06
N LEU A 555 18.19 -8.83 -25.66
CA LEU A 555 18.10 -10.23 -26.05
C LEU A 555 17.10 -10.93 -25.14
N ARG A 556 15.81 -10.71 -25.43
CA ARG A 556 14.72 -11.31 -24.68
C ARG A 556 13.82 -12.05 -25.67
N ALA A 557 13.06 -13.03 -25.16
CA ALA A 557 12.19 -13.86 -25.98
C ALA A 557 11.24 -12.99 -26.79
N ALA A 558 10.88 -13.45 -28.00
CA ALA A 558 9.97 -12.75 -28.87
C ALA A 558 8.56 -12.79 -28.28
N PRO A 559 7.77 -11.71 -28.43
CA PRO A 559 6.40 -11.68 -27.90
C PRO A 559 5.48 -12.57 -28.75
N PRO A 560 4.52 -13.31 -28.13
CA PRO A 560 3.57 -14.12 -28.87
C PRO A 560 2.76 -13.32 -29.88
N ALA A 561 2.43 -13.94 -31.01
CA ALA A 561 1.71 -13.27 -32.09
C ALA A 561 0.26 -13.04 -31.68
N ILE A 562 -0.38 -12.06 -32.33
CA ILE A 562 -1.78 -11.76 -32.09
C ILE A 562 -2.63 -12.84 -32.74
N ARG A 563 -3.59 -13.39 -31.98
CA ARG A 563 -4.51 -14.39 -32.49
C ARG A 563 -5.92 -14.03 -32.09
N GLU A 564 -6.88 -14.36 -32.96
CA GLU A 564 -8.29 -14.20 -32.67
C GLU A 564 -8.65 -15.08 -31.47
N PRO A 565 -9.65 -14.70 -30.65
CA PRO A 565 -9.99 -15.47 -29.44
C PRO A 565 -10.64 -16.81 -29.77
N ASN A 566 -10.52 -17.75 -28.83
CA ASN A 566 -11.12 -19.07 -28.96
C ASN A 566 -12.48 -19.06 -28.28
N ALA A 567 -13.15 -20.23 -28.28
CA ALA A 567 -14.50 -20.35 -27.76
C ALA A 567 -14.56 -20.01 -26.28
N GLU A 568 -13.52 -20.38 -25.52
CA GLU A 568 -13.48 -20.16 -24.08
C GLU A 568 -13.40 -18.66 -23.80
N GLU A 569 -12.52 -17.97 -24.54
CA GLU A 569 -12.28 -16.55 -24.35
C GLU A 569 -13.55 -15.76 -24.68
N LEU A 570 -14.19 -16.10 -25.81
CA LEU A 570 -15.43 -15.46 -26.21
C LEU A 570 -16.50 -15.64 -25.13
N GLN A 571 -16.52 -16.82 -24.51
CA GLN A 571 -17.50 -17.14 -23.48
C GLN A 571 -17.17 -16.36 -22.21
N ARG A 572 -15.87 -16.14 -21.97
CA ARG A 572 -15.41 -15.42 -20.79
C ARG A 572 -15.64 -13.93 -20.99
N ALA A 573 -15.45 -13.45 -22.21
CA ALA A 573 -15.77 -12.07 -22.57
C ALA A 573 -17.27 -11.83 -22.32
N ALA A 574 -18.10 -12.71 -22.89
CA ALA A 574 -19.55 -12.61 -22.77
C ALA A 574 -19.94 -12.51 -21.29
N ARG A 575 -19.30 -13.32 -20.44
CA ARG A 575 -19.57 -13.29 -19.00
C ARG A 575 -19.29 -11.90 -18.45
N ILE A 576 -18.11 -11.36 -18.77
CA ILE A 576 -17.69 -10.06 -18.28
C ILE A 576 -18.71 -9.00 -18.71
N ILE A 577 -19.12 -9.06 -19.98
CA ILE A 577 -20.04 -8.09 -20.54
C ILE A 577 -21.35 -8.11 -19.77
N ARG A 578 -21.83 -9.32 -19.43
CA ARG A 578 -23.08 -9.48 -18.72
C ARG A 578 -22.97 -8.85 -17.34
N HIS A 579 -21.91 -9.19 -16.60
CA HIS A 579 -21.69 -8.66 -15.26
C HIS A 579 -20.95 -7.33 -15.35
N SER A 580 -21.55 -6.37 -16.06
CA SER A 580 -20.93 -5.07 -16.29
C SER A 580 -22.00 -4.06 -16.68
N ASP A 581 -21.56 -2.81 -16.91
CA ASP A 581 -22.47 -1.72 -17.24
C ASP A 581 -22.49 -1.51 -18.76
N GLN A 582 -21.32 -1.63 -19.40
CA GLN A 582 -21.14 -1.21 -20.79
C GLN A 582 -21.63 -2.30 -21.72
N PRO A 583 -22.73 -2.08 -22.49
CA PRO A 583 -23.20 -3.06 -23.47
C PRO A 583 -22.53 -2.99 -24.84
N ASP A 584 -21.85 -1.87 -25.13
CA ASP A 584 -21.13 -1.71 -26.39
C ASP A 584 -20.08 -2.80 -26.53
N GLY A 585 -19.69 -3.41 -25.40
CA GLY A 585 -18.73 -4.49 -25.38
C GLY A 585 -19.16 -5.72 -26.17
N GLY A 586 -20.42 -5.74 -26.63
CA GLY A 586 -20.95 -6.87 -27.37
C GLY A 586 -20.23 -7.12 -28.69
N LEU A 587 -19.63 -6.08 -29.26
CA LEU A 587 -18.93 -6.20 -30.54
C LEU A 587 -17.71 -7.12 -30.39
N ALA A 588 -17.26 -7.33 -29.15
CA ALA A 588 -16.18 -8.24 -28.86
C ALA A 588 -16.54 -9.66 -29.32
N LEU A 589 -17.83 -10.00 -29.24
CA LEU A 589 -18.28 -11.36 -29.46
C LEU A 589 -18.42 -11.69 -30.95
N THR A 590 -18.02 -10.76 -31.82
CA THR A 590 -17.92 -11.06 -33.25
C THR A 590 -16.80 -12.07 -33.47
N GLY A 591 -15.73 -11.94 -32.68
CA GLY A 591 -14.61 -12.88 -32.70
C GLY A 591 -13.68 -12.63 -33.90
N ASP A 592 -13.66 -11.40 -34.39
CA ASP A 592 -12.78 -11.00 -35.49
C ASP A 592 -11.69 -10.08 -34.97
N LYS A 593 -11.66 -9.86 -33.64
CA LYS A 593 -10.72 -8.93 -33.04
C LYS A 593 -10.19 -9.51 -31.74
N ALA A 594 -8.88 -9.30 -31.50
CA ALA A 594 -8.18 -9.87 -30.37
C ALA A 594 -8.72 -9.30 -29.06
N LEU A 595 -8.66 -10.11 -28.00
CA LEU A 595 -9.10 -9.72 -26.66
C LEU A 595 -7.93 -9.79 -25.70
N LEU A 596 -7.73 -8.72 -24.91
CA LEU A 596 -6.69 -8.66 -23.91
C LEU A 596 -7.34 -8.69 -22.53
N PHE A 597 -7.01 -9.70 -21.73
CA PHE A 597 -7.67 -9.93 -20.45
C PHE A 597 -6.81 -9.43 -19.30
N HIS A 598 -7.48 -9.02 -18.22
CA HIS A 598 -6.80 -8.64 -16.98
C HIS A 598 -6.37 -9.90 -16.25
N GLU A 599 -5.46 -9.74 -15.28
CA GLU A 599 -4.96 -10.88 -14.51
C GLU A 599 -6.09 -11.44 -13.65
N SER A 600 -6.91 -10.55 -13.07
CA SER A 600 -8.06 -10.94 -12.28
C SER A 600 -9.13 -11.58 -13.16
N ASP A 601 -9.11 -11.24 -14.46
CA ASP A 601 -10.00 -11.81 -15.46
C ASP A 601 -11.42 -11.28 -15.22
N ASP A 602 -11.51 -10.06 -14.70
CA ASP A 602 -12.78 -9.39 -14.48
C ASP A 602 -12.97 -8.31 -15.52
N ALA A 603 -12.01 -8.16 -16.43
CA ALA A 603 -12.01 -7.08 -17.40
C ALA A 603 -11.23 -7.48 -18.65
N PHE A 604 -11.59 -6.88 -19.78
CA PHE A 604 -10.90 -7.15 -21.03
C PHE A 604 -10.95 -5.92 -21.93
N LEU A 605 -10.26 -6.00 -23.07
CA LEU A 605 -10.07 -4.86 -23.94
C LEU A 605 -9.80 -5.32 -25.38
N MET A 606 -10.84 -5.26 -26.23
CA MET A 606 -10.74 -5.79 -27.58
C MET A 606 -9.96 -4.81 -28.46
N TYR A 607 -9.11 -5.34 -29.35
CA TYR A 607 -8.26 -4.54 -30.23
C TYR A 607 -7.94 -5.33 -31.49
N ALA A 608 -7.40 -4.61 -32.48
CA ALA A 608 -7.09 -5.19 -33.77
C ALA A 608 -5.94 -4.42 -34.40
N ARG A 609 -5.05 -5.13 -35.10
CA ARG A 609 -3.89 -4.52 -35.71
C ARG A 609 -4.21 -4.13 -37.14
N ARG A 610 -3.99 -2.85 -37.47
CA ARG A 610 -4.14 -2.34 -38.83
C ARG A 610 -2.89 -1.55 -39.20
N GLY A 611 -2.13 -2.08 -40.17
CA GLY A 611 -0.89 -1.46 -40.59
C GLY A 611 0.14 -1.46 -39.46
N ARG A 612 0.50 -0.26 -38.99
CA ARG A 612 1.56 -0.10 -38.00
C ARG A 612 0.96 0.36 -36.67
N SER A 613 -0.38 0.36 -36.57
CA SER A 613 -1.07 0.81 -35.37
C SER A 613 -1.91 -0.32 -34.80
N MET A 614 -2.32 -0.18 -33.54
CA MET A 614 -3.11 -1.19 -32.87
C MET A 614 -4.35 -0.54 -32.24
N ILE A 615 -5.49 -0.68 -32.91
CA ILE A 615 -6.67 0.07 -32.54
C ILE A 615 -7.49 -0.74 -31.55
N ALA A 616 -7.65 -0.21 -30.33
CA ALA A 616 -8.67 -0.67 -29.40
C ALA A 616 -10.01 -0.06 -29.80
N LEU A 617 -11.12 -0.79 -29.56
CA LEU A 617 -12.40 -0.42 -30.13
C LEU A 617 -13.23 0.44 -29.17
N TYR A 618 -13.02 0.30 -27.87
CA TYR A 618 -13.69 1.14 -26.90
C TYR A 618 -12.82 1.23 -25.65
N ASP A 619 -13.36 1.80 -24.57
CA ASP A 619 -12.70 1.74 -23.28
C ASP A 619 -12.63 0.28 -22.82
N PRO A 620 -11.69 -0.07 -21.92
CA PRO A 620 -11.74 -1.37 -21.24
C PRO A 620 -13.09 -1.62 -20.57
N ILE A 621 -13.39 -2.90 -20.29
CA ILE A 621 -14.68 -3.30 -19.76
C ILE A 621 -14.52 -3.84 -18.34
N GLY A 622 -14.84 -2.99 -17.35
CA GLY A 622 -14.76 -3.37 -15.94
C GLY A 622 -14.61 -2.14 -15.03
N PRO A 623 -14.23 -2.33 -13.75
CA PRO A 623 -14.01 -1.22 -12.81
C PRO A 623 -12.88 -0.27 -13.17
N ALA A 624 -12.84 0.87 -12.46
CA ALA A 624 -11.92 1.97 -12.77
C ALA A 624 -10.47 1.51 -12.64
N MET A 625 -10.16 0.73 -11.60
CA MET A 625 -8.80 0.27 -11.35
C MET A 625 -8.42 -0.74 -12.43
N GLN A 626 -9.34 -1.67 -12.72
CA GLN A 626 -9.13 -2.65 -13.79
C GLN A 626 -8.92 -1.94 -15.13
N ARG A 627 -9.66 -0.84 -15.34
CA ARG A 627 -9.54 -0.08 -16.57
C ARG A 627 -8.14 0.52 -16.67
N ALA A 628 -7.66 1.09 -15.57
CA ALA A 628 -6.36 1.75 -15.57
C ALA A 628 -5.26 0.73 -15.83
N GLU A 629 -5.35 -0.44 -15.18
CA GLU A 629 -4.34 -1.46 -15.38
C GLU A 629 -4.37 -1.99 -16.82
N LEU A 630 -5.56 -2.06 -17.41
CA LEU A 630 -5.69 -2.62 -18.75
C LEU A 630 -5.17 -1.64 -19.80
N ILE A 631 -5.33 -0.35 -19.54
CA ILE A 631 -4.85 0.65 -20.47
C ILE A 631 -3.32 0.59 -20.46
N TRP A 632 -2.72 0.54 -19.27
CA TRP A 632 -1.28 0.38 -19.18
C TRP A 632 -0.82 -0.92 -19.84
N GLN A 633 -1.59 -1.99 -19.68
CA GLN A 633 -1.26 -3.27 -20.29
C GLN A 633 -1.22 -3.15 -21.80
N PHE A 634 -2.12 -2.32 -22.34
CA PHE A 634 -2.23 -2.16 -23.78
C PHE A 634 -1.05 -1.35 -24.32
N ARG A 635 -0.66 -0.30 -23.59
CA ARG A 635 0.56 0.44 -23.91
C ARG A 635 1.73 -0.54 -23.96
N ASP A 636 1.89 -1.35 -22.91
CA ASP A 636 2.96 -2.33 -22.83
C ASP A 636 2.94 -3.25 -24.06
N LEU A 637 1.75 -3.71 -24.45
CA LEU A 637 1.61 -4.67 -25.54
C LEU A 637 1.97 -4.03 -26.88
N CYS A 638 1.70 -2.73 -27.01
CA CYS A 638 2.00 -2.02 -28.24
C CYS A 638 3.48 -1.69 -28.32
N ASP A 639 4.13 -1.50 -27.16
CA ASP A 639 5.55 -1.19 -27.11
C ASP A 639 6.36 -2.44 -27.43
N LEU A 640 5.83 -3.61 -27.09
CA LEU A 640 6.51 -4.87 -27.36
C LEU A 640 6.40 -5.27 -28.82
N HIS A 641 5.38 -4.75 -29.52
CA HIS A 641 5.19 -5.08 -30.93
C HIS A 641 5.59 -3.90 -31.82
N HIS A 642 6.16 -2.85 -31.22
CA HIS A 642 6.57 -1.68 -31.97
C HIS A 642 5.40 -1.18 -32.83
N ALA A 643 4.25 -0.95 -32.17
CA ALA A 643 3.05 -0.48 -32.83
C ALA A 643 2.55 0.78 -32.13
N ARG A 644 1.82 1.62 -32.87
CA ARG A 644 1.27 2.85 -32.30
C ARG A 644 -0.04 2.54 -31.59
N PRO A 645 -0.16 2.83 -30.27
CA PRO A 645 -1.38 2.55 -29.53
C PRO A 645 -2.45 3.60 -29.87
N VAL A 646 -3.53 3.14 -30.50
CA VAL A 646 -4.67 3.97 -30.84
C VAL A 646 -5.89 3.45 -30.09
N PHE A 647 -6.67 4.37 -29.53
CA PHE A 647 -7.95 4.04 -28.92
C PHE A 647 -9.06 4.72 -29.71
N TYR A 648 -10.08 3.96 -30.07
CA TYR A 648 -11.15 4.44 -30.92
C TYR A 648 -12.44 4.59 -30.13
N GLN A 649 -13.12 5.72 -30.30
CA GLN A 649 -14.40 5.99 -29.66
C GLN A 649 -14.31 5.78 -28.15
N VAL A 650 -13.56 6.62 -27.45
CA VAL A 650 -13.51 6.52 -26.00
C VAL A 650 -14.40 7.60 -25.38
N ARG A 651 -14.82 7.35 -24.14
CA ARG A 651 -15.56 8.33 -23.35
C ARG A 651 -14.59 9.29 -22.67
N ALA A 652 -15.12 10.38 -22.13
CA ALA A 652 -14.32 11.45 -21.56
C ALA A 652 -13.83 11.10 -20.16
N GLU A 653 -14.44 10.08 -19.54
CA GLU A 653 -14.18 9.75 -18.15
C GLU A 653 -12.81 9.10 -17.98
N ASN A 654 -12.26 8.53 -19.06
CA ASN A 654 -11.00 7.81 -19.00
C ASN A 654 -9.88 8.64 -19.63
N LEU A 655 -10.16 9.89 -20.01
CA LEU A 655 -9.20 10.68 -20.77
C LEU A 655 -7.91 10.87 -19.99
N PRO A 656 -7.92 11.11 -18.65
CA PRO A 656 -6.67 11.18 -17.88
C PRO A 656 -5.78 9.93 -17.95
N PHE A 657 -6.38 8.74 -18.02
CA PHE A 657 -5.59 7.53 -18.15
C PHE A 657 -4.95 7.45 -19.52
N TYR A 658 -5.63 7.98 -20.55
CA TYR A 658 -5.07 8.02 -21.89
C TYR A 658 -3.97 9.07 -21.96
N MET A 659 -4.16 10.18 -21.25
CA MET A 659 -3.11 11.18 -21.07
C MET A 659 -1.87 10.54 -20.43
N ASP A 660 -2.10 9.64 -19.46
CA ASP A 660 -1.03 9.04 -18.68
C ASP A 660 -0.10 8.25 -19.60
N ILE A 661 -0.67 7.41 -20.47
CA ILE A 661 0.14 6.57 -21.34
C ILE A 661 0.57 7.34 -22.59
N GLY A 662 0.14 8.60 -22.70
CA GLY A 662 0.74 9.51 -23.66
C GLY A 662 -0.04 9.57 -24.96
N LEU A 663 -1.35 9.79 -24.83
CA LEU A 663 -2.21 9.98 -25.98
C LEU A 663 -2.90 11.34 -25.85
N THR A 664 -3.38 11.84 -27.00
CA THR A 664 -4.12 13.09 -27.04
C THR A 664 -5.54 12.77 -27.50
N ALA A 665 -6.52 13.36 -26.80
CA ALA A 665 -7.92 13.17 -27.15
C ALA A 665 -8.30 14.12 -28.29
N LEU A 666 -8.69 13.54 -29.43
CA LEU A 666 -9.21 14.31 -30.55
C LEU A 666 -10.71 14.07 -30.64
N LYS A 667 -11.48 15.16 -30.80
CA LYS A 667 -12.93 15.09 -30.90
C LYS A 667 -13.32 14.32 -32.15
N LEU A 668 -13.73 13.05 -31.96
CA LEU A 668 -14.05 12.17 -33.06
C LEU A 668 -15.48 12.42 -33.52
N GLY A 669 -16.44 12.24 -32.60
CA GLY A 669 -17.85 12.38 -32.91
C GLY A 669 -18.69 12.50 -31.65
N GLU A 670 -19.99 12.76 -31.82
CA GLU A 670 -20.91 12.94 -30.71
C GLU A 670 -21.90 11.78 -30.70
N GLU A 671 -22.03 11.12 -29.55
CA GLU A 671 -22.92 9.97 -29.41
C GLU A 671 -24.17 10.41 -28.66
N ALA A 672 -25.33 10.13 -29.26
CA ALA A 672 -26.62 10.53 -28.72
C ALA A 672 -27.27 9.35 -28.01
N ARG A 673 -27.75 9.59 -26.78
CA ARG A 673 -28.37 8.57 -25.96
C ARG A 673 -29.57 9.18 -25.23
N VAL A 674 -30.76 8.63 -25.48
CA VAL A 674 -31.98 9.15 -24.91
C VAL A 674 -32.11 8.68 -23.46
N ASP A 675 -32.63 9.56 -22.60
CA ASP A 675 -32.83 9.27 -21.19
C ASP A 675 -34.29 8.86 -20.99
N LEU A 676 -34.49 7.67 -20.40
CA LEU A 676 -35.81 7.08 -20.26
C LEU A 676 -36.52 7.60 -19.01
N LEU A 677 -35.75 8.20 -18.09
CA LEU A 677 -36.32 8.74 -16.85
C LEU A 677 -37.21 9.94 -17.17
N ARG A 678 -36.74 10.82 -18.06
CA ARG A 678 -37.46 12.04 -18.40
C ARG A 678 -38.31 11.84 -19.66
N PHE A 679 -38.16 10.69 -20.32
CA PHE A 679 -38.94 10.39 -21.52
C PHE A 679 -40.25 9.73 -21.12
N ASP A 680 -41.36 10.31 -21.59
CA ASP A 680 -42.69 9.76 -21.35
C ASP A 680 -43.53 10.00 -22.60
N LEU A 681 -44.55 9.14 -22.80
CA LEU A 681 -45.33 9.13 -24.02
C LEU A 681 -46.54 10.06 -23.91
N GLU A 682 -46.73 10.67 -22.73
CA GLU A 682 -47.85 11.57 -22.49
C GLU A 682 -47.36 13.01 -22.39
N ASN A 683 -46.12 13.27 -22.84
CA ASN A 683 -45.51 14.59 -22.78
C ASN A 683 -45.90 15.38 -24.03
N LYS A 684 -45.47 16.66 -24.07
CA LYS A 684 -45.77 17.54 -25.18
C LYS A 684 -44.46 17.92 -25.89
N GLY A 685 -44.60 18.44 -27.13
CA GLY A 685 -43.47 18.83 -27.94
C GLY A 685 -43.75 18.60 -29.42
N LYS A 686 -43.17 19.46 -30.28
CA LYS A 686 -43.35 19.35 -31.71
C LYS A 686 -42.85 18.00 -32.20
N GLU A 687 -41.59 17.68 -31.86
CA GLU A 687 -40.97 16.43 -32.26
C GLU A 687 -41.66 15.26 -31.57
N MET A 688 -42.11 15.49 -30.33
CA MET A 688 -42.78 14.47 -29.53
C MET A 688 -44.15 14.15 -30.15
N LYS A 689 -44.81 15.17 -30.70
CA LYS A 689 -46.09 15.00 -31.38
C LYS A 689 -45.89 14.30 -32.72
N ASP A 690 -44.76 14.58 -33.38
CA ASP A 690 -44.42 13.95 -34.64
C ASP A 690 -44.15 12.46 -34.41
N LEU A 691 -43.51 12.14 -33.27
CA LEU A 691 -43.19 10.77 -32.93
C LEU A 691 -44.46 9.99 -32.57
N ARG A 692 -45.38 10.64 -31.85
CA ARG A 692 -46.60 9.97 -31.43
C ARG A 692 -47.49 9.73 -32.65
N TYR A 693 -47.44 10.66 -33.61
CA TYR A 693 -48.15 10.51 -34.88
C TYR A 693 -47.60 9.31 -35.65
N THR A 694 -46.27 9.24 -35.75
CA THR A 694 -45.59 8.14 -36.43
C THR A 694 -45.98 6.81 -35.79
N TRP A 695 -46.05 6.80 -34.45
CA TRP A 695 -46.34 5.60 -33.70
C TRP A 695 -47.75 5.09 -33.99
N ASN A 696 -48.74 5.98 -33.86
CA ASN A 696 -50.14 5.60 -34.00
C ASN A 696 -50.46 5.27 -35.46
N ARG A 697 -49.79 5.95 -36.39
CA ARG A 697 -49.98 5.66 -37.81
C ARG A 697 -49.41 4.28 -38.12
N GLY A 698 -48.27 3.96 -37.49
CA GLY A 698 -47.63 2.67 -37.64
C GLY A 698 -48.51 1.53 -37.10
N GLN A 699 -49.13 1.76 -35.94
CA GLN A 699 -50.00 0.77 -35.32
C GLN A 699 -51.23 0.52 -36.18
N ARG A 700 -51.79 1.60 -36.77
CA ARG A 700 -52.97 1.50 -37.60
C ARG A 700 -52.67 0.80 -38.91
N ASP A 701 -51.47 1.04 -39.47
CA ASP A 701 -51.07 0.44 -40.73
C ASP A 701 -51.00 -1.08 -40.61
N GLY A 702 -50.55 -1.56 -39.44
CA GLY A 702 -50.48 -2.99 -39.17
C GLY A 702 -49.05 -3.47 -38.91
N LEU A 703 -48.18 -2.56 -38.44
CA LEU A 703 -46.82 -2.92 -38.06
C LEU A 703 -46.84 -3.53 -36.66
N ALA A 704 -46.16 -4.67 -36.51
CA ALA A 704 -46.09 -5.37 -35.23
C ALA A 704 -44.63 -5.62 -34.87
N LEU A 705 -44.32 -5.55 -33.57
CA LEU A 705 -42.97 -5.73 -33.07
C LEU A 705 -42.92 -6.92 -32.13
N GLU A 706 -41.92 -7.78 -32.32
CA GLU A 706 -41.76 -9.00 -31.54
C GLU A 706 -40.31 -9.10 -31.04
N PHE A 707 -40.16 -9.64 -29.83
CA PHE A 707 -38.86 -9.81 -29.21
C PHE A 707 -38.56 -11.31 -29.01
N HIS A 708 -37.43 -11.76 -29.56
CA HIS A 708 -37.00 -13.14 -29.47
C HIS A 708 -35.74 -13.22 -28.61
N GLU A 709 -35.75 -14.11 -27.62
CA GLU A 709 -34.58 -14.35 -26.79
C GLU A 709 -33.51 -15.08 -27.60
N PRO A 710 -32.23 -15.06 -27.18
CA PRO A 710 -31.15 -15.72 -27.91
C PRO A 710 -31.36 -17.22 -28.05
N GLY A 711 -31.23 -17.72 -29.29
CA GLY A 711 -31.37 -19.14 -29.57
C GLY A 711 -32.60 -19.45 -30.41
N GLN A 712 -33.68 -18.69 -30.22
CA GLN A 712 -34.94 -18.96 -30.88
C GLN A 712 -35.23 -17.88 -31.92
N ALA A 713 -34.21 -17.53 -32.71
CA ALA A 713 -34.34 -16.53 -33.76
C ALA A 713 -34.69 -17.23 -35.07
N PRO A 714 -35.55 -16.64 -35.95
CA PRO A 714 -35.81 -17.21 -37.27
C PRO A 714 -34.62 -16.97 -38.20
N LEU A 715 -33.66 -17.89 -38.17
CA LEU A 715 -32.39 -17.74 -38.87
C LEU A 715 -32.62 -17.60 -40.38
N ASP A 716 -33.60 -18.35 -40.90
CA ASP A 716 -33.92 -18.33 -42.32
C ASP A 716 -34.36 -16.93 -42.74
N GLU A 717 -35.20 -16.30 -41.91
CA GLU A 717 -35.71 -14.98 -42.20
C GLU A 717 -34.57 -13.97 -42.18
N LEU A 718 -33.80 -13.97 -41.09
CA LEU A 718 -32.71 -13.02 -40.90
C LEU A 718 -31.72 -13.11 -42.06
N LYS A 719 -31.42 -14.33 -42.50
CA LYS A 719 -30.53 -14.56 -43.62
C LYS A 719 -31.09 -13.89 -44.88
N ALA A 720 -32.38 -14.12 -45.14
CA ALA A 720 -33.03 -13.58 -46.32
C ALA A 720 -33.07 -12.06 -46.30
N ILE A 721 -33.27 -11.49 -45.10
CA ILE A 721 -33.32 -10.05 -44.91
C ILE A 721 -31.93 -9.45 -45.11
N SER A 722 -30.91 -10.11 -44.53
CA SER A 722 -29.53 -9.69 -44.66
C SER A 722 -29.11 -9.66 -46.13
N ASP A 723 -29.52 -10.70 -46.87
CA ASP A 723 -29.21 -10.82 -48.29
C ASP A 723 -29.90 -9.70 -49.08
N ALA A 724 -31.15 -9.40 -48.69
CA ALA A 724 -31.96 -8.41 -49.38
C ALA A 724 -31.35 -7.02 -49.20
N TRP A 725 -30.88 -6.72 -47.98
CA TRP A 725 -30.25 -5.45 -47.68
C TRP A 725 -28.96 -5.30 -48.48
N LEU A 726 -28.12 -6.35 -48.44
CA LEU A 726 -26.83 -6.35 -49.11
C LEU A 726 -27.04 -6.42 -50.62
N ARG A 740 -20.52 -7.82 -38.68
CA ARG A 740 -20.61 -9.09 -39.46
C ARG A 740 -21.91 -9.82 -39.11
N PHE A 741 -22.35 -10.70 -40.01
CA PHE A 741 -23.56 -11.48 -39.83
C PHE A 741 -23.20 -12.97 -39.80
N THR A 742 -23.09 -13.51 -38.58
CA THR A 742 -22.86 -14.93 -38.37
C THR A 742 -23.84 -15.44 -37.32
N PRO A 743 -24.26 -16.72 -37.39
CA PRO A 743 -25.18 -17.28 -36.39
C PRO A 743 -24.63 -17.19 -34.97
N ALA A 744 -23.32 -17.43 -34.82
CA ALA A 744 -22.65 -17.41 -33.53
C ALA A 744 -22.77 -16.03 -32.89
N TYR A 745 -22.60 -14.98 -33.69
CA TYR A 745 -22.67 -13.61 -33.22
C TYR A 745 -24.12 -13.21 -32.92
N LEU A 746 -25.05 -13.70 -33.75
CA LEU A 746 -26.45 -13.31 -33.62
C LEU A 746 -27.09 -13.97 -32.41
N ASN A 747 -26.70 -15.21 -32.09
CA ASN A 747 -27.34 -15.97 -31.03
C ASN A 747 -26.78 -15.60 -29.65
N PHE A 748 -26.06 -14.48 -29.57
CA PHE A 748 -25.59 -13.98 -28.28
C PHE A 748 -26.53 -12.93 -27.72
N PHE A 749 -27.40 -12.37 -28.57
CA PHE A 749 -28.21 -11.22 -28.20
C PHE A 749 -29.68 -11.47 -28.51
N ARG A 750 -30.55 -10.66 -27.89
CA ARG A 750 -31.98 -10.69 -28.13
C ARG A 750 -32.29 -9.90 -29.39
N ILE A 751 -33.08 -10.48 -30.30
CA ILE A 751 -33.39 -9.84 -31.57
C ILE A 751 -34.82 -9.33 -31.52
N ALA A 752 -34.99 -8.04 -31.86
CA ALA A 752 -36.30 -7.45 -32.04
C ALA A 752 -36.63 -7.41 -33.54
N ILE A 753 -37.73 -8.08 -33.92
CA ILE A 753 -38.14 -8.14 -35.31
C ILE A 753 -39.47 -7.42 -35.47
N VAL A 754 -39.50 -6.42 -36.36
CA VAL A 754 -40.72 -5.72 -36.72
C VAL A 754 -41.23 -6.33 -38.03
N ARG A 755 -42.56 -6.44 -38.14
CA ARG A 755 -43.21 -7.07 -39.27
C ARG A 755 -44.27 -6.13 -39.84
N HIS A 756 -44.50 -6.21 -41.15
CA HIS A 756 -45.56 -5.47 -41.81
C HIS A 756 -46.64 -6.45 -42.24
N GLN A 757 -47.74 -6.50 -41.47
CA GLN A 757 -48.88 -7.36 -41.74
C GLN A 757 -48.45 -8.83 -41.71
N GLY A 758 -47.59 -9.17 -40.74
CA GLY A 758 -47.15 -10.55 -40.53
C GLY A 758 -45.77 -10.82 -41.11
N LYS A 759 -45.50 -10.34 -42.33
CA LYS A 759 -44.24 -10.55 -43.01
C LYS A 759 -43.16 -9.70 -42.33
N PRO A 760 -41.98 -10.28 -41.99
CA PRO A 760 -40.92 -9.52 -41.33
C PRO A 760 -40.31 -8.45 -42.23
N VAL A 761 -40.28 -7.20 -41.74
CA VAL A 761 -39.89 -6.05 -42.54
C VAL A 761 -38.54 -5.51 -42.08
N ALA A 762 -38.13 -5.83 -40.84
CA ALA A 762 -36.80 -5.47 -40.37
C ALA A 762 -36.46 -6.26 -39.09
N PHE A 763 -35.16 -6.29 -38.77
CA PHE A 763 -34.67 -6.90 -37.55
C PHE A 763 -33.55 -6.05 -36.97
N ALA A 764 -33.26 -6.26 -35.67
CA ALA A 764 -32.18 -5.54 -35.00
C ALA A 764 -31.82 -6.24 -33.69
N ASN A 765 -30.56 -6.68 -33.59
CA ASN A 765 -30.04 -7.28 -32.37
C ASN A 765 -29.80 -6.19 -31.34
N LEU A 766 -29.95 -6.55 -30.06
CA LEU A 766 -29.93 -5.58 -28.97
C LEU A 766 -28.81 -5.93 -27.98
N LEU A 767 -27.84 -5.02 -27.85
CA LEU A 767 -26.81 -5.17 -26.84
C LEU A 767 -27.44 -4.85 -25.50
N GLU A 768 -27.18 -5.69 -24.50
CA GLU A 768 -27.77 -5.53 -23.18
C GLU A 768 -26.95 -6.31 -22.15
N THR A 769 -26.93 -5.80 -20.92
CA THR A 769 -26.22 -6.44 -19.82
C THR A 769 -27.24 -7.03 -18.86
N ASP A 770 -26.74 -7.65 -17.78
CA ASP A 770 -27.58 -8.20 -16.73
C ASP A 770 -28.20 -7.04 -15.93
N SER A 771 -27.50 -5.91 -15.87
CA SER A 771 -28.03 -4.70 -15.24
C SER A 771 -28.90 -3.94 -16.24
N ARG A 772 -29.59 -2.91 -15.73
CA ARG A 772 -30.55 -2.16 -16.52
C ARG A 772 -30.08 -0.72 -16.72
N GLU A 773 -28.76 -0.50 -16.66
CA GLU A 773 -28.22 0.85 -16.71
C GLU A 773 -28.19 1.38 -18.15
N LEU A 774 -28.00 0.48 -19.13
CA LEU A 774 -27.84 0.91 -20.50
C LEU A 774 -28.13 -0.24 -21.46
N ALA A 775 -28.48 0.11 -22.70
CA ALA A 775 -28.72 -0.86 -23.76
C ALA A 775 -28.65 -0.15 -25.11
N SER A 776 -28.14 -0.86 -26.13
CA SER A 776 -27.80 -0.27 -27.41
C SER A 776 -28.31 -1.13 -28.56
N LEU A 777 -28.03 -0.70 -29.79
CA LEU A 777 -28.21 -1.53 -30.96
C LEU A 777 -27.02 -1.33 -31.90
N ASP A 778 -26.51 -2.44 -32.45
CA ASP A 778 -25.38 -2.41 -33.37
C ASP A 778 -25.89 -2.59 -34.79
N LEU A 779 -26.28 -3.83 -35.12
CA LEU A 779 -26.65 -4.18 -36.48
C LEU A 779 -28.15 -4.04 -36.65
N MET A 780 -28.55 -3.33 -37.72
CA MET A 780 -29.93 -2.94 -37.93
C MET A 780 -30.12 -2.62 -39.40
N ARG A 781 -30.88 -3.49 -40.09
CA ARG A 781 -31.06 -3.40 -41.53
C ARG A 781 -32.55 -3.35 -41.85
N VAL A 782 -32.91 -2.58 -42.88
CA VAL A 782 -34.29 -2.44 -43.31
C VAL A 782 -34.35 -2.63 -44.82
N HIS A 783 -35.53 -3.03 -45.33
CA HIS A 783 -35.72 -3.28 -46.75
C HIS A 783 -35.81 -1.95 -47.49
N PRO A 784 -35.39 -1.90 -48.77
CA PRO A 784 -35.66 -0.72 -49.63
C PRO A 784 -37.14 -0.43 -49.82
N ASP A 785 -37.97 -1.48 -49.86
CA ASP A 785 -39.39 -1.35 -50.18
C ASP A 785 -40.21 -1.05 -48.92
N ALA A 786 -39.58 -1.13 -47.74
CA ALA A 786 -40.26 -0.88 -46.48
C ALA A 786 -40.66 0.60 -46.39
N PRO A 787 -41.76 0.95 -45.69
CA PRO A 787 -42.14 2.35 -45.47
C PRO A 787 -41.04 3.13 -44.75
N LYS A 788 -41.09 4.46 -44.88
CA LYS A 788 -40.05 5.32 -44.36
C LYS A 788 -40.19 5.47 -42.85
N LEU A 789 -41.44 5.42 -42.36
CA LEU A 789 -41.73 5.64 -40.94
C LEU A 789 -41.70 4.31 -40.18
N THR A 790 -41.54 3.20 -40.90
CA THR A 790 -41.46 1.88 -40.28
C THR A 790 -40.22 1.77 -39.40
N MET A 791 -39.09 2.26 -39.92
CA MET A 791 -37.82 2.20 -39.21
C MET A 791 -37.89 3.04 -37.94
N GLU A 792 -38.46 4.25 -38.05
CA GLU A 792 -38.58 5.17 -36.93
C GLU A 792 -39.51 4.58 -35.88
N PHE A 793 -40.57 3.89 -36.33
CA PHE A 793 -41.47 3.19 -35.44
C PHE A 793 -40.74 2.08 -34.70
N LEU A 794 -39.83 1.39 -35.41
CA LEU A 794 -39.11 0.26 -34.85
C LEU A 794 -38.37 0.68 -33.58
N MET A 795 -37.47 1.66 -33.71
CA MET A 795 -36.61 2.05 -32.60
C MET A 795 -37.43 2.75 -31.51
N LEU A 796 -38.53 3.41 -31.92
CA LEU A 796 -39.45 3.98 -30.96
C LEU A 796 -40.07 2.86 -30.13
N GLY A 797 -40.44 1.76 -30.80
CA GLY A 797 -40.91 0.57 -30.12
C GLY A 797 -39.85 0.00 -29.18
N LEU A 798 -38.59 0.02 -29.62
CA LEU A 798 -37.47 -0.44 -28.81
C LEU A 798 -37.35 0.41 -27.55
N ILE A 799 -37.46 1.73 -27.70
CA ILE A 799 -37.36 2.65 -26.58
C ILE A 799 -38.49 2.37 -25.59
N LEU A 800 -39.72 2.21 -26.13
CA LEU A 800 -40.90 1.96 -25.30
C LEU A 800 -40.70 0.67 -24.50
N HIS A 801 -40.17 -0.37 -25.16
CA HIS A 801 -39.95 -1.66 -24.53
C HIS A 801 -38.94 -1.51 -23.38
N TYR A 802 -37.87 -0.76 -23.64
CA TYR A 802 -36.83 -0.55 -22.64
C TYR A 802 -37.35 0.30 -21.48
N LYS A 803 -38.27 1.22 -21.77
CA LYS A 803 -38.90 2.03 -20.74
C LYS A 803 -39.78 1.14 -19.86
N ALA A 804 -40.41 0.14 -20.48
CA ALA A 804 -41.25 -0.80 -19.76
C ALA A 804 -40.40 -1.71 -18.87
N GLN A 805 -39.22 -2.09 -19.36
CA GLN A 805 -38.31 -2.96 -18.62
C GLN A 805 -37.64 -2.18 -17.49
N GLY A 806 -37.65 -0.85 -17.58
CA GLY A 806 -37.11 0.01 -16.53
C GLY A 806 -35.61 0.22 -16.68
N HIS A 807 -35.16 0.35 -17.93
CA HIS A 807 -33.77 0.69 -18.21
C HIS A 807 -33.57 2.17 -17.91
N ALA A 808 -32.39 2.52 -17.38
CA ALA A 808 -32.06 3.89 -17.04
C ALA A 808 -31.92 4.71 -18.32
N ARG A 809 -30.98 4.30 -19.17
CA ARG A 809 -30.63 5.04 -20.37
C ARG A 809 -30.77 4.12 -21.59
N PHE A 810 -30.74 4.71 -22.78
CA PHE A 810 -30.73 3.97 -24.03
C PHE A 810 -29.87 4.71 -25.05
N SER A 811 -29.07 3.98 -25.81
CA SER A 811 -28.12 4.56 -26.75
C SER A 811 -28.63 4.39 -28.18
N LEU A 812 -28.46 5.44 -29.00
CA LEU A 812 -28.82 5.40 -30.41
C LEU A 812 -27.58 5.11 -31.25
N GLY A 813 -26.57 5.99 -31.14
CA GLY A 813 -25.34 5.82 -31.89
C GLY A 813 -24.54 7.12 -31.99
N MET A 814 -23.40 7.06 -32.68
CA MET A 814 -22.48 8.18 -32.80
C MET A 814 -22.59 8.75 -34.21
N VAL A 815 -22.62 10.09 -34.31
CA VAL A 815 -22.45 10.78 -35.57
C VAL A 815 -21.08 11.46 -35.56
N PRO A 816 -20.24 11.24 -36.59
CA PRO A 816 -18.91 11.84 -36.64
C PRO A 816 -18.93 13.31 -37.03
N LEU A 817 -17.75 13.94 -37.01
CA LEU A 817 -17.56 15.33 -37.39
C LEU A 817 -18.45 16.23 -36.53
N PHE A 846 -24.12 12.66 -43.33
CA PHE A 846 -24.09 12.70 -41.84
C PHE A 846 -25.13 13.69 -41.31
N GLN A 847 -25.44 14.73 -42.08
CA GLN A 847 -26.40 15.74 -41.68
C GLN A 847 -27.78 15.09 -41.51
N GLY A 848 -28.13 14.20 -42.44
CA GLY A 848 -29.39 13.47 -42.40
C GLY A 848 -29.49 12.57 -41.18
N LEU A 849 -28.38 11.89 -40.85
CA LEU A 849 -28.32 11.01 -39.69
C LEU A 849 -28.41 11.83 -38.41
N ARG A 850 -27.74 12.98 -38.38
CA ARG A 850 -27.72 13.85 -37.21
C ARG A 850 -29.14 14.33 -36.92
N ARG A 851 -29.84 14.80 -37.96
CA ARG A 851 -31.21 15.28 -37.81
C ARG A 851 -32.11 14.14 -37.34
N PHE A 852 -31.91 12.95 -37.91
CA PHE A 852 -32.73 11.79 -37.59
C PHE A 852 -32.60 11.42 -36.11
N LYS A 853 -31.38 11.51 -35.58
CA LYS A 853 -31.13 11.25 -34.17
C LYS A 853 -31.76 12.35 -33.32
N ASP A 854 -31.71 13.59 -33.83
CA ASP A 854 -32.18 14.76 -33.11
C ASP A 854 -33.71 14.78 -33.06
N LYS A 855 -34.36 13.91 -33.86
CA LYS A 855 -35.81 13.81 -33.87
C LYS A 855 -36.34 13.33 -32.52
N PHE A 856 -35.53 12.54 -31.80
CA PHE A 856 -35.96 11.96 -30.53
C PHE A 856 -35.55 12.85 -29.35
N GLN A 857 -34.90 14.00 -29.64
CA GLN A 857 -34.44 14.91 -28.62
C GLN A 857 -33.57 14.16 -27.62
N PRO A 858 -32.39 13.63 -28.03
CA PRO A 858 -31.52 12.85 -27.16
C PRO A 858 -30.57 13.73 -26.35
N ASP A 859 -29.73 13.07 -25.54
CA ASP A 859 -28.70 13.74 -24.76
C ASP A 859 -27.34 13.42 -25.38
N TRP A 860 -26.66 14.46 -25.87
CA TRP A 860 -25.41 14.29 -26.59
C TRP A 860 -24.26 14.15 -25.60
N GLU A 861 -23.23 13.41 -26.03
CA GLU A 861 -22.02 13.22 -25.24
C GLU A 861 -20.86 13.02 -26.21
N PRO A 862 -19.74 13.75 -26.02
CA PRO A 862 -18.60 13.65 -26.95
C PRO A 862 -17.91 12.29 -26.86
N ARG A 863 -17.53 11.77 -28.02
CA ARG A 863 -16.72 10.56 -28.10
C ARG A 863 -15.37 10.95 -28.70
N TYR A 864 -14.29 10.51 -28.06
CA TYR A 864 -12.96 10.93 -28.47
C TYR A 864 -12.20 9.81 -29.16
N LEU A 865 -11.11 10.19 -29.80
CA LEU A 865 -10.11 9.28 -30.33
C LEU A 865 -8.78 9.58 -29.64
N ALA A 866 -8.09 8.54 -29.15
CA ALA A 866 -6.80 8.72 -28.50
C ALA A 866 -5.67 8.31 -29.44
N VAL A 867 -4.69 9.21 -29.61
CA VAL A 867 -3.56 8.93 -30.49
C VAL A 867 -2.30 9.56 -29.91
N PRO A 868 -1.10 9.01 -30.21
CA PRO A 868 0.15 9.56 -29.70
C PRO A 868 0.36 11.03 -30.07
N ALA A 869 1.21 11.72 -29.29
CA ALA A 869 1.44 13.14 -29.45
C ALA A 869 2.70 13.38 -30.29
N GLY A 870 2.51 13.49 -31.61
CA GLY A 870 3.61 13.78 -32.53
C GLY A 870 3.77 15.28 -32.75
N LEU A 871 4.49 15.93 -31.84
CA LEU A 871 4.64 17.39 -31.84
C LEU A 871 6.11 17.75 -31.83
N ASP A 872 6.84 17.27 -32.84
CA ASP A 872 8.26 17.59 -33.00
C ASP A 872 8.38 18.91 -33.76
N PRO A 873 9.00 19.96 -33.15
CA PRO A 873 9.20 21.24 -33.84
C PRO A 873 9.81 21.14 -35.22
N LEU A 874 10.85 20.30 -35.37
CA LEU A 874 11.60 20.17 -36.61
C LEU A 874 10.68 19.74 -37.75
N VAL A 875 9.79 18.78 -37.48
CA VAL A 875 8.87 18.27 -38.49
C VAL A 875 7.98 19.40 -38.99
N ALA A 876 7.47 20.22 -38.05
CA ALA A 876 6.56 21.30 -38.37
C ALA A 876 7.26 22.39 -39.17
N LEU A 877 8.53 22.66 -38.82
CA LEU A 877 9.31 23.69 -39.49
C LEU A 877 9.67 23.24 -40.90
N ALA A 878 10.01 21.95 -41.05
CA ALA A 878 10.34 21.36 -42.34
C ALA A 878 9.11 21.40 -43.26
N ASP A 879 7.93 21.18 -42.68
CA ASP A 879 6.68 21.20 -43.41
C ASP A 879 6.37 22.63 -43.86
N THR A 880 6.60 23.60 -42.98
CA THR A 880 6.39 25.00 -43.28
C THR A 880 7.32 25.46 -44.39
N ALA A 881 8.60 25.07 -44.29
CA ALA A 881 9.62 25.46 -45.26
C ALA A 881 9.31 24.87 -46.63
N ALA A 882 8.82 23.62 -46.64
CA ALA A 882 8.49 22.92 -47.87
C ALA A 882 7.30 23.59 -48.57
N LEU A 883 6.31 24.03 -47.77
CA LEU A 883 5.12 24.66 -48.31
C LEU A 883 5.45 26.05 -48.85
N ILE A 884 6.30 26.79 -48.12
CA ILE A 884 6.73 28.12 -48.52
C ILE A 884 7.45 28.03 -49.87
N ALA A 885 8.39 27.09 -49.98
CA ALA A 885 9.14 26.88 -51.20
C ALA A 885 8.24 26.23 -52.26
N ARG B 46 -9.88 -5.14 39.29
CA ARG B 46 -8.71 -6.06 39.35
C ARG B 46 -7.57 -5.50 38.51
N GLN B 47 -7.85 -5.21 37.23
CA GLN B 47 -6.85 -4.75 36.28
C GLN B 47 -6.06 -3.57 36.85
N PRO B 48 -6.71 -2.46 37.28
CA PRO B 48 -5.97 -1.30 37.77
C PRO B 48 -5.15 -1.59 39.02
N ILE B 49 -5.76 -2.29 39.98
CA ILE B 49 -5.08 -2.68 41.22
C ILE B 49 -3.90 -3.58 40.86
N GLY B 50 -4.18 -4.63 40.08
CA GLY B 50 -3.19 -5.60 39.67
C GLY B 50 -2.00 -4.94 38.97
N LEU B 51 -2.28 -3.97 38.10
CA LEU B 51 -1.24 -3.28 37.34
C LEU B 51 -0.43 -2.36 38.26
N VAL B 52 -1.10 -1.77 39.25
CA VAL B 52 -0.43 -0.88 40.18
C VAL B 52 0.51 -1.68 41.08
N PHE B 53 0.03 -2.82 41.58
CA PHE B 53 0.83 -3.64 42.47
C PHE B 53 1.92 -4.36 41.70
N THR B 54 1.78 -4.46 40.36
CA THR B 54 2.85 -4.99 39.54
C THR B 54 3.98 -3.96 39.42
N LEU B 55 3.60 -2.71 39.13
CA LEU B 55 4.57 -1.65 38.96
C LEU B 55 5.32 -1.39 40.26
N LEU B 56 4.61 -1.42 41.39
CA LEU B 56 5.25 -1.21 42.67
C LEU B 56 6.32 -2.28 42.89
N LEU B 57 5.95 -3.55 42.67
CA LEU B 57 6.88 -4.65 42.85
C LEU B 57 8.11 -4.46 41.98
N PHE B 58 7.91 -4.08 40.72
CA PHE B 58 9.01 -3.85 39.80
C PHE B 58 9.88 -2.72 40.32
N GLY B 59 9.24 -1.61 40.72
CA GLY B 59 9.94 -0.46 41.27
C GLY B 59 10.77 -0.83 42.51
N LEU B 60 10.14 -1.51 43.47
CA LEU B 60 10.82 -1.92 44.68
C LEU B 60 12.00 -2.84 44.35
N ALA B 61 11.84 -3.69 43.33
CA ALA B 61 12.88 -4.62 42.93
C ALA B 61 14.10 -3.88 42.36
N LEU B 62 13.84 -2.83 41.56
CA LEU B 62 14.88 -1.97 41.03
C LEU B 62 15.66 -1.28 42.14
N VAL B 63 14.93 -0.73 43.13
CA VAL B 63 15.58 -0.16 44.30
C VAL B 63 16.48 -1.20 44.96
N ALA B 64 15.95 -2.42 45.13
CA ALA B 64 16.66 -3.52 45.76
C ALA B 64 17.93 -3.84 44.99
N CYS B 65 17.83 -3.87 43.65
CA CYS B 65 18.97 -4.18 42.80
C CYS B 65 20.03 -3.08 42.89
N TYR B 66 19.59 -1.82 43.07
CA TYR B 66 20.53 -0.71 43.15
C TYR B 66 21.36 -0.81 44.42
N HIS B 67 20.70 -1.15 45.53
CA HIS B 67 21.33 -1.23 46.83
C HIS B 67 22.30 -2.41 46.88
N LEU B 68 21.96 -3.49 46.16
CA LEU B 68 22.74 -4.72 46.20
C LEU B 68 23.98 -4.59 45.31
N LEU B 69 23.96 -3.65 44.36
CA LEU B 69 25.11 -3.38 43.52
C LEU B 69 25.68 -2.00 43.83
N ARG B 70 25.83 -1.70 45.13
CA ARG B 70 26.35 -0.41 45.57
C ARG B 70 27.87 -0.43 45.42
N GLU B 71 28.48 -1.57 45.72
CA GLU B 71 29.93 -1.68 45.87
C GLU B 71 30.59 -1.97 44.51
N ILE B 72 29.79 -1.98 43.44
CA ILE B 72 30.27 -2.33 42.11
C ILE B 72 30.07 -1.11 41.20
N ASP B 73 31.07 -0.84 40.36
CA ASP B 73 30.98 0.18 39.33
C ASP B 73 30.69 -0.50 38.00
N PRO B 74 30.23 0.23 36.96
CA PRO B 74 30.04 -0.35 35.63
C PRO B 74 31.31 -0.87 34.97
N GLY B 75 32.47 -0.36 35.41
CA GLY B 75 33.75 -0.91 35.00
C GLY B 75 33.89 -2.38 35.40
N ALA B 76 33.66 -2.64 36.70
CA ALA B 76 33.83 -3.96 37.27
C ALA B 76 32.88 -4.96 36.61
N LEU B 77 31.71 -4.48 36.19
CA LEU B 77 30.75 -5.33 35.52
C LEU B 77 31.26 -5.68 34.12
N HIS B 78 31.77 -4.68 33.39
CA HIS B 78 32.29 -4.90 32.04
C HIS B 78 33.42 -5.91 32.06
N ASP B 79 34.30 -5.80 33.08
CA ASP B 79 35.43 -6.71 33.22
C ASP B 79 34.91 -8.11 33.51
N ALA B 80 33.88 -8.20 34.35
CA ALA B 80 33.31 -9.47 34.76
C ALA B 80 32.65 -10.17 33.58
N ILE B 81 32.03 -9.38 32.69
CA ILE B 81 31.39 -9.91 31.49
C ILE B 81 32.45 -10.40 30.52
N ALA B 82 33.56 -9.68 30.43
CA ALA B 82 34.65 -10.06 29.54
C ALA B 82 35.35 -11.30 30.07
N ASP B 83 35.32 -11.48 31.40
CA ASP B 83 36.11 -12.49 32.08
C ASP B 83 35.62 -13.89 31.70
N VAL B 84 34.29 -14.07 31.66
CA VAL B 84 33.70 -15.39 31.50
C VAL B 84 34.25 -16.01 30.22
N PRO B 85 34.83 -17.24 30.29
CA PRO B 85 35.50 -17.85 29.15
C PRO B 85 34.52 -18.33 28.07
N ARG B 86 35.07 -18.66 26.89
CA ARG B 86 34.27 -18.99 25.72
C ARG B 86 33.66 -20.39 25.88
N PRO B 87 34.38 -21.38 26.44
CA PRO B 87 33.75 -22.67 26.77
C PRO B 87 32.52 -22.57 27.66
N ALA B 88 32.52 -21.60 28.59
CA ALA B 88 31.41 -21.38 29.49
C ALA B 88 30.19 -20.87 28.73
N LEU B 89 30.41 -19.94 27.80
CA LEU B 89 29.34 -19.42 26.97
C LEU B 89 28.75 -20.52 26.09
N LEU B 90 29.61 -21.39 25.54
CA LEU B 90 29.15 -22.50 24.72
C LEU B 90 28.34 -23.47 25.59
N GLY B 91 28.85 -23.71 26.81
CA GLY B 91 28.14 -24.54 27.77
C GLY B 91 26.76 -23.99 28.09
N ALA B 92 26.65 -22.66 28.17
CA ALA B 92 25.39 -22.01 28.46
C ALA B 92 24.44 -22.19 27.27
N LEU B 93 24.91 -21.80 26.09
CA LEU B 93 24.12 -21.92 24.87
C LEU B 93 23.65 -23.35 24.63
N SER B 94 24.51 -24.34 24.91
CA SER B 94 24.13 -25.73 24.80
C SER B 94 23.00 -26.05 25.78
N ALA B 95 23.17 -25.66 27.04
CA ALA B 95 22.21 -25.91 28.09
C ALA B 95 20.89 -25.22 27.77
N THR B 96 20.95 -24.09 27.06
CA THR B 96 19.74 -23.39 26.64
C THR B 96 19.00 -24.22 25.59
N ALA B 97 19.76 -24.76 24.63
CA ALA B 97 19.19 -25.55 23.56
C ALA B 97 18.54 -26.80 24.12
N LEU B 98 19.22 -27.47 25.06
CA LEU B 98 18.65 -28.64 25.71
C LEU B 98 17.40 -28.26 26.48
N GLY B 99 17.44 -27.11 27.16
CA GLY B 99 16.37 -26.68 28.03
C GLY B 99 15.13 -26.20 27.27
N PHE B 100 15.28 -25.97 25.96
CA PHE B 100 14.15 -25.61 25.11
C PHE B 100 13.65 -26.82 24.33
N VAL B 101 14.49 -27.86 24.22
CA VAL B 101 14.06 -29.13 23.68
C VAL B 101 13.16 -29.83 24.69
N ILE B 102 13.44 -29.64 25.99
CA ILE B 102 12.64 -30.27 27.04
C ILE B 102 11.24 -29.66 27.05
N LEU B 103 11.12 -28.40 26.66
CA LEU B 103 9.82 -27.75 26.64
C LEU B 103 8.93 -28.30 25.52
N LEU B 104 9.53 -28.90 24.49
CA LEU B 104 8.74 -29.53 23.46
C LEU B 104 8.01 -30.72 24.08
N GLY B 105 8.74 -31.55 24.82
CA GLY B 105 8.14 -32.68 25.52
C GLY B 105 7.10 -32.22 26.54
N TYR B 106 7.30 -31.01 27.04
CA TYR B 106 6.35 -30.38 27.94
C TYR B 106 5.03 -30.13 27.21
N GLU B 107 5.13 -29.71 25.94
CA GLU B 107 3.97 -29.44 25.10
C GLU B 107 3.28 -30.73 24.68
N TRP B 108 4.06 -31.81 24.52
CA TRP B 108 3.52 -33.11 24.16
C TRP B 108 2.64 -33.64 25.28
N SER B 109 3.11 -33.51 26.52
CA SER B 109 2.37 -34.03 27.67
C SER B 109 1.02 -33.32 27.80
N ALA B 110 1.00 -32.02 27.49
CA ALA B 110 -0.21 -31.22 27.55
C ALA B 110 -1.21 -31.71 26.50
N SER B 111 -0.71 -32.08 25.32
CA SER B 111 -1.59 -32.57 24.27
C SER B 111 -2.20 -33.91 24.69
N ARG B 112 -1.40 -34.75 25.35
CA ARG B 112 -1.91 -36.04 25.81
C ARG B 112 -3.00 -35.83 26.86
N PHE B 113 -2.77 -34.89 27.77
CA PHE B 113 -3.74 -34.55 28.80
C PHE B 113 -5.03 -34.03 28.17
N ALA B 114 -4.88 -33.20 27.13
CA ALA B 114 -6.02 -32.54 26.51
C ALA B 114 -6.75 -33.49 25.58
N GLY B 115 -6.09 -34.60 25.21
CA GLY B 115 -6.64 -35.54 24.24
C GLY B 115 -6.62 -34.93 22.83
N VAL B 116 -5.51 -34.28 22.49
CA VAL B 116 -5.37 -33.58 21.23
C VAL B 116 -4.30 -34.31 20.41
N THR B 117 -4.66 -34.68 19.18
CA THR B 117 -3.71 -35.24 18.23
C THR B 117 -3.23 -34.11 17.31
N LEU B 118 -1.92 -33.92 17.25
CA LEU B 118 -1.32 -32.91 16.39
C LEU B 118 -0.07 -33.50 15.73
N PRO B 119 0.32 -33.00 14.53
CA PRO B 119 1.59 -33.38 13.91
C PRO B 119 2.77 -32.98 14.77
N MET B 120 3.89 -33.70 14.61
CA MET B 120 5.06 -33.48 15.44
C MET B 120 5.61 -32.07 15.15
N ARG B 121 5.59 -31.66 13.88
CA ARG B 121 6.15 -30.38 13.50
C ARG B 121 5.28 -29.25 14.05
N SER B 122 3.98 -29.50 14.20
CA SER B 122 3.05 -28.49 14.69
C SER B 122 3.20 -28.33 16.21
N LEU B 123 3.29 -29.46 16.92
CA LEU B 123 3.55 -29.43 18.36
C LEU B 123 4.88 -28.72 18.63
N ALA B 124 5.91 -29.05 17.83
CA ALA B 124 7.21 -28.45 17.97
C ALA B 124 7.10 -26.93 17.91
N THR B 125 6.51 -26.43 16.83
CA THR B 125 6.45 -25.00 16.60
C THR B 125 5.66 -24.31 17.70
N GLY B 126 4.52 -24.90 18.07
CA GLY B 126 3.65 -24.35 19.10
C GLY B 126 4.31 -24.42 20.47
N GLY B 127 4.99 -25.54 20.74
CA GLY B 127 5.77 -25.68 21.96
C GLY B 127 6.78 -24.55 22.08
N PHE B 128 7.62 -24.41 21.04
CA PHE B 128 8.73 -23.49 21.09
C PHE B 128 8.21 -22.06 21.19
N SER B 129 7.39 -21.65 20.24
CA SER B 129 6.98 -20.26 20.12
C SER B 129 6.22 -19.79 21.35
N ALA B 130 5.34 -20.64 21.88
CA ALA B 130 4.49 -20.28 23.00
C ALA B 130 5.32 -20.15 24.28
N PHE B 131 6.29 -21.05 24.46
CA PHE B 131 7.13 -21.03 25.65
C PHE B 131 8.18 -19.93 25.54
N ALA B 132 8.58 -19.60 24.31
CA ALA B 132 9.64 -18.63 24.11
C ALA B 132 9.13 -17.21 24.26
N ILE B 133 7.94 -16.94 23.70
CA ILE B 133 7.30 -15.64 23.80
C ILE B 133 6.65 -15.50 25.16
N GLY B 134 5.95 -16.54 25.59
CA GLY B 134 5.28 -16.56 26.88
C GLY B 134 6.23 -16.19 28.02
N ASN B 135 7.43 -16.75 28.00
CA ASN B 135 8.38 -16.57 29.08
C ASN B 135 8.95 -15.16 29.05
N ALA B 136 9.07 -14.59 27.84
CA ALA B 136 9.75 -13.33 27.66
C ALA B 136 8.83 -12.19 28.05
N VAL B 137 7.70 -12.07 27.33
CA VAL B 137 6.84 -10.90 27.44
C VAL B 137 5.72 -11.18 28.44
N GLY B 138 5.51 -12.45 28.79
CA GLY B 138 4.53 -12.79 29.82
C GLY B 138 3.11 -12.48 29.37
N LEU B 139 2.50 -11.47 30.00
CA LEU B 139 1.10 -11.14 29.79
C LEU B 139 0.95 -9.87 28.94
N SER B 140 1.98 -9.01 28.97
CA SER B 140 1.89 -7.67 28.37
C SER B 140 1.41 -7.75 26.92
N LEU B 141 2.26 -8.32 26.05
CA LEU B 141 1.93 -8.47 24.64
C LEU B 141 1.41 -9.89 24.43
N LEU B 142 1.83 -10.54 23.34
CA LEU B 142 1.30 -11.85 22.97
C LEU B 142 1.71 -12.88 24.02
N SER B 143 0.74 -13.63 24.54
CA SER B 143 0.97 -14.61 25.60
C SER B 143 1.02 -16.02 25.02
N GLY B 144 1.35 -16.99 25.88
CA GLY B 144 1.50 -18.38 25.48
C GLY B 144 0.21 -18.96 24.90
N GLY B 145 -0.90 -18.75 25.61
CA GLY B 145 -2.20 -19.23 25.17
C GLY B 145 -2.58 -18.67 23.80
N SER B 146 -2.38 -17.36 23.62
CA SER B 146 -2.76 -16.66 22.40
C SER B 146 -1.98 -17.18 21.21
N VAL B 147 -0.72 -17.58 21.43
CA VAL B 147 0.10 -18.18 20.40
C VAL B 147 -0.44 -19.57 20.08
N ARG B 148 -0.63 -20.39 21.13
CA ARG B 148 -1.13 -21.74 20.95
C ARG B 148 -2.44 -21.71 20.16
N TYR B 149 -3.34 -20.79 20.53
CA TYR B 149 -4.68 -20.77 19.96
C TYR B 149 -4.61 -20.47 18.46
N ARG B 150 -3.88 -19.41 18.09
CA ARG B 150 -3.67 -19.09 16.69
C ARG B 150 -3.13 -20.30 15.94
N LEU B 151 -2.01 -20.84 16.42
CA LEU B 151 -1.29 -21.92 15.75
C LEU B 151 -2.16 -23.18 15.63
N TYR B 152 -2.89 -23.52 16.69
CA TYR B 152 -3.58 -24.80 16.76
C TYR B 152 -5.04 -24.69 16.35
N SER B 153 -5.46 -23.52 15.85
CA SER B 153 -6.79 -23.38 15.28
C SER B 153 -6.81 -23.84 13.83
N ARG B 154 -5.64 -23.81 13.17
CA ARG B 154 -5.52 -24.21 11.77
C ARG B 154 -5.90 -25.68 11.61
N HIS B 155 -5.50 -26.51 12.57
CA HIS B 155 -5.66 -27.96 12.46
C HIS B 155 -7.03 -28.40 12.95
N GLY B 156 -7.85 -27.44 13.40
CA GLY B 156 -9.20 -27.73 13.84
C GLY B 156 -9.23 -28.31 15.24
N ILE B 157 -8.34 -27.82 16.11
CA ILE B 157 -8.40 -28.13 17.52
C ILE B 157 -9.39 -27.15 18.14
N GLY B 158 -10.25 -27.66 19.03
CA GLY B 158 -11.28 -26.86 19.66
C GLY B 158 -10.68 -25.83 20.63
N ALA B 159 -11.46 -24.77 20.89
CA ALA B 159 -11.03 -23.70 21.77
C ALA B 159 -10.91 -24.22 23.21
N ALA B 160 -11.78 -25.17 23.56
CA ALA B 160 -11.80 -25.75 24.89
C ALA B 160 -10.54 -26.57 25.11
N GLU B 161 -10.20 -27.41 24.13
CA GLU B 161 -9.04 -28.27 24.19
C GLU B 161 -7.79 -27.42 24.42
N ILE B 162 -7.60 -26.42 23.55
CA ILE B 162 -6.42 -25.58 23.61
C ILE B 162 -6.32 -24.91 24.98
N ALA B 163 -7.44 -24.40 25.49
CA ALA B 163 -7.45 -23.79 26.81
C ALA B 163 -6.96 -24.79 27.86
N ARG B 164 -7.34 -26.06 27.68
CA ARG B 164 -7.02 -27.12 28.61
C ARG B 164 -5.56 -27.53 28.45
N MET B 165 -5.02 -27.28 27.24
CA MET B 165 -3.60 -27.49 26.98
C MET B 165 -2.78 -26.35 27.58
N THR B 166 -3.31 -25.14 27.54
CA THR B 166 -2.62 -23.99 28.10
C THR B 166 -2.54 -24.14 29.61
N LEU B 167 -3.68 -24.40 30.24
CA LEU B 167 -3.75 -24.49 31.69
C LEU B 167 -2.78 -25.56 32.20
N PHE B 168 -2.73 -26.69 31.51
CA PHE B 168 -1.89 -27.80 31.93
C PHE B 168 -0.41 -27.44 31.78
N ALA B 169 -0.09 -26.66 30.76
CA ALA B 169 1.28 -26.26 30.50
C ALA B 169 1.78 -25.33 31.61
N SER B 170 0.88 -24.47 32.10
CA SER B 170 1.22 -23.49 33.12
C SER B 170 1.25 -24.15 34.50
N LEU B 171 0.11 -24.69 34.92
CA LEU B 171 -0.07 -25.16 36.28
C LEU B 171 0.96 -26.24 36.64
N SER B 172 1.39 -27.04 35.65
CA SER B 172 2.24 -28.19 35.94
C SER B 172 3.60 -27.74 36.47
N LEU B 173 4.15 -26.64 35.93
CA LEU B 173 5.36 -26.05 36.47
C LEU B 173 5.05 -25.42 37.82
N GLY B 174 4.02 -24.58 37.87
CA GLY B 174 3.64 -23.86 39.07
C GLY B 174 3.54 -24.78 40.28
N CYS B 175 2.91 -25.95 40.10
CA CYS B 175 2.58 -26.83 41.21
C CYS B 175 3.74 -27.79 41.51
N ALA B 176 4.69 -27.91 40.57
CA ALA B 176 5.87 -28.75 40.76
C ALA B 176 6.99 -27.98 41.46
N LEU B 177 6.91 -26.64 41.40
CA LEU B 177 7.97 -25.77 41.84
C LEU B 177 8.17 -25.88 43.35
N PRO B 178 7.09 -25.95 44.17
CA PRO B 178 7.24 -26.22 45.61
C PRO B 178 7.85 -27.57 45.95
N VAL B 179 7.44 -28.61 45.21
CA VAL B 179 7.93 -29.95 45.45
C VAL B 179 9.42 -30.01 45.11
N LEU B 180 9.77 -29.52 43.91
CA LEU B 180 11.16 -29.52 43.46
C LEU B 180 12.03 -28.75 44.47
N ALA B 181 11.52 -27.62 44.95
CA ALA B 181 12.26 -26.79 45.88
C ALA B 181 12.52 -27.56 47.17
N ALA B 182 11.44 -28.13 47.75
CA ALA B 182 11.53 -28.85 48.99
C ALA B 182 12.57 -29.97 48.88
N LEU B 183 12.49 -30.75 47.80
CA LEU B 183 13.41 -31.85 47.58
C LEU B 183 14.84 -31.33 47.52
N ALA B 184 15.06 -30.23 46.78
CA ALA B 184 16.38 -29.66 46.61
C ALA B 184 16.97 -29.33 47.97
N ALA B 185 16.16 -28.68 48.81
CA ALA B 185 16.58 -28.26 50.14
C ALA B 185 16.91 -29.46 51.03
N LEU B 186 16.32 -30.62 50.70
CA LEU B 186 16.40 -31.79 51.57
C LEU B 186 17.68 -32.57 51.32
N CYS B 187 18.42 -32.21 50.26
CA CYS B 187 19.77 -32.70 50.06
C CYS B 187 20.76 -31.67 50.61
N ASP B 188 21.63 -32.11 51.54
CA ASP B 188 22.59 -31.23 52.19
C ASP B 188 21.84 -30.04 52.81
N LEU B 189 21.16 -30.30 53.93
CA LEU B 189 20.36 -29.30 54.61
C LEU B 189 21.24 -28.15 55.12
N ASP B 190 22.48 -28.48 55.53
CA ASP B 190 23.40 -27.50 56.07
C ASP B 190 23.68 -26.41 55.04
N ASP B 191 23.88 -26.81 53.78
CA ASP B 191 24.20 -25.89 52.70
C ASP B 191 22.98 -25.02 52.37
N ALA B 192 21.79 -25.65 52.39
CA ALA B 192 20.55 -24.95 52.12
C ALA B 192 20.28 -23.93 53.23
N ALA B 193 20.57 -24.33 54.48
CA ALA B 193 20.37 -23.47 55.63
C ALA B 193 21.29 -22.25 55.57
N SER B 194 22.54 -22.48 55.13
CA SER B 194 23.54 -21.42 55.04
C SER B 194 23.18 -20.44 53.92
N ALA B 195 22.56 -20.94 52.85
CA ALA B 195 22.21 -20.13 51.71
C ALA B 195 21.04 -19.21 52.05
N LEU B 196 20.04 -19.75 52.76
CA LEU B 196 18.85 -19.00 53.12
C LEU B 196 19.08 -18.22 54.43
N HIS B 197 20.18 -18.53 55.14
CA HIS B 197 20.51 -17.92 56.41
C HIS B 197 19.42 -18.21 57.45
N LEU B 198 18.85 -19.42 57.38
CA LEU B 198 17.82 -19.85 58.31
C LEU B 198 18.35 -20.98 59.17
N PRO B 199 17.68 -21.31 60.31
CA PRO B 199 18.03 -22.50 61.10
C PRO B 199 17.83 -23.79 60.31
N ARG B 200 18.67 -24.79 60.61
CA ARG B 200 18.65 -26.06 59.90
C ARG B 200 17.36 -26.81 60.22
N ALA B 201 16.90 -26.68 61.47
CA ALA B 201 15.69 -27.37 61.92
C ALA B 201 14.47 -26.80 61.19
N LEU B 202 14.44 -25.48 60.98
CA LEU B 202 13.29 -24.81 60.39
C LEU B 202 13.11 -25.27 58.95
N VAL B 203 14.18 -25.15 58.15
CA VAL B 203 14.13 -25.49 56.73
C VAL B 203 13.88 -26.98 56.54
N ALA B 204 14.30 -27.78 57.54
CA ALA B 204 14.04 -29.22 57.52
C ALA B 204 12.54 -29.49 57.63
N VAL B 205 11.90 -28.89 58.64
CA VAL B 205 10.49 -29.16 58.92
C VAL B 205 9.63 -28.58 57.80
N ILE B 206 10.03 -27.46 57.22
CA ILE B 206 9.27 -26.84 56.15
C ILE B 206 9.26 -27.77 54.94
N ALA B 207 10.43 -28.29 54.58
CA ALA B 207 10.56 -29.21 53.46
C ALA B 207 9.69 -30.44 53.68
N ILE B 208 9.78 -31.01 54.89
CA ILE B 208 9.02 -32.20 55.26
C ILE B 208 7.52 -31.88 55.14
N ALA B 209 7.11 -30.74 55.72
CA ALA B 209 5.72 -30.34 55.70
C ALA B 209 5.19 -30.27 54.27
N VAL B 210 6.00 -29.69 53.38
CA VAL B 210 5.60 -29.49 51.99
C VAL B 210 5.41 -30.84 51.30
N LEU B 211 6.36 -31.76 51.52
CA LEU B 211 6.28 -33.09 50.92
C LEU B 211 5.07 -33.85 51.49
N SER B 212 4.86 -33.74 52.80
CA SER B 212 3.76 -34.44 53.46
C SER B 212 2.42 -33.94 52.93
N LEU B 213 2.32 -32.61 52.74
CA LEU B 213 1.09 -31.99 52.26
C LEU B 213 0.83 -32.42 50.82
N ALA B 214 1.90 -32.53 50.03
CA ALA B 214 1.80 -32.98 48.64
C ALA B 214 1.28 -34.41 48.58
N VAL B 215 1.85 -35.28 49.43
CA VAL B 215 1.43 -36.68 49.49
C VAL B 215 -0.02 -36.76 49.94
N GLY B 216 -0.38 -35.97 50.95
CA GLY B 216 -1.73 -35.96 51.50
C GLY B 216 -2.77 -35.47 50.49
N LEU B 217 -2.38 -34.51 49.66
CA LEU B 217 -3.23 -34.00 48.59
C LEU B 217 -3.43 -35.09 47.53
N VAL B 218 -2.32 -35.71 47.10
CA VAL B 218 -2.36 -36.75 46.10
C VAL B 218 -3.29 -37.88 46.56
N ALA B 219 -3.19 -38.25 47.84
CA ALA B 219 -3.99 -39.33 48.39
C ALA B 219 -5.47 -38.94 48.43
N PHE B 220 -5.75 -37.65 48.66
CA PHE B 220 -7.11 -37.17 48.80
C PHE B 220 -7.82 -37.19 47.45
N LEU B 221 -7.16 -36.67 46.41
CA LEU B 221 -7.75 -36.60 45.08
C LEU B 221 -7.81 -37.98 44.45
N ALA B 222 -6.96 -38.91 44.92
CA ALA B 222 -6.98 -40.28 44.47
C ALA B 222 -8.18 -41.02 45.09
N ARG B 223 -8.63 -40.56 46.25
CA ARG B 223 -9.75 -41.15 46.96
C ARG B 223 -11.04 -41.01 46.16
N HIS B 224 -11.22 -39.83 45.55
CA HIS B 224 -12.46 -39.51 44.84
C HIS B 224 -12.31 -39.75 43.34
N ARG B 225 -11.53 -40.77 42.97
CA ARG B 225 -11.32 -41.12 41.58
C ARG B 225 -12.50 -41.97 41.09
N LEU B 226 -13.34 -41.37 40.24
CA LEU B 226 -14.48 -42.07 39.66
C LEU B 226 -13.97 -43.06 38.61
N PRO B 227 -14.28 -44.37 38.73
CA PRO B 227 -13.89 -45.35 37.72
C PRO B 227 -14.83 -45.37 36.52
N GLY B 228 -14.47 -46.16 35.50
CA GLY B 228 -15.30 -46.34 34.32
C GLY B 228 -14.92 -45.37 33.21
N GLU B 229 -15.34 -44.11 33.36
CA GLU B 229 -15.20 -43.11 32.31
C GLU B 229 -13.83 -42.43 32.42
N ARG B 230 -13.26 -42.11 31.25
CA ARG B 230 -11.98 -41.41 31.15
C ARG B 230 -12.02 -40.50 29.93
N PRO B 231 -11.97 -39.16 30.11
CA PRO B 231 -12.00 -38.22 28.98
C PRO B 231 -10.94 -38.52 27.92
N SER B 232 -9.71 -38.79 28.38
CA SER B 232 -8.62 -39.17 27.52
C SER B 232 -7.94 -40.41 28.08
N PRO B 233 -7.15 -41.16 27.27
CA PRO B 233 -6.36 -42.28 27.77
C PRO B 233 -5.61 -41.97 29.08
N ASP B 234 -5.02 -40.78 29.14
CA ASP B 234 -4.19 -40.37 30.27
C ASP B 234 -4.89 -39.24 31.02
N SER B 235 -5.97 -39.57 31.73
CA SER B 235 -6.69 -38.61 32.56
C SER B 235 -7.60 -39.34 33.53
N LEU B 236 -8.02 -38.61 34.57
CA LEU B 236 -9.01 -39.08 35.52
C LEU B 236 -10.10 -38.02 35.63
N LEU B 237 -11.32 -38.44 35.99
CA LEU B 237 -12.38 -37.52 36.38
C LEU B 237 -12.73 -37.76 37.84
N VAL B 238 -12.45 -36.76 38.68
CA VAL B 238 -12.72 -36.86 40.11
C VAL B 238 -13.93 -35.99 40.44
N ARG B 239 -14.62 -36.33 41.54
CA ARG B 239 -15.83 -35.65 41.95
C ARG B 239 -15.67 -35.20 43.40
N LEU B 240 -16.14 -33.99 43.70
CA LEU B 240 -16.07 -33.46 45.06
C LEU B 240 -17.44 -33.00 45.57
N GLY B 241 -18.47 -33.05 44.71
CA GLY B 241 -19.83 -32.70 45.10
C GLY B 241 -20.46 -31.68 44.17
N ARG B 242 -19.71 -30.61 43.87
CA ARG B 242 -20.23 -29.48 43.10
C ARG B 242 -19.82 -29.63 41.63
N ARG B 243 -18.52 -29.74 41.39
CA ARG B 243 -17.95 -29.73 40.04
C ARG B 243 -17.09 -30.97 39.85
N SER B 244 -17.05 -31.49 38.61
CA SER B 244 -16.13 -32.54 38.23
C SER B 244 -14.81 -31.91 37.81
N LEU B 245 -13.69 -32.58 38.14
CA LEU B 245 -12.37 -32.05 37.89
C LEU B 245 -11.56 -33.07 37.09
N ARG B 246 -10.84 -32.59 36.08
CA ARG B 246 -10.09 -33.46 35.18
C ARG B 246 -8.59 -33.35 35.48
N LEU B 247 -8.04 -34.46 36.01
CA LEU B 247 -6.65 -34.49 36.45
C LEU B 247 -5.87 -35.47 35.58
N PRO B 248 -4.53 -35.28 35.41
CA PRO B 248 -3.69 -36.24 34.70
C PRO B 248 -3.66 -37.58 35.44
N GLY B 249 -3.20 -38.62 34.73
CA GLY B 249 -3.02 -39.93 35.31
C GLY B 249 -1.67 -40.04 36.03
N LEU B 250 -1.51 -41.11 36.81
CA LEU B 250 -0.28 -41.37 37.55
C LEU B 250 0.92 -41.27 36.62
N ARG B 251 0.86 -42.04 35.52
CA ARG B 251 1.95 -42.11 34.56
C ARG B 251 2.24 -40.72 33.98
N LEU B 252 1.18 -39.96 33.69
CA LEU B 252 1.36 -38.65 33.07
C LEU B 252 1.85 -37.64 34.12
N SER B 253 1.41 -37.81 35.37
CA SER B 253 1.83 -36.94 36.45
C SER B 253 3.33 -37.12 36.72
N LEU B 254 3.76 -38.38 36.82
CA LEU B 254 5.17 -38.69 36.99
C LEU B 254 5.96 -38.08 35.84
N LEU B 255 5.59 -38.42 34.60
CA LEU B 255 6.34 -37.97 33.44
C LEU B 255 6.44 -36.44 33.45
N GLN B 256 5.35 -35.76 33.78
CA GLN B 256 5.35 -34.31 33.78
C GLN B 256 6.35 -33.78 34.79
N LEU B 257 6.42 -34.43 35.97
CA LEU B 257 7.31 -34.03 37.05
C LEU B 257 8.77 -34.23 36.62
N LEU B 258 9.02 -35.32 35.87
CA LEU B 258 10.36 -35.63 35.38
C LEU B 258 10.77 -34.61 34.31
N ILE B 259 9.83 -34.21 33.45
CA ILE B 259 10.08 -33.19 32.45
C ILE B 259 10.37 -31.86 33.16
N THR B 260 9.53 -31.51 34.13
CA THR B 260 9.67 -30.24 34.84
C THR B 260 11.02 -30.18 35.55
N ALA B 261 11.44 -31.33 36.10
CA ALA B 261 12.70 -31.42 36.82
C ALA B 261 13.86 -31.08 35.89
N LEU B 262 13.92 -31.78 34.75
CA LEU B 262 14.99 -31.58 33.78
C LEU B 262 14.98 -30.14 33.27
N ASP B 263 13.79 -29.56 33.09
CA ASP B 263 13.70 -28.24 32.49
C ASP B 263 14.33 -27.20 33.42
N VAL B 264 13.91 -27.25 34.69
CA VAL B 264 14.45 -26.36 35.71
C VAL B 264 15.96 -26.55 35.76
N ALA B 265 16.40 -27.76 36.09
CA ALA B 265 17.83 -28.06 36.13
C ALA B 265 18.54 -27.40 34.94
N ALA B 266 18.03 -27.64 33.74
CA ALA B 266 18.67 -27.15 32.52
C ALA B 266 18.79 -25.63 32.54
N ALA B 267 17.74 -24.96 33.02
CA ALA B 267 17.71 -23.50 33.08
C ALA B 267 18.70 -22.98 34.13
N ALA B 268 18.64 -23.58 35.33
CA ALA B 268 19.57 -23.26 36.39
C ALA B 268 21.00 -23.51 35.93
N THR B 269 21.23 -24.58 35.15
CA THR B 269 22.55 -24.92 34.66
C THR B 269 23.11 -23.84 33.73
N VAL B 270 22.23 -23.17 32.97
CA VAL B 270 22.66 -22.08 32.10
C VAL B 270 23.33 -21.00 32.94
N LEU B 271 22.78 -20.75 34.13
CA LEU B 271 23.29 -19.71 35.01
C LEU B 271 24.52 -20.23 35.75
N TYR B 272 24.52 -21.51 36.11
CA TYR B 272 25.58 -22.09 36.92
C TYR B 272 26.91 -22.12 36.19
N LEU B 273 26.86 -22.23 34.86
CA LEU B 273 28.06 -22.33 34.06
C LEU B 273 28.71 -20.96 33.87
N LEU B 274 27.89 -19.90 33.95
CA LEU B 274 28.38 -18.55 33.72
C LEU B 274 28.99 -17.96 35.00
N LEU B 275 29.00 -18.72 36.10
CA LEU B 275 29.62 -18.29 37.34
C LEU B 275 31.04 -18.83 37.42
N PRO B 276 32.07 -17.93 37.54
CA PRO B 276 33.43 -18.36 37.83
C PRO B 276 33.55 -19.24 39.07
N GLU B 277 33.07 -18.73 40.22
CA GLU B 277 33.11 -19.47 41.46
C GLU B 277 31.67 -19.74 41.89
N THR B 278 31.39 -20.99 42.26
CA THR B 278 30.03 -21.48 42.38
C THR B 278 29.80 -22.07 43.78
N PRO B 279 28.58 -21.94 44.34
CA PRO B 279 28.22 -22.63 45.57
C PRO B 279 27.83 -24.08 45.30
N PRO B 280 27.56 -24.91 46.33
CA PRO B 280 27.01 -26.24 46.13
C PRO B 280 25.69 -26.19 45.36
N PHE B 281 25.53 -27.11 44.40
CA PHE B 281 24.48 -27.02 43.41
C PHE B 281 23.10 -27.14 44.05
N ALA B 282 23.01 -27.97 45.09
CA ALA B 282 21.75 -28.15 45.80
C ALA B 282 21.19 -26.79 46.21
N ALA B 283 21.99 -26.03 46.97
CA ALA B 283 21.59 -24.74 47.51
C ALA B 283 21.33 -23.75 46.38
N PHE B 284 22.17 -23.82 45.33
CA PHE B 284 22.05 -22.93 44.20
C PHE B 284 20.75 -23.16 43.45
N LEU B 285 20.35 -24.43 43.33
CA LEU B 285 19.09 -24.78 42.68
C LEU B 285 17.94 -24.26 43.54
N LEU B 286 18.01 -24.54 44.85
CA LEU B 286 16.96 -24.14 45.77
C LEU B 286 16.68 -22.65 45.61
N VAL B 287 17.75 -21.84 45.62
CA VAL B 287 17.61 -20.40 45.53
C VAL B 287 16.99 -20.04 44.18
N TYR B 288 17.47 -20.67 43.11
CA TYR B 288 17.01 -20.34 41.77
C TYR B 288 15.51 -20.57 41.63
N LEU B 289 15.01 -21.65 42.26
CA LEU B 289 13.60 -22.00 42.22
C LEU B 289 12.76 -20.96 42.98
N LEU B 290 13.29 -20.50 44.13
CA LEU B 290 12.60 -19.50 44.94
C LEU B 290 12.54 -18.18 44.18
N ALA B 291 13.68 -17.78 43.59
CA ALA B 291 13.74 -16.57 42.79
C ALA B 291 12.76 -16.66 41.62
N LEU B 292 12.65 -17.86 41.04
CA LEU B 292 11.76 -18.09 39.92
C LEU B 292 10.30 -17.95 40.38
N ALA B 293 10.00 -18.53 41.54
CA ALA B 293 8.67 -18.40 42.11
C ALA B 293 8.33 -16.93 42.28
N ALA B 294 9.20 -16.21 43.02
CA ALA B 294 9.01 -14.80 43.31
C ALA B 294 8.75 -14.02 42.03
N GLY B 295 9.52 -14.34 40.98
CA GLY B 295 9.37 -13.69 39.69
C GLY B 295 7.99 -13.94 39.08
N VAL B 296 7.48 -15.16 39.24
CA VAL B 296 6.19 -15.56 38.67
C VAL B 296 5.07 -14.87 39.44
N LEU B 297 5.09 -14.99 40.77
CA LEU B 297 4.07 -14.40 41.62
C LEU B 297 3.97 -12.91 41.38
N SER B 298 5.12 -12.24 41.20
CA SER B 298 5.17 -10.80 41.08
C SER B 298 4.47 -10.30 39.81
N HIS B 299 4.23 -11.22 38.86
CA HIS B 299 3.52 -10.90 37.63
C HIS B 299 4.25 -9.80 36.85
N VAL B 300 5.58 -9.76 36.99
CA VAL B 300 6.42 -8.92 36.16
C VAL B 300 6.68 -9.67 34.86
N PRO B 301 6.48 -9.04 33.68
CA PRO B 301 6.40 -9.74 32.40
C PRO B 301 7.48 -10.80 32.19
N GLY B 302 8.75 -10.41 32.31
CA GLY B 302 9.86 -11.32 32.14
C GLY B 302 10.24 -12.05 33.43
N GLY B 303 9.77 -11.51 34.57
CA GLY B 303 10.33 -11.85 35.87
C GLY B 303 11.49 -10.94 36.22
N VAL B 304 11.75 -9.96 35.33
CA VAL B 304 12.92 -9.12 35.44
C VAL B 304 12.83 -8.26 36.69
N GLY B 305 13.98 -8.05 37.35
CA GLY B 305 14.07 -7.24 38.54
C GLY B 305 13.94 -8.09 39.81
N VAL B 306 12.82 -8.81 39.92
CA VAL B 306 12.53 -9.59 41.12
C VAL B 306 13.42 -10.82 41.16
N PHE B 307 13.60 -11.48 40.00
CA PHE B 307 14.48 -12.62 39.90
C PHE B 307 15.89 -12.22 40.31
N GLU B 308 16.44 -11.21 39.63
CA GLU B 308 17.80 -10.76 39.86
C GLU B 308 17.98 -10.35 41.31
N ALA B 309 17.02 -9.58 41.84
CA ALA B 309 17.07 -9.09 43.21
C ALA B 309 17.31 -10.23 44.19
N VAL B 310 16.60 -11.34 43.99
CA VAL B 310 16.62 -12.46 44.92
C VAL B 310 17.96 -13.20 44.84
N LEU B 311 18.36 -13.57 43.62
CA LEU B 311 19.67 -14.14 43.36
C LEU B 311 20.74 -13.27 44.02
N LEU B 312 20.75 -11.97 43.68
CA LEU B 312 21.72 -11.03 44.21
C LEU B 312 21.70 -11.07 45.74
N ALA B 313 20.52 -10.94 46.32
CA ALA B 313 20.37 -10.98 47.76
C ALA B 313 21.08 -12.20 48.34
N ALA B 314 20.74 -13.38 47.82
CA ALA B 314 21.26 -14.63 48.34
C ALA B 314 22.79 -14.65 48.29
N PHE B 315 23.35 -14.37 47.10
CA PHE B 315 24.78 -14.56 46.88
C PHE B 315 25.46 -13.21 46.61
N ALA B 316 25.19 -12.23 47.47
CA ALA B 316 25.85 -10.94 47.38
C ALA B 316 27.33 -11.12 47.71
N GLY B 317 27.59 -11.63 48.93
CA GLY B 317 28.94 -11.65 49.49
C GLY B 317 29.72 -12.90 49.10
N GLN B 318 29.02 -14.04 49.05
CA GLN B 318 29.69 -15.32 48.88
C GLN B 318 30.41 -15.35 47.53
N LEU B 319 29.74 -14.86 46.49
CA LEU B 319 30.22 -14.97 45.12
C LEU B 319 30.86 -13.66 44.65
N GLY B 320 30.41 -12.53 45.21
CA GLY B 320 30.81 -11.22 44.75
C GLY B 320 29.83 -10.66 43.74
N ALA B 321 29.69 -9.33 43.72
CA ALA B 321 28.62 -8.68 42.96
C ALA B 321 28.87 -8.81 41.47
N ALA B 322 30.10 -8.48 41.03
CA ALA B 322 30.39 -8.32 39.62
C ALA B 322 30.23 -9.64 38.87
N PRO B 323 30.82 -10.75 39.34
CA PRO B 323 30.64 -12.04 38.66
C PRO B 323 29.17 -12.43 38.55
N LEU B 324 28.44 -12.29 39.66
CA LEU B 324 27.04 -12.69 39.74
C LEU B 324 26.19 -11.80 38.83
N ALA B 325 26.46 -10.49 38.87
CA ALA B 325 25.68 -9.52 38.10
C ALA B 325 25.96 -9.68 36.61
N ALA B 326 27.16 -10.13 36.26
CA ALA B 326 27.50 -10.42 34.88
C ALA B 326 26.79 -11.70 34.42
N ALA B 327 26.83 -12.73 35.28
CA ALA B 327 26.17 -13.99 35.01
C ALA B 327 24.67 -13.78 34.80
N LEU B 328 24.06 -12.92 35.62
CA LEU B 328 22.61 -12.72 35.62
C LEU B 328 22.19 -11.99 34.35
N LEU B 329 23.03 -11.08 33.89
CA LEU B 329 22.77 -10.36 32.66
C LEU B 329 22.86 -11.32 31.47
N LEU B 330 23.96 -12.09 31.41
CA LEU B 330 24.19 -13.02 30.32
C LEU B 330 23.10 -14.09 30.32
N TYR B 331 22.68 -14.53 31.51
CA TYR B 331 21.63 -15.52 31.63
C TYR B 331 20.34 -14.99 31.00
N ARG B 332 20.04 -13.70 31.23
CA ARG B 332 18.85 -13.09 30.68
C ARG B 332 18.92 -13.04 29.16
N LEU B 333 20.08 -12.66 28.61
CA LEU B 333 20.24 -12.55 27.18
C LEU B 333 20.06 -13.92 26.53
N ILE B 334 20.72 -14.94 27.09
CA ILE B 334 20.85 -16.21 26.43
C ILE B 334 19.56 -17.01 26.57
N TYR B 335 19.01 -17.08 27.78
CA TYR B 335 17.91 -18.00 28.05
C TYR B 335 16.56 -17.36 27.81
N VAL B 336 16.49 -16.03 27.73
CA VAL B 336 15.22 -15.33 27.66
C VAL B 336 15.12 -14.58 26.33
N VAL B 337 16.00 -13.60 26.12
CA VAL B 337 15.92 -12.72 24.98
C VAL B 337 16.20 -13.52 23.69
N LEU B 338 17.20 -14.39 23.71
CA LEU B 338 17.62 -15.05 22.48
C LEU B 338 16.48 -15.89 21.91
N PRO B 339 15.95 -16.89 22.64
CA PRO B 339 14.86 -17.72 22.11
C PRO B 339 13.62 -16.93 21.71
N LEU B 340 13.42 -15.75 22.32
CA LEU B 340 12.31 -14.89 21.95
C LEU B 340 12.51 -14.38 20.54
N LEU B 341 13.72 -13.90 20.24
CA LEU B 341 14.03 -13.39 18.92
C LEU B 341 13.90 -14.53 17.90
N LEU B 342 14.44 -15.71 18.23
CA LEU B 342 14.35 -16.85 17.33
C LEU B 342 12.87 -17.18 17.08
N ALA B 343 12.08 -17.27 18.14
CA ALA B 343 10.66 -17.55 17.99
C ALA B 343 10.00 -16.49 17.12
N CYS B 344 10.27 -15.22 17.41
CA CYS B 344 9.72 -14.12 16.64
C CYS B 344 10.06 -14.30 15.16
N LEU B 345 11.33 -14.59 14.88
CA LEU B 345 11.77 -14.74 13.50
C LEU B 345 11.03 -15.91 12.86
N LEU B 346 11.02 -17.05 13.54
CA LEU B 346 10.41 -18.27 13.03
C LEU B 346 8.95 -18.04 12.65
N LEU B 347 8.20 -17.32 13.50
CA LEU B 347 6.79 -17.07 13.23
C LEU B 347 6.64 -16.09 12.06
N LEU B 348 7.53 -15.10 11.96
CA LEU B 348 7.51 -14.18 10.83
C LEU B 348 7.85 -14.94 9.56
N PHE B 349 8.78 -15.90 9.66
CA PHE B 349 9.20 -16.65 8.50
C PHE B 349 8.01 -17.44 7.94
N LEU B 350 7.32 -18.15 8.83
CA LEU B 350 6.18 -18.95 8.45
C LEU B 350 5.08 -18.08 7.88
N GLU B 351 4.93 -16.85 8.40
CA GLU B 351 3.94 -15.91 7.88
C GLU B 351 4.33 -15.53 6.46
N ALA B 352 5.59 -15.13 6.29
CA ALA B 352 6.11 -14.71 5.01
C ALA B 352 5.93 -15.82 3.99
N ARG B 353 6.25 -17.06 4.38
CA ARG B 353 6.11 -18.20 3.50
C ARG B 353 4.66 -18.34 3.07
N ARG B 354 3.74 -18.31 4.04
CA ARG B 354 2.32 -18.47 3.77
C ARG B 354 1.84 -17.41 2.78
N LEU B 355 2.37 -16.18 2.89
CA LEU B 355 1.99 -15.11 1.98
C LEU B 355 2.52 -15.40 0.59
N TRP B 356 3.73 -15.96 0.50
CA TRP B 356 4.36 -16.24 -0.78
C TRP B 356 3.64 -17.37 -1.52
N VAL B 357 3.32 -18.46 -0.82
CA VAL B 357 2.78 -19.65 -1.47
C VAL B 357 1.27 -19.51 -1.65
N THR B 358 0.55 -19.13 -0.58
CA THR B 358 -0.89 -18.99 -0.65
C THR B 358 -1.24 -17.52 -0.82
N ARG B 359 -1.09 -17.02 -2.05
CA ARG B 359 -1.33 -15.63 -2.36
C ARG B 359 -2.83 -15.38 -2.54
N GLN B 360 -3.51 -16.38 -3.13
CA GLN B 360 -4.91 -16.27 -3.48
C GLN B 360 -5.79 -16.46 -2.24
N ALA B 361 -5.44 -17.48 -1.43
CA ALA B 361 -6.24 -17.86 -0.27
C ALA B 361 -6.27 -16.74 0.75
N ILE B 362 -5.08 -16.25 1.13
CA ILE B 362 -4.96 -15.16 2.08
C ILE B 362 -5.35 -13.86 1.37
N ARG B 363 -6.28 -13.12 1.99
CA ARG B 363 -6.83 -11.92 1.39
C ARG B 363 -6.61 -10.72 2.31
N VAL B 364 -7.10 -10.81 3.54
CA VAL B 364 -7.16 -9.65 4.42
C VAL B 364 -5.95 -9.63 5.36
N ALA B 365 -5.34 -10.80 5.59
CA ALA B 365 -4.14 -10.89 6.40
C ALA B 365 -4.47 -10.55 7.85
N SER B 366 -4.80 -11.59 8.62
CA SER B 366 -4.85 -11.50 10.06
C SER B 366 -4.17 -12.73 10.67
N GLY B 367 -2.84 -12.62 10.82
CA GLY B 367 -1.98 -13.69 11.32
C GLY B 367 -1.04 -13.19 12.42
N PHE B 368 0.23 -13.60 12.34
CA PHE B 368 1.17 -13.40 13.44
C PHE B 368 2.02 -12.14 13.26
N ALA B 369 2.06 -11.58 12.06
CA ALA B 369 2.98 -10.50 11.79
C ALA B 369 2.72 -9.31 12.72
N ALA B 370 1.45 -8.98 12.95
CA ALA B 370 1.11 -7.75 13.64
C ALA B 370 1.56 -7.81 15.10
N PRO B 371 1.21 -8.84 15.90
CA PRO B 371 1.71 -8.97 17.26
C PRO B 371 3.23 -9.06 17.36
N ILE B 372 3.85 -9.88 16.52
CA ILE B 372 5.28 -10.09 16.57
C ILE B 372 5.99 -8.77 16.30
N LEU B 373 5.49 -8.01 15.33
CA LEU B 373 6.17 -6.78 14.95
C LEU B 373 5.93 -5.71 16.01
N ALA B 374 4.83 -5.80 16.76
CA ALA B 374 4.62 -4.89 17.87
C ALA B 374 5.69 -5.14 18.93
N ILE B 375 6.04 -6.41 19.16
CA ILE B 375 7.06 -6.77 20.14
C ILE B 375 8.40 -6.20 19.70
N LEU B 376 8.79 -6.44 18.45
CA LEU B 376 10.09 -6.02 17.96
C LEU B 376 10.21 -4.51 18.01
N VAL B 377 9.12 -3.81 17.67
CA VAL B 377 9.11 -2.36 17.71
C VAL B 377 9.19 -1.88 19.16
N PHE B 378 8.58 -2.61 20.09
CA PHE B 378 8.64 -2.23 21.49
C PHE B 378 10.08 -2.42 21.99
N LEU B 379 10.72 -3.51 21.57
CA LEU B 379 12.10 -3.77 21.95
C LEU B 379 13.02 -2.72 21.35
N SER B 380 12.73 -2.30 20.12
CA SER B 380 13.49 -1.25 19.47
C SER B 380 13.46 0.05 20.28
N GLY B 381 12.31 0.39 20.83
CA GLY B 381 12.19 1.55 21.69
C GLY B 381 12.96 1.38 23.00
N VAL B 382 13.06 0.14 23.48
CA VAL B 382 13.80 -0.15 24.70
C VAL B 382 15.28 0.04 24.43
N VAL B 383 15.74 -0.42 23.27
CA VAL B 383 17.14 -0.28 22.89
C VAL B 383 17.49 1.21 22.84
N LEU B 384 16.67 2.00 22.16
CA LEU B 384 16.93 3.42 22.03
C LEU B 384 17.05 4.08 23.40
N LEU B 385 16.18 3.70 24.34
CA LEU B 385 16.11 4.37 25.63
C LEU B 385 17.27 3.96 26.53
N PHE B 386 17.71 2.69 26.41
CA PHE B 386 18.80 2.21 27.24
C PHE B 386 20.11 2.74 26.68
N SER B 387 20.19 2.82 25.35
CA SER B 387 21.38 3.31 24.69
C SER B 387 21.68 4.73 25.19
N GLY B 388 20.62 5.54 25.29
CA GLY B 388 20.75 6.94 25.68
C GLY B 388 21.21 7.11 27.12
N ALA B 389 20.81 6.18 28.00
CA ALA B 389 21.12 6.29 29.42
C ALA B 389 22.59 5.96 29.67
N THR B 390 23.17 5.18 28.75
CA THR B 390 24.54 4.71 28.89
C THR B 390 25.48 5.69 28.20
N PRO B 391 26.66 6.01 28.80
CA PRO B 391 27.66 6.88 28.18
C PRO B 391 28.33 6.28 26.94
N ALA B 392 28.89 7.16 26.10
CA ALA B 392 29.41 6.79 24.79
C ALA B 392 30.88 6.41 24.90
N ILE B 393 31.40 5.76 23.84
CA ILE B 393 32.79 5.35 23.77
C ILE B 393 33.64 6.57 23.40
N ASP B 394 34.67 6.82 24.21
CA ASP B 394 35.47 8.03 24.08
C ASP B 394 36.12 8.09 22.71
N THR B 395 36.51 6.93 22.18
CA THR B 395 37.22 6.86 20.91
C THR B 395 36.30 7.30 19.77
N ARG B 396 35.06 6.81 19.77
CA ARG B 396 34.13 7.11 18.70
C ARG B 396 33.77 8.59 18.73
N LEU B 397 33.46 9.11 19.92
CA LEU B 397 33.12 10.52 20.05
C LEU B 397 34.27 11.37 19.53
N GLU B 398 35.49 10.97 19.86
CA GLU B 398 36.68 11.71 19.48
C GLU B 398 36.67 11.94 17.98
N HIS B 399 36.46 10.86 17.21
CA HIS B 399 36.57 10.91 15.76
C HIS B 399 35.31 11.50 15.14
N LEU B 400 34.14 11.17 15.68
CA LEU B 400 32.90 11.68 15.14
C LEU B 400 32.75 13.17 15.46
N GLY B 401 33.52 13.67 16.42
CA GLY B 401 33.57 15.10 16.71
C GLY B 401 34.11 15.90 15.52
N PHE B 402 34.95 15.26 14.70
CA PHE B 402 35.58 15.90 13.55
C PHE B 402 34.68 15.86 12.32
N LEU B 403 33.67 14.99 12.33
CA LEU B 403 32.81 14.82 11.17
C LEU B 403 31.50 15.60 11.33
N ILE B 404 31.10 15.85 12.58
CA ILE B 404 29.78 16.38 12.89
C ILE B 404 29.99 17.63 13.72
N PRO B 405 29.05 18.59 13.74
CA PRO B 405 29.05 19.65 14.77
C PRO B 405 28.76 19.09 16.15
N HIS B 406 29.54 19.50 17.14
CA HIS B 406 29.44 18.97 18.48
C HIS B 406 28.03 19.16 19.04
N ARG B 407 27.39 20.30 18.74
CA ARG B 407 26.07 20.57 19.29
C ARG B 407 25.00 19.77 18.57
N LEU B 408 25.36 19.02 17.52
CA LEU B 408 24.41 18.16 16.84
C LEU B 408 24.39 16.79 17.49
N ILE B 409 25.51 16.41 18.11
CA ILE B 409 25.56 15.21 18.90
C ILE B 409 24.53 15.31 20.03
N ASP B 410 24.49 16.47 20.69
CA ASP B 410 23.55 16.67 21.78
C ASP B 410 22.13 16.54 21.26
N ALA B 411 21.82 17.22 20.15
CA ALA B 411 20.48 17.22 19.59
C ALA B 411 20.07 15.82 19.17
N SER B 412 20.99 15.09 18.53
CA SER B 412 20.72 13.73 18.10
C SER B 412 20.41 12.86 19.31
N HIS B 413 21.17 13.05 20.38
CA HIS B 413 21.05 12.21 21.57
C HIS B 413 19.66 12.37 22.17
N LEU B 414 19.19 13.61 22.29
CA LEU B 414 17.88 13.88 22.89
C LEU B 414 16.77 13.33 21.99
N VAL B 415 16.84 13.61 20.70
CA VAL B 415 15.78 13.23 19.79
C VAL B 415 15.64 11.72 19.77
N ALA B 416 16.78 11.01 19.80
CA ALA B 416 16.75 9.56 19.76
C ALA B 416 15.97 9.00 20.96
N SER B 417 16.08 9.66 22.11
CA SER B 417 15.41 9.20 23.32
C SER B 417 13.92 9.45 23.26
N LEU B 418 13.49 10.51 22.56
CA LEU B 418 12.07 10.79 22.41
C LEU B 418 11.45 9.82 21.43
N ILE B 419 12.17 9.52 20.34
CA ILE B 419 11.73 8.53 19.37
C ILE B 419 11.57 7.18 20.07
N GLY B 420 12.47 6.90 21.02
CA GLY B 420 12.39 5.67 21.79
C GLY B 420 11.04 5.53 22.49
N VAL B 421 10.62 6.61 23.14
CA VAL B 421 9.37 6.64 23.87
C VAL B 421 8.21 6.47 22.90
N LEU B 422 8.24 7.18 21.78
CA LEU B 422 7.20 7.03 20.76
C LEU B 422 7.13 5.58 20.29
N CYS B 423 8.28 4.94 20.13
CA CYS B 423 8.32 3.56 19.67
C CYS B 423 7.60 2.64 20.67
N LEU B 424 7.74 2.92 21.96
CA LEU B 424 7.07 2.13 22.99
C LEU B 424 5.56 2.24 22.82
N LEU B 425 5.06 3.45 22.59
CA LEU B 425 3.63 3.68 22.52
C LEU B 425 3.06 3.20 21.19
N LEU B 426 3.79 3.40 20.09
CA LEU B 426 3.33 3.02 18.76
C LEU B 426 3.15 1.51 18.63
N ALA B 427 3.82 0.74 19.50
CA ALA B 427 3.72 -0.70 19.47
C ALA B 427 2.27 -1.14 19.54
N GLN B 428 1.46 -0.42 20.33
CA GLN B 428 0.04 -0.70 20.43
C GLN B 428 -0.63 -0.53 19.07
N GLY B 429 -0.48 0.66 18.47
CA GLY B 429 -1.06 0.95 17.17
C GLY B 429 -0.76 -0.14 16.14
N LEU B 430 0.47 -0.64 16.13
CA LEU B 430 0.84 -1.71 15.22
C LEU B 430 0.00 -2.95 15.51
N ARG B 431 -0.13 -3.30 16.80
CA ARG B 431 -0.90 -4.47 17.20
C ARG B 431 -2.32 -4.41 16.64
N ARG B 432 -2.92 -3.22 16.62
CA ARG B 432 -4.27 -3.02 16.13
C ARG B 432 -4.31 -2.80 14.61
N ARG B 433 -3.21 -3.07 13.91
CA ARG B 433 -3.16 -3.13 12.46
C ARG B 433 -3.49 -1.78 11.80
N LEU B 434 -3.08 -0.68 12.43
CA LEU B 434 -3.24 0.62 11.80
C LEU B 434 -2.15 0.87 10.77
N SER B 435 -2.55 1.24 9.55
CA SER B 435 -1.60 1.59 8.51
C SER B 435 -0.85 2.87 8.86
N ALA B 436 -1.53 3.82 9.50
CA ALA B 436 -0.86 5.02 9.98
C ALA B 436 0.30 4.63 10.87
N ALA B 437 0.04 3.71 11.80
CA ALA B 437 1.04 3.28 12.76
C ALA B 437 2.23 2.70 12.02
N TRP B 438 1.96 1.93 10.96
CA TRP B 438 3.00 1.26 10.20
C TRP B 438 3.93 2.28 9.56
N ALA B 439 3.34 3.28 8.91
CA ALA B 439 4.11 4.27 8.19
C ALA B 439 4.93 5.09 9.16
N LEU B 440 4.31 5.52 10.25
CA LEU B 440 4.95 6.42 11.20
C LEU B 440 6.09 5.70 11.89
N THR B 441 5.87 4.45 12.29
CA THR B 441 6.90 3.65 12.93
C THR B 441 8.11 3.55 12.01
N LEU B 442 7.85 3.16 10.76
CA LEU B 442 8.89 2.82 9.80
C LEU B 442 9.76 4.04 9.53
N VAL B 443 9.16 5.23 9.58
CA VAL B 443 9.87 6.49 9.47
C VAL B 443 10.73 6.71 10.72
N LEU B 444 10.14 6.56 11.90
CA LEU B 444 10.83 6.79 13.17
C LEU B 444 11.99 5.81 13.36
N LEU B 445 11.82 4.55 12.93
CA LEU B 445 12.89 3.57 13.03
C LEU B 445 14.07 3.98 12.17
N LEU B 446 13.80 4.52 10.97
CA LEU B 446 14.86 4.94 10.07
C LEU B 446 15.57 6.18 10.59
N VAL B 447 14.80 7.14 11.11
CA VAL B 447 15.39 8.33 11.69
C VAL B 447 16.14 7.95 12.96
N GLY B 448 15.55 7.06 13.77
CA GLY B 448 16.18 6.61 15.00
C GLY B 448 17.48 5.87 14.74
N ALA B 449 17.53 5.10 13.65
CA ALA B 449 18.73 4.40 13.25
C ALA B 449 19.79 5.40 12.80
N LEU B 450 19.34 6.50 12.20
CA LEU B 450 20.26 7.52 11.71
C LEU B 450 20.83 8.28 12.89
N LEU B 451 19.96 8.73 13.79
CA LEU B 451 20.41 9.51 14.94
C LEU B 451 21.19 8.63 15.89
N SER B 452 21.11 7.31 15.72
CA SER B 452 21.94 6.39 16.48
C SER B 452 23.39 6.51 16.02
N LEU B 453 23.59 6.72 14.72
CA LEU B 453 24.92 6.88 14.16
C LEU B 453 25.48 8.27 14.49
N LEU B 454 24.61 9.29 14.48
CA LEU B 454 25.06 10.66 14.69
C LEU B 454 25.28 10.92 16.18
N LYS B 455 24.73 10.06 17.03
CA LYS B 455 24.82 10.27 18.46
C LYS B 455 26.24 9.97 18.92
N GLY B 456 26.61 8.68 18.97
CA GLY B 456 27.93 8.26 19.38
C GLY B 456 28.50 7.17 18.47
N PHE B 457 28.11 7.23 17.19
CA PHE B 457 28.31 6.14 16.24
C PHE B 457 27.93 4.81 16.87
N ASP B 458 26.69 4.74 17.36
CA ASP B 458 26.13 3.52 17.91
C ASP B 458 25.63 2.66 16.76
N TRP B 459 26.56 1.93 16.14
CA TRP B 459 26.26 1.17 14.93
C TRP B 459 25.55 -0.13 15.26
N GLU B 460 25.56 -0.52 16.53
CA GLU B 460 24.86 -1.72 16.97
C GLU B 460 23.37 -1.40 17.13
N GLU B 461 23.07 -0.25 17.74
CA GLU B 461 21.70 0.21 17.90
C GLU B 461 21.11 0.45 16.51
N ALA B 462 21.88 1.16 15.66
CA ALA B 462 21.46 1.49 14.32
C ALA B 462 21.15 0.22 13.52
N SER B 463 21.95 -0.84 13.74
CA SER B 463 21.78 -2.07 12.98
C SER B 463 20.51 -2.79 13.40
N LEU B 464 20.22 -2.82 14.70
CA LEU B 464 19.01 -3.44 15.21
C LEU B 464 17.78 -2.72 14.65
N LEU B 465 17.79 -1.39 14.76
CA LEU B 465 16.67 -0.56 14.35
C LEU B 465 16.42 -0.72 12.86
N SER B 466 17.50 -0.74 12.06
CA SER B 466 17.38 -0.95 10.63
C SER B 466 16.73 -2.29 10.34
N LEU B 467 17.20 -3.33 11.04
CA LEU B 467 16.73 -4.68 10.80
C LEU B 467 15.25 -4.80 11.13
N THR B 468 14.83 -4.11 12.20
CA THR B 468 13.42 -4.06 12.58
C THR B 468 12.61 -3.38 11.47
N ALA B 469 13.16 -2.28 10.94
CA ALA B 469 12.50 -1.54 9.88
C ALA B 469 12.35 -2.42 8.63
N ALA B 470 13.40 -3.17 8.30
CA ALA B 470 13.37 -4.00 7.12
C ALA B 470 12.26 -5.06 7.24
N LEU B 471 12.09 -5.59 8.45
CA LEU B 471 11.05 -6.59 8.71
C LEU B 471 9.69 -5.92 8.62
N LEU B 472 9.54 -4.78 9.28
CA LEU B 472 8.26 -4.11 9.36
C LEU B 472 7.80 -3.79 7.94
N ALA B 473 8.74 -3.38 7.08
CA ALA B 473 8.47 -3.03 5.70
C ALA B 473 7.89 -4.22 4.93
N MET B 474 8.54 -5.38 5.03
CA MET B 474 8.11 -6.57 4.33
C MET B 474 6.63 -6.86 4.56
N PHE B 475 6.08 -6.50 5.73
CA PHE B 475 4.71 -6.83 6.09
C PHE B 475 3.84 -5.57 6.11
N ARG B 476 3.85 -4.80 5.02
CA ARG B 476 3.05 -3.58 4.95
C ARG B 476 1.56 -3.95 4.95
N ARG B 477 1.19 -4.97 4.17
CA ARG B 477 -0.20 -5.32 3.96
C ARG B 477 -0.85 -5.81 5.26
N SER B 478 -0.04 -6.26 6.22
CA SER B 478 -0.54 -6.73 7.50
C SER B 478 -1.31 -5.63 8.23
N PHE B 479 -0.89 -4.38 8.05
CA PHE B 479 -1.51 -3.27 8.74
C PHE B 479 -2.44 -2.56 7.75
N TYR B 480 -3.71 -2.95 7.76
CA TYR B 480 -4.62 -2.59 6.69
C TYR B 480 -5.74 -1.65 7.12
N ARG B 481 -5.86 -1.36 8.41
CA ARG B 481 -6.94 -0.50 8.87
C ARG B 481 -6.57 0.95 8.62
N PRO B 482 -7.50 1.77 8.05
CA PRO B 482 -7.27 3.20 7.88
C PRO B 482 -7.99 4.06 8.92
N SER B 483 -7.89 3.65 10.18
CA SER B 483 -8.41 4.44 11.28
C SER B 483 -7.38 5.49 11.68
N ARG B 484 -7.82 6.50 12.43
CA ARG B 484 -6.91 7.51 12.93
C ARG B 484 -6.11 6.92 14.09
N LEU B 485 -4.87 7.40 14.24
CA LEU B 485 -4.05 7.05 15.39
C LEU B 485 -4.62 7.71 16.65
N MET B 486 -5.26 8.87 16.47
CA MET B 486 -5.72 9.67 17.60
C MET B 486 -6.94 9.04 18.25
N GLU B 487 -7.50 8.00 17.62
CA GLU B 487 -8.73 7.38 18.09
C GLU B 487 -8.47 6.00 18.69
N VAL B 488 -7.20 5.65 18.93
CA VAL B 488 -6.89 4.40 19.59
C VAL B 488 -7.36 4.51 21.04
N PRO B 489 -8.05 3.49 21.59
CA PRO B 489 -8.47 3.51 22.99
C PRO B 489 -7.28 3.39 23.94
N PHE B 490 -7.41 3.99 25.12
CA PHE B 490 -6.36 4.00 26.13
C PHE B 490 -6.14 2.59 26.67
N SER B 491 -4.87 2.15 26.65
CA SER B 491 -4.49 0.86 27.21
C SER B 491 -3.60 1.08 28.43
N PRO B 492 -4.11 0.85 29.67
CA PRO B 492 -3.31 1.02 30.87
C PRO B 492 -2.06 0.15 30.85
N LEU B 493 -2.19 -1.08 30.32
CA LEU B 493 -1.10 -2.02 30.27
C LEU B 493 0.08 -1.41 29.52
N TYR B 494 -0.16 -0.98 28.27
CA TYR B 494 0.87 -0.41 27.42
C TYR B 494 1.50 0.82 28.06
N VAL B 495 0.70 1.60 28.80
CA VAL B 495 1.22 2.76 29.51
C VAL B 495 2.06 2.30 30.69
N GLY B 496 1.58 1.29 31.41
CA GLY B 496 2.32 0.70 32.51
C GLY B 496 3.67 0.16 32.06
N ALA B 497 3.67 -0.55 30.93
CA ALA B 497 4.89 -1.12 30.39
C ALA B 497 5.89 -0.01 30.06
N SER B 498 5.40 1.06 29.44
CA SER B 498 6.26 2.17 29.05
C SER B 498 6.89 2.82 30.27
N ILE B 499 6.10 3.00 31.32
CA ILE B 499 6.57 3.58 32.57
C ILE B 499 7.65 2.70 33.18
N CYS B 500 7.48 1.37 33.09
CA CYS B 500 8.48 0.47 33.62
C CYS B 500 9.79 0.66 32.87
N VAL B 501 9.71 0.72 31.53
CA VAL B 501 10.89 0.80 30.70
C VAL B 501 11.64 2.09 31.04
N VAL B 502 10.91 3.20 31.07
CA VAL B 502 11.48 4.49 31.43
C VAL B 502 12.05 4.46 32.85
N GLY B 503 11.40 3.72 33.75
CA GLY B 503 11.95 3.48 35.08
C GLY B 503 13.28 2.73 35.02
N ALA B 504 13.33 1.67 34.23
CA ALA B 504 14.54 0.88 34.10
C ALA B 504 15.66 1.76 33.57
N SER B 505 15.33 2.64 32.62
CA SER B 505 16.34 3.44 31.94
C SER B 505 16.94 4.48 32.90
N VAL B 506 16.15 4.96 33.86
CA VAL B 506 16.66 5.88 34.86
C VAL B 506 17.49 5.11 35.88
N TRP B 507 17.16 3.84 36.11
CA TRP B 507 17.96 3.00 36.98
C TRP B 507 19.33 2.81 36.34
N LEU B 508 19.33 2.62 35.01
CA LEU B 508 20.56 2.41 34.26
C LEU B 508 21.39 3.68 34.21
N LEU B 509 20.73 4.83 34.05
CA LEU B 509 21.37 6.13 34.06
C LEU B 509 22.12 6.35 35.36
N LEU B 510 21.48 6.05 36.50
CA LEU B 510 22.11 6.29 37.79
C LEU B 510 23.28 5.33 38.00
N PHE B 511 23.20 4.13 37.44
CA PHE B 511 24.25 3.13 37.63
C PHE B 511 25.44 3.45 36.72
N ALA B 512 25.15 3.79 35.47
CA ALA B 512 26.18 3.92 34.45
C ALA B 512 26.95 5.22 34.60
N ASN B 513 26.36 6.22 35.28
CA ASN B 513 26.98 7.51 35.43
C ASN B 513 27.15 7.84 36.90
N GLN B 514 27.78 6.93 37.66
CA GLN B 514 27.89 7.10 39.09
C GLN B 514 29.22 7.76 39.46
N ASP B 515 30.10 7.91 38.47
CA ASP B 515 31.44 8.40 38.71
C ASP B 515 31.44 9.92 38.85
N VAL B 516 30.36 10.57 38.38
CA VAL B 516 30.28 12.01 38.35
C VAL B 516 29.56 12.52 39.60
N HIS B 517 29.93 13.73 40.04
CA HIS B 517 29.25 14.39 41.13
C HIS B 517 28.11 15.24 40.56
N TYR B 518 26.89 14.97 41.03
CA TYR B 518 25.72 15.70 40.56
C TYR B 518 25.80 17.15 41.02
N SER B 519 25.20 18.04 40.21
CA SER B 519 25.08 19.44 40.55
C SER B 519 23.98 20.06 39.69
N ASN B 520 23.48 21.22 40.11
CA ASN B 520 22.40 21.88 39.39
C ASN B 520 22.89 22.29 38.01
N GLN B 521 24.20 22.52 37.88
CA GLN B 521 24.77 23.06 36.66
C GLN B 521 24.86 21.98 35.57
N LEU B 522 24.82 20.70 35.95
CA LEU B 522 25.00 19.62 34.99
C LEU B 522 24.01 19.72 33.84
N TRP B 523 22.81 20.22 34.11
CA TRP B 523 21.76 20.17 33.11
C TRP B 523 22.12 21.05 31.91
N TRP B 524 22.88 22.12 32.15
CA TRP B 524 23.15 23.14 31.15
C TRP B 524 24.54 22.99 30.53
N GLN B 525 25.22 21.87 30.79
CA GLN B 525 26.53 21.64 30.21
C GLN B 525 26.35 20.97 28.85
N PHE B 526 26.75 21.69 27.78
CA PHE B 526 26.84 21.10 26.46
C PHE B 526 28.30 21.05 26.04
N ALA B 527 28.96 19.92 26.35
CA ALA B 527 30.30 19.64 25.88
C ALA B 527 30.25 18.37 25.04
N LEU B 528 31.43 17.87 24.66
CA LEU B 528 31.53 16.59 23.97
C LEU B 528 31.81 15.50 25.00
N ASP B 529 32.77 15.77 25.89
CA ASP B 529 33.18 14.79 26.90
C ASP B 529 32.08 14.59 27.94
N ALA B 530 31.17 15.57 28.06
CA ALA B 530 30.07 15.51 29.02
C ALA B 530 29.03 14.48 28.58
N ASP B 531 29.12 13.28 29.17
CA ASP B 531 28.22 12.18 28.86
C ASP B 531 27.06 12.15 29.86
N ALA B 532 27.30 12.57 31.10
CA ALA B 532 26.26 12.51 32.13
C ALA B 532 25.15 13.50 31.80
N PRO B 533 25.43 14.78 31.48
CA PRO B 533 24.40 15.70 31.04
C PRO B 533 23.57 15.28 29.85
N ARG B 534 24.14 14.49 28.93
CA ARG B 534 23.38 14.00 27.79
C ARG B 534 22.38 12.92 28.23
N ALA B 535 22.78 12.15 29.26
CA ALA B 535 21.87 11.20 29.87
C ALA B 535 20.74 11.96 30.55
N LEU B 536 21.10 12.85 31.47
CA LEU B 536 20.12 13.55 32.27
C LEU B 536 19.05 14.15 31.36
N ARG B 537 19.48 14.96 30.39
CA ARG B 537 18.55 15.72 29.57
C ARG B 537 17.62 14.75 28.83
N ALA B 538 18.18 13.66 28.31
CA ALA B 538 17.39 12.64 27.63
C ALA B 538 16.38 12.03 28.59
N ALA B 539 16.83 11.70 29.80
CA ALA B 539 15.99 11.06 30.79
C ALA B 539 14.77 11.92 31.08
N LEU B 540 15.01 13.20 31.35
CA LEU B 540 13.95 14.16 31.65
C LEU B 540 13.02 14.30 30.46
N GLY B 541 13.59 14.40 29.26
CA GLY B 541 12.78 14.52 28.06
C GLY B 541 11.85 13.32 27.88
N SER B 542 12.39 12.12 28.07
CA SER B 542 11.60 10.90 27.95
C SER B 542 10.44 10.93 28.93
N CYS B 543 10.75 11.16 30.21
CA CYS B 543 9.76 11.16 31.28
C CYS B 543 8.67 12.19 31.01
N LEU B 544 9.03 13.37 30.53
CA LEU B 544 8.04 14.43 30.31
C LEU B 544 7.15 14.08 29.12
N LEU B 545 7.74 13.61 28.03
CA LEU B 545 6.95 13.25 26.86
C LEU B 545 5.99 12.13 27.22
N LEU B 546 6.49 11.11 27.94
CA LEU B 546 5.65 9.97 28.29
C LEU B 546 4.49 10.44 29.17
N LEU B 547 4.79 11.28 30.16
CA LEU B 547 3.77 11.83 31.04
C LEU B 547 2.74 12.63 30.24
N ALA B 548 3.22 13.47 29.33
CA ALA B 548 2.34 14.34 28.56
C ALA B 548 1.38 13.50 27.72
N LEU B 549 1.94 12.60 26.92
CA LEU B 549 1.13 11.75 26.05
C LEU B 549 0.08 11.01 26.89
N ALA B 550 0.51 10.38 27.99
CA ALA B 550 -0.38 9.58 28.81
C ALA B 550 -1.52 10.41 29.39
N LEU B 551 -1.24 11.67 29.75
CA LEU B 551 -2.28 12.58 30.22
C LEU B 551 -3.16 13.00 29.06
N GLY B 552 -2.55 13.24 27.89
CA GLY B 552 -3.30 13.62 26.71
C GLY B 552 -4.16 12.47 26.17
N TRP B 553 -3.80 11.24 26.54
CA TRP B 553 -4.52 10.06 26.14
C TRP B 553 -5.71 9.87 27.08
N LEU B 554 -5.45 10.04 28.38
CA LEU B 554 -6.41 9.63 29.40
C LEU B 554 -7.51 10.68 29.50
N LEU B 555 -7.11 11.96 29.56
CA LEU B 555 -8.06 13.06 29.58
C LEU B 555 -8.52 13.36 28.16
N ARG B 556 -9.43 12.51 27.67
CA ARG B 556 -10.00 12.64 26.34
C ARG B 556 -11.53 12.70 26.48
N ALA B 557 -12.19 13.27 25.46
CA ALA B 557 -13.64 13.45 25.47
C ALA B 557 -14.32 12.11 25.70
N ALA B 558 -15.48 12.15 26.38
CA ALA B 558 -16.27 10.97 26.66
C ALA B 558 -16.88 10.44 25.36
N PRO B 559 -16.98 9.11 25.18
CA PRO B 559 -17.56 8.52 23.98
C PRO B 559 -19.08 8.72 23.96
N PRO B 560 -19.70 9.02 22.79
CA PRO B 560 -21.15 9.15 22.69
C PRO B 560 -21.89 7.91 23.15
N ALA B 561 -23.07 8.11 23.75
CA ALA B 561 -23.86 7.01 24.30
C ALA B 561 -24.47 6.19 23.16
N ILE B 562 -24.82 4.94 23.47
CA ILE B 562 -25.46 4.06 22.51
C ILE B 562 -26.91 4.49 22.36
N ARG B 563 -27.36 4.64 21.10
CA ARG B 563 -28.73 5.00 20.79
C ARG B 563 -29.27 4.09 19.70
N GLU B 564 -30.57 3.77 19.79
CA GLU B 564 -31.25 3.01 18.75
C GLU B 564 -31.21 3.82 17.45
N PRO B 565 -31.21 3.15 16.27
CA PRO B 565 -31.09 3.86 14.99
C PRO B 565 -32.33 4.66 14.65
N ASN B 566 -32.15 5.69 13.82
CA ASN B 566 -33.24 6.53 13.35
C ASN B 566 -33.74 6.00 12.01
N ALA B 567 -34.73 6.70 11.43
CA ALA B 567 -35.38 6.25 10.21
C ALA B 567 -34.39 6.17 9.05
N GLU B 568 -33.43 7.11 9.00
CA GLU B 568 -32.47 7.18 7.92
C GLU B 568 -31.54 5.96 7.99
N GLU B 569 -31.07 5.65 9.20
CA GLU B 569 -30.13 4.56 9.43
C GLU B 569 -30.79 3.23 9.08
N LEU B 570 -32.04 3.03 9.54
CA LEU B 570 -32.79 1.83 9.24
C LEU B 570 -32.95 1.67 7.74
N GLN B 571 -33.16 2.78 7.03
CA GLN B 571 -33.35 2.77 5.59
C GLN B 571 -32.02 2.45 4.90
N ARG B 572 -30.92 2.91 5.51
CA ARG B 572 -29.59 2.70 4.96
C ARG B 572 -29.16 1.27 5.22
N ALA B 573 -29.53 0.74 6.39
CA ALA B 573 -29.29 -0.67 6.70
C ALA B 573 -30.03 -1.53 5.68
N ALA B 574 -31.33 -1.26 5.50
CA ALA B 574 -32.16 -2.01 4.57
C ALA B 574 -31.51 -2.03 3.19
N ARG B 575 -30.97 -0.89 2.75
CA ARG B 575 -30.30 -0.80 1.46
C ARG B 575 -29.13 -1.79 1.41
N ILE B 576 -28.29 -1.76 2.45
CA ILE B 576 -27.11 -2.60 2.52
C ILE B 576 -27.55 -4.06 2.44
N ILE B 577 -28.58 -4.43 3.20
CA ILE B 577 -29.06 -5.79 3.27
C ILE B 577 -29.50 -6.26 1.88
N ARG B 578 -30.17 -5.38 1.13
CA ARG B 578 -30.67 -5.71 -0.19
C ARG B 578 -29.48 -5.98 -1.12
N HIS B 579 -28.52 -5.06 -1.14
CA HIS B 579 -27.34 -5.20 -1.99
C HIS B 579 -26.28 -6.01 -1.26
N SER B 580 -26.64 -7.25 -0.90
CA SER B 580 -25.75 -8.13 -0.13
C SER B 580 -26.21 -9.57 -0.28
N ASP B 581 -25.48 -10.48 0.36
CA ASP B 581 -25.76 -11.91 0.28
C ASP B 581 -26.56 -12.35 1.51
N GLN B 582 -26.21 -11.81 2.68
CA GLN B 582 -26.70 -12.32 3.95
C GLN B 582 -28.09 -11.75 4.23
N PRO B 583 -29.16 -12.58 4.24
CA PRO B 583 -30.51 -12.11 4.57
C PRO B 583 -30.83 -12.09 6.07
N ASP B 584 -30.02 -12.79 6.88
CA ASP B 584 -30.21 -12.80 8.33
C ASP B 584 -30.11 -11.38 8.87
N GLY B 585 -29.48 -10.49 8.10
CA GLY B 585 -29.33 -9.09 8.47
C GLY B 585 -30.67 -8.36 8.64
N GLY B 586 -31.78 -9.02 8.27
CA GLY B 586 -33.09 -8.41 8.36
C GLY B 586 -33.50 -8.07 9.79
N LEU B 587 -32.95 -8.78 10.77
CA LEU B 587 -33.29 -8.56 12.17
C LEU B 587 -32.83 -7.17 12.61
N ALA B 588 -31.91 -6.56 11.85
CA ALA B 588 -31.45 -5.22 12.11
C ALA B 588 -32.62 -4.23 12.02
N LEU B 589 -33.59 -4.53 11.15
CA LEU B 589 -34.65 -3.60 10.84
C LEU B 589 -35.77 -3.63 11.88
N THR B 590 -35.58 -4.39 12.96
CA THR B 590 -36.49 -4.31 14.11
C THR B 590 -36.35 -2.95 14.77
N GLY B 591 -35.12 -2.43 14.79
CA GLY B 591 -34.84 -1.10 15.32
C GLY B 591 -34.80 -1.07 16.84
N ASP B 592 -34.49 -2.22 17.45
CA ASP B 592 -34.37 -2.32 18.90
C ASP B 592 -32.91 -2.53 19.28
N LYS B 593 -32.01 -2.49 18.28
CA LYS B 593 -30.60 -2.75 18.51
C LYS B 593 -29.76 -1.78 17.68
N ALA B 594 -28.66 -1.31 18.29
CA ALA B 594 -27.80 -0.30 17.71
C ALA B 594 -27.13 -0.83 16.45
N LEU B 595 -26.84 0.08 15.51
CA LEU B 595 -26.18 -0.25 14.25
C LEU B 595 -24.87 0.52 14.16
N LEU B 596 -23.77 -0.19 13.83
CA LEU B 596 -22.47 0.42 13.65
C LEU B 596 -22.11 0.37 12.17
N PHE B 597 -21.90 1.54 11.56
CA PHE B 597 -21.69 1.64 10.12
C PHE B 597 -20.22 1.80 9.79
N HIS B 598 -19.84 1.30 8.61
CA HIS B 598 -18.49 1.49 8.09
C HIS B 598 -18.36 2.92 7.55
N GLU B 599 -17.12 3.36 7.34
CA GLU B 599 -16.87 4.71 6.83
C GLU B 599 -17.38 4.81 5.39
N SER B 600 -17.16 3.74 4.60
CA SER B 600 -17.65 3.67 3.24
C SER B 600 -19.17 3.58 3.20
N ASP B 601 -19.76 3.08 4.30
CA ASP B 601 -21.20 2.99 4.48
C ASP B 601 -21.75 1.91 3.54
N ASP B 602 -20.93 0.88 3.29
CA ASP B 602 -21.33 -0.25 2.48
C ASP B 602 -21.56 -1.45 3.37
N ALA B 603 -21.38 -1.28 4.69
CA ALA B 603 -21.45 -2.38 5.63
C ALA B 603 -21.85 -1.87 7.01
N PHE B 604 -22.47 -2.75 7.80
CA PHE B 604 -22.86 -2.40 9.15
C PHE B 604 -22.84 -3.63 10.04
N LEU B 605 -23.09 -3.43 11.34
CA LEU B 605 -22.94 -4.47 12.33
C LEU B 605 -23.82 -4.19 13.55
N MET B 606 -24.97 -4.86 13.63
CA MET B 606 -25.95 -4.58 14.67
C MET B 606 -25.48 -5.21 15.99
N TYR B 607 -25.69 -4.50 17.10
CA TYR B 607 -25.27 -4.94 18.43
C TYR B 607 -26.16 -4.31 19.49
N ALA B 608 -26.04 -4.84 20.71
CA ALA B 608 -26.86 -4.40 21.82
C ALA B 608 -26.12 -4.64 23.13
N ARG B 609 -26.27 -3.72 24.08
CA ARG B 609 -25.57 -3.80 25.34
C ARG B 609 -26.44 -4.53 26.36
N ARG B 610 -25.88 -5.60 26.96
CA ARG B 610 -26.53 -6.33 28.04
C ARG B 610 -25.55 -6.49 29.19
N GLY B 611 -25.86 -5.83 30.32
CA GLY B 611 -25.00 -5.86 31.48
C GLY B 611 -23.66 -5.18 31.19
N ARG B 612 -22.58 -5.98 31.22
CA ARG B 612 -21.23 -5.46 31.08
C ARG B 612 -20.64 -5.92 29.75
N SER B 613 -21.45 -6.53 28.89
CA SER B 613 -21.00 -7.05 27.61
C SER B 613 -21.76 -6.37 26.47
N MET B 614 -21.23 -6.47 25.26
CA MET B 614 -21.83 -5.86 24.10
C MET B 614 -21.98 -6.90 22.98
N ILE B 615 -23.19 -7.42 22.82
CA ILE B 615 -23.40 -8.57 21.96
C ILE B 615 -23.75 -8.08 20.56
N ALA B 616 -22.89 -8.42 19.59
CA ALA B 616 -23.24 -8.35 18.18
C ALA B 616 -24.07 -9.57 17.81
N LEU B 617 -25.00 -9.42 16.85
CA LEU B 617 -26.01 -10.44 16.61
C LEU B 617 -25.60 -11.41 15.51
N TYR B 618 -24.76 -10.98 14.58
CA TYR B 618 -24.25 -11.86 13.55
C TYR B 618 -22.90 -11.32 13.08
N ASP B 619 -22.36 -11.89 12.00
CA ASP B 619 -21.20 -11.32 11.36
C ASP B 619 -21.56 -9.95 10.79
N PRO B 620 -20.58 -9.05 10.57
CA PRO B 620 -20.83 -7.83 9.78
C PRO B 620 -21.44 -8.14 8.42
N ILE B 621 -22.08 -7.13 7.81
CA ILE B 621 -22.81 -7.29 6.57
C ILE B 621 -22.13 -6.52 5.44
N GLY B 622 -21.37 -7.24 4.61
CA GLY B 622 -20.66 -6.65 3.47
C GLY B 622 -19.46 -7.49 3.05
N PRO B 623 -18.55 -6.93 2.21
CA PRO B 623 -17.33 -7.63 1.78
C PRO B 623 -16.35 -7.99 2.89
N ALA B 624 -15.37 -8.84 2.54
CA ALA B 624 -14.43 -9.41 3.50
C ALA B 624 -13.60 -8.31 4.17
N MET B 625 -13.16 -7.31 3.39
CA MET B 625 -12.33 -6.25 3.92
C MET B 625 -13.19 -5.36 4.83
N GLN B 626 -14.40 -5.04 4.37
CA GLN B 626 -15.34 -4.27 5.18
C GLN B 626 -15.65 -5.01 6.47
N ARG B 627 -15.76 -6.34 6.40
CA ARG B 627 -16.04 -7.15 7.57
C ARG B 627 -14.89 -7.03 8.56
N ALA B 628 -13.66 -7.12 8.07
CA ALA B 628 -12.49 -7.08 8.94
C ALA B 628 -12.39 -5.72 9.62
N GLU B 629 -12.62 -4.64 8.86
CA GLU B 629 -12.55 -3.31 9.44
C GLU B 629 -13.66 -3.11 10.47
N LEU B 630 -14.83 -3.70 10.24
CA LEU B 630 -15.96 -3.49 11.13
C LEU B 630 -15.76 -4.28 12.43
N ILE B 631 -15.11 -5.44 12.35
CA ILE B 631 -14.87 -6.22 13.53
C ILE B 631 -13.88 -5.45 14.41
N TRP B 632 -12.82 -4.93 13.81
CA TRP B 632 -11.88 -4.10 14.55
C TRP B 632 -12.57 -2.87 15.13
N GLN B 633 -13.49 -2.27 14.38
CA GLN B 633 -14.23 -1.11 14.84
C GLN B 633 -15.03 -1.44 16.08
N PHE B 634 -15.55 -2.67 16.12
CA PHE B 634 -16.39 -3.10 17.23
C PHE B 634 -15.55 -3.34 18.48
N ARG B 635 -14.37 -3.95 18.30
CA ARG B 635 -13.40 -4.07 19.39
C ARG B 635 -13.11 -2.67 19.95
N ASP B 636 -12.78 -1.73 19.08
CA ASP B 636 -12.48 -0.36 19.48
C ASP B 636 -13.65 0.23 20.29
N LEU B 637 -14.88 0.00 19.83
CA LEU B 637 -16.06 0.59 20.46
C LEU B 637 -16.30 -0.02 21.83
N CYS B 638 -15.95 -1.30 22.00
CA CYS B 638 -16.13 -1.98 23.27
C CYS B 638 -15.05 -1.58 24.26
N ASP B 639 -13.85 -1.25 23.74
CA ASP B 639 -12.74 -0.84 24.58
C ASP B 639 -12.97 0.58 25.11
N LEU B 640 -13.68 1.39 24.33
CA LEU B 640 -13.97 2.76 24.73
C LEU B 640 -15.09 2.81 25.76
N HIS B 641 -15.93 1.77 25.81
CA HIS B 641 -17.03 1.73 26.76
C HIS B 641 -16.74 0.75 27.90
N HIS B 642 -15.52 0.20 27.93
CA HIS B 642 -15.13 -0.74 28.96
C HIS B 642 -16.17 -1.86 29.04
N ALA B 643 -16.44 -2.48 27.89
CA ALA B 643 -17.40 -3.58 27.78
C ALA B 643 -16.74 -4.79 27.14
N ARG B 644 -17.25 -5.98 27.44
CA ARG B 644 -16.70 -7.21 26.87
C ARG B 644 -17.30 -7.44 25.49
N PRO B 645 -16.47 -7.53 24.42
CA PRO B 645 -16.98 -7.76 23.07
C PRO B 645 -17.39 -9.21 22.89
N VAL B 646 -18.69 -9.42 22.69
CA VAL B 646 -19.25 -10.74 22.43
C VAL B 646 -19.86 -10.73 21.03
N PHE B 647 -19.62 -11.81 20.28
CA PHE B 647 -20.27 -12.02 18.99
C PHE B 647 -21.14 -13.26 19.08
N TYR B 648 -22.39 -13.13 18.64
CA TYR B 648 -23.37 -14.19 18.78
C TYR B 648 -23.69 -14.80 17.42
N GLN B 649 -23.71 -16.13 17.34
CA GLN B 649 -24.05 -16.86 16.13
C GLN B 649 -23.21 -16.39 14.95
N VAL B 650 -21.91 -16.64 14.97
CA VAL B 650 -21.08 -16.30 13.83
C VAL B 650 -20.79 -17.55 13.00
N ARG B 651 -20.46 -17.33 11.73
CA ARG B 651 -20.03 -18.39 10.83
C ARG B 651 -18.54 -18.66 11.02
N ALA B 652 -18.06 -19.76 10.45
CA ALA B 652 -16.70 -20.22 10.65
C ALA B 652 -15.72 -19.45 9.76
N GLU B 653 -16.25 -18.75 8.75
CA GLU B 653 -15.41 -18.11 7.74
C GLU B 653 -14.71 -16.88 8.30
N ASN B 654 -15.25 -16.30 9.38
CA ASN B 654 -14.71 -15.08 9.96
C ASN B 654 -13.95 -15.38 11.24
N LEU B 655 -13.78 -16.65 11.59
CA LEU B 655 -13.21 -17.01 12.88
C LEU B 655 -11.81 -16.44 13.05
N PRO B 656 -10.92 -16.44 12.03
CA PRO B 656 -9.62 -15.78 12.15
C PRO B 656 -9.65 -14.29 12.52
N PHE B 657 -10.65 -13.55 12.03
CA PHE B 657 -10.77 -12.16 12.39
C PHE B 657 -11.19 -12.02 13.85
N TYR B 658 -11.99 -12.96 14.35
CA TYR B 658 -12.38 -12.95 15.74
C TYR B 658 -11.21 -13.36 16.62
N MET B 659 -10.39 -14.29 16.13
CA MET B 659 -9.13 -14.64 16.76
C MET B 659 -8.23 -13.39 16.87
N ASP B 660 -8.24 -12.56 15.82
CA ASP B 660 -7.36 -11.41 15.73
C ASP B 660 -7.65 -10.44 16.87
N ILE B 661 -8.93 -10.12 17.10
CA ILE B 661 -9.30 -9.16 18.12
C ILE B 661 -9.38 -9.83 19.48
N GLY B 662 -9.14 -11.14 19.54
CA GLY B 662 -8.87 -11.81 20.79
C GLY B 662 -10.12 -12.44 21.38
N LEU B 663 -10.81 -13.23 20.55
CA LEU B 663 -11.96 -13.99 21.00
C LEU B 663 -11.71 -15.47 20.71
N THR B 664 -12.45 -16.32 21.43
CA THR B 664 -12.39 -17.75 21.24
C THR B 664 -13.74 -18.22 20.72
N ALA B 665 -13.71 -19.08 19.69
CA ALA B 665 -14.93 -19.63 19.12
C ALA B 665 -15.39 -20.81 19.95
N LEU B 666 -16.59 -20.69 20.53
CA LEU B 666 -17.23 -21.78 21.25
C LEU B 666 -18.39 -22.30 20.40
N LYS B 667 -18.48 -23.62 20.26
CA LYS B 667 -19.53 -24.26 19.48
C LYS B 667 -20.88 -23.98 20.11
N LEU B 668 -21.64 -23.05 19.51
CA LEU B 668 -22.91 -22.61 20.06
C LEU B 668 -24.01 -23.58 19.63
N GLY B 669 -24.18 -23.72 18.30
CA GLY B 669 -25.23 -24.56 17.76
C GLY B 669 -25.00 -24.84 16.28
N GLU B 670 -25.83 -25.71 15.70
CA GLU B 670 -25.71 -26.11 14.30
C GLU B 670 -26.90 -25.58 13.53
N GLU B 671 -26.63 -24.87 12.43
CA GLU B 671 -27.67 -24.28 11.61
C GLU B 671 -27.86 -25.11 10.35
N ALA B 672 -29.11 -25.51 10.11
CA ALA B 672 -29.46 -26.38 8.99
C ALA B 672 -30.02 -25.54 7.85
N ARG B 673 -29.51 -25.78 6.64
CA ARG B 673 -29.92 -25.05 5.45
C ARG B 673 -30.00 -26.01 4.27
N VAL B 674 -31.20 -26.13 3.69
CA VAL B 674 -31.43 -27.07 2.61
C VAL B 674 -30.88 -26.48 1.30
N ASP B 675 -30.31 -27.35 0.46
CA ASP B 675 -29.76 -26.96 -0.83
C ASP B 675 -30.80 -27.25 -1.91
N LEU B 676 -31.14 -26.22 -2.69
CA LEU B 676 -32.21 -26.31 -3.67
C LEU B 676 -31.71 -26.88 -4.98
N LEU B 677 -30.38 -26.89 -5.18
CA LEU B 677 -29.77 -27.42 -6.40
C LEU B 677 -29.99 -28.93 -6.47
N ARG B 678 -29.78 -29.62 -5.35
CA ARG B 678 -29.89 -31.07 -5.30
C ARG B 678 -31.28 -31.51 -4.82
N PHE B 679 -32.10 -30.55 -4.40
CA PHE B 679 -33.46 -30.85 -3.95
C PHE B 679 -34.41 -30.83 -5.15
N ASP B 680 -35.14 -31.93 -5.33
CA ASP B 680 -36.14 -32.04 -6.39
C ASP B 680 -37.32 -32.85 -5.84
N LEU B 681 -38.51 -32.62 -6.42
CA LEU B 681 -39.74 -33.17 -5.91
C LEU B 681 -40.04 -34.53 -6.55
N GLU B 682 -39.19 -34.95 -7.50
CA GLU B 682 -39.37 -36.22 -8.20
C GLU B 682 -38.31 -37.23 -7.75
N ASN B 683 -37.64 -36.94 -6.62
CA ASN B 683 -36.58 -37.79 -6.10
C ASN B 683 -37.19 -38.87 -5.21
N LYS B 684 -36.33 -39.78 -4.71
CA LYS B 684 -36.76 -40.87 -3.85
C LYS B 684 -36.14 -40.70 -2.47
N GLY B 685 -36.70 -41.42 -1.49
CA GLY B 685 -36.25 -41.37 -0.10
C GLY B 685 -37.41 -41.54 0.87
N LYS B 686 -37.12 -42.16 2.03
CA LYS B 686 -38.13 -42.38 3.05
C LYS B 686 -38.72 -41.05 3.50
N GLU B 687 -37.84 -40.13 3.92
CA GLU B 687 -38.25 -38.82 4.39
C GLU B 687 -38.85 -38.02 3.24
N MET B 688 -38.32 -38.22 2.03
CA MET B 688 -38.77 -37.52 0.84
C MET B 688 -40.19 -37.99 0.48
N LYS B 689 -40.47 -39.28 0.70
CA LYS B 689 -41.79 -39.84 0.46
C LYS B 689 -42.77 -39.36 1.53
N ASP B 690 -42.28 -39.19 2.76
CA ASP B 690 -43.09 -38.68 3.85
C ASP B 690 -43.47 -37.23 3.59
N LEU B 691 -42.54 -36.46 3.00
CA LEU B 691 -42.77 -35.06 2.69
C LEU B 691 -43.76 -34.93 1.53
N ARG B 692 -43.65 -35.80 0.53
CA ARG B 692 -44.52 -35.72 -0.63
C ARG B 692 -45.94 -36.14 -0.22
N TYR B 693 -46.03 -37.08 0.73
CA TYR B 693 -47.31 -37.49 1.30
C TYR B 693 -47.96 -36.32 2.03
N THR B 694 -47.17 -35.65 2.88
CA THR B 694 -47.64 -34.50 3.63
C THR B 694 -48.14 -33.41 2.67
N TRP B 695 -47.42 -33.22 1.57
CA TRP B 695 -47.73 -32.18 0.60
C TRP B 695 -49.07 -32.45 -0.07
N ASN B 696 -49.23 -33.67 -0.61
CA ASN B 696 -50.42 -34.02 -1.38
C ASN B 696 -51.64 -34.12 -0.46
N ARG B 697 -51.42 -34.56 0.78
CA ARG B 697 -52.51 -34.63 1.76
C ARG B 697 -52.96 -33.21 2.10
N GLY B 698 -51.99 -32.30 2.22
CA GLY B 698 -52.26 -30.90 2.50
C GLY B 698 -53.06 -30.24 1.37
N GLN B 699 -52.69 -30.54 0.12
CA GLN B 699 -53.36 -29.99 -1.05
C GLN B 699 -54.80 -30.49 -1.12
N ARG B 700 -55.01 -31.79 -0.80
CA ARG B 700 -56.32 -32.40 -0.85
C ARG B 700 -57.22 -31.86 0.25
N ASP B 701 -56.64 -31.60 1.43
CA ASP B 701 -57.39 -31.09 2.58
C ASP B 701 -57.98 -29.73 2.26
N GLY B 702 -57.23 -28.90 1.52
CA GLY B 702 -57.70 -27.59 1.11
C GLY B 702 -56.83 -26.45 1.66
N LEU B 703 -55.55 -26.76 1.94
CA LEU B 703 -54.60 -25.74 2.38
C LEU B 703 -54.08 -25.00 1.16
N ALA B 704 -54.07 -23.66 1.24
CA ALA B 704 -53.61 -22.81 0.16
C ALA B 704 -52.56 -21.85 0.68
N LEU B 705 -51.56 -21.55 -0.16
CA LEU B 705 -50.45 -20.68 0.22
C LEU B 705 -50.42 -19.46 -0.71
N GLU B 706 -50.28 -18.28 -0.12
CA GLU B 706 -50.29 -17.02 -0.84
C GLU B 706 -49.09 -16.17 -0.42
N PHE B 707 -48.54 -15.43 -1.37
CA PHE B 707 -47.39 -14.57 -1.14
C PHE B 707 -47.78 -13.10 -1.37
N HIS B 708 -47.57 -12.27 -0.34
CA HIS B 708 -47.88 -10.85 -0.39
C HIS B 708 -46.58 -10.05 -0.35
N GLU B 709 -46.42 -9.11 -1.29
CA GLU B 709 -45.28 -8.22 -1.31
C GLU B 709 -45.39 -7.22 -0.16
N PRO B 710 -44.29 -6.57 0.26
CA PRO B 710 -44.31 -5.61 1.37
C PRO B 710 -45.23 -4.43 1.11
N GLY B 711 -46.11 -4.14 2.08
CA GLY B 711 -47.03 -3.01 1.99
C GLY B 711 -48.48 -3.47 1.89
N GLN B 712 -48.72 -4.60 1.23
CA GLN B 712 -50.07 -5.07 0.97
C GLN B 712 -50.36 -6.32 1.80
N ALA B 713 -49.98 -6.27 3.09
CA ALA B 713 -50.22 -7.37 4.02
C ALA B 713 -51.55 -7.14 4.74
N PRO B 714 -52.34 -8.20 5.02
CA PRO B 714 -53.56 -8.05 5.83
C PRO B 714 -53.20 -7.85 7.30
N LEU B 715 -52.98 -6.60 7.69
CA LEU B 715 -52.48 -6.25 9.01
C LEU B 715 -53.45 -6.73 10.10
N ASP B 716 -54.75 -6.62 9.81
CA ASP B 716 -55.79 -7.02 10.76
C ASP B 716 -55.67 -8.51 11.06
N GLU B 717 -55.44 -9.32 10.02
CA GLU B 717 -55.33 -10.76 10.17
C GLU B 717 -54.09 -11.09 10.99
N LEU B 718 -52.94 -10.54 10.57
CA LEU B 718 -51.66 -10.83 11.21
C LEU B 718 -51.72 -10.48 12.70
N LYS B 719 -52.37 -9.34 13.02
CA LYS B 719 -52.54 -8.91 14.40
C LYS B 719 -53.32 -9.97 15.18
N ALA B 720 -54.44 -10.42 14.59
CA ALA B 720 -55.31 -11.39 15.24
C ALA B 720 -54.61 -12.72 15.45
N ILE B 721 -53.77 -13.11 14.48
CA ILE B 721 -53.02 -14.36 14.54
C ILE B 721 -51.93 -14.25 15.60
N SER B 722 -51.24 -13.11 15.63
CA SER B 722 -50.19 -12.85 16.61
C SER B 722 -50.76 -12.91 18.03
N ASP B 723 -51.96 -12.33 18.21
CA ASP B 723 -52.63 -12.31 19.50
C ASP B 723 -53.03 -13.74 19.90
N ALA B 724 -53.49 -14.52 18.91
CA ALA B 724 -53.96 -15.88 19.15
C ALA B 724 -52.80 -16.77 19.59
N TRP B 725 -51.64 -16.60 18.95
CA TRP B 725 -50.44 -17.35 19.29
C TRP B 725 -49.99 -17.01 20.70
N LEU B 726 -49.91 -15.70 20.99
CA LEU B 726 -49.43 -15.21 22.27
C LEU B 726 -50.50 -15.50 23.35
N ARG B 740 -39.86 -9.23 17.43
CA ARG B 740 -40.97 -8.32 17.79
C ARG B 740 -41.97 -8.24 16.63
N PHE B 741 -43.21 -7.83 16.95
CA PHE B 741 -44.26 -7.69 15.97
C PHE B 741 -44.71 -6.22 15.90
N THR B 742 -44.17 -5.49 14.91
CA THR B 742 -44.56 -4.12 14.65
C THR B 742 -44.84 -3.97 13.16
N PRO B 743 -45.76 -3.07 12.75
CA PRO B 743 -46.05 -2.85 11.33
C PRO B 743 -44.81 -2.44 10.54
N ALA B 744 -43.97 -1.59 11.15
CA ALA B 744 -42.77 -1.08 10.52
C ALA B 744 -41.82 -2.23 10.16
N TYR B 745 -41.69 -3.19 11.08
CA TYR B 745 -40.81 -4.34 10.88
C TYR B 745 -41.40 -5.31 9.86
N LEU B 746 -42.73 -5.47 9.90
CA LEU B 746 -43.41 -6.43 9.04
C LEU B 746 -43.43 -5.96 7.60
N ASN B 747 -43.57 -4.65 7.37
CA ASN B 747 -43.73 -4.12 6.03
C ASN B 747 -42.38 -3.94 5.32
N PHE B 748 -41.32 -4.57 5.86
CA PHE B 748 -40.03 -4.56 5.20
C PHE B 748 -39.83 -5.82 4.37
N PHE B 749 -40.64 -6.86 4.63
CA PHE B 749 -40.41 -8.18 4.05
C PHE B 749 -41.69 -8.70 3.39
N ARG B 750 -41.52 -9.71 2.53
CA ARG B 750 -42.62 -10.40 1.89
C ARG B 750 -43.19 -11.44 2.84
N ILE B 751 -44.52 -11.45 3.00
CA ILE B 751 -45.17 -12.36 3.93
C ILE B 751 -45.85 -13.47 3.14
N ALA B 752 -45.55 -14.73 3.52
CA ALA B 752 -46.25 -15.88 3.00
C ALA B 752 -47.32 -16.32 4.00
N ILE B 753 -48.58 -16.32 3.55
CA ILE B 753 -49.70 -16.69 4.41
C ILE B 753 -50.33 -17.97 3.87
N VAL B 754 -50.40 -18.99 4.73
CA VAL B 754 -51.09 -20.22 4.42
C VAL B 754 -52.48 -20.16 5.06
N ARG B 755 -53.48 -20.71 4.35
CA ARG B 755 -54.87 -20.65 4.76
C ARG B 755 -55.45 -22.05 4.75
N HIS B 756 -56.42 -22.31 5.66
CA HIS B 756 -57.15 -23.56 5.67
C HIS B 756 -58.58 -23.29 5.22
N GLN B 757 -58.88 -23.63 3.96
CA GLN B 757 -60.20 -23.47 3.37
C GLN B 757 -60.59 -21.99 3.35
N GLY B 758 -59.61 -21.13 3.02
CA GLY B 758 -59.84 -19.70 2.89
C GLY B 758 -59.39 -18.90 4.11
N LYS B 759 -59.71 -19.40 5.32
CA LYS B 759 -59.36 -18.74 6.56
C LYS B 759 -57.86 -18.85 6.80
N PRO B 760 -57.14 -17.74 7.11
CA PRO B 760 -55.70 -17.79 7.33
C PRO B 760 -55.33 -18.58 8.59
N VAL B 761 -54.43 -19.57 8.42
CA VAL B 761 -54.10 -20.51 9.47
C VAL B 761 -52.69 -20.28 9.98
N ALA B 762 -51.84 -19.60 9.19
CA ALA B 762 -50.51 -19.21 9.65
C ALA B 762 -49.92 -18.16 8.70
N PHE B 763 -48.88 -17.46 9.20
CA PHE B 763 -48.13 -16.50 8.42
C PHE B 763 -46.65 -16.62 8.75
N ALA B 764 -45.79 -16.09 7.86
CA ALA B 764 -44.35 -16.09 8.07
C ALA B 764 -43.68 -15.10 7.13
N ASN B 765 -42.99 -14.11 7.71
CA ASN B 765 -42.21 -13.14 6.95
C ASN B 765 -40.94 -13.80 6.45
N LEU B 766 -40.46 -13.35 5.29
CA LEU B 766 -39.35 -14.00 4.59
C LEU B 766 -38.21 -13.01 4.40
N LEU B 767 -37.06 -13.32 5.02
CA LEU B 767 -35.85 -12.54 4.79
C LEU B 767 -35.33 -12.90 3.41
N GLU B 768 -34.97 -11.88 2.63
CA GLU B 768 -34.52 -12.08 1.26
C GLU B 768 -33.74 -10.85 0.80
N THR B 769 -32.77 -11.07 -0.08
CA THR B 769 -31.96 -10.01 -0.65
C THR B 769 -32.35 -9.81 -2.11
N ASP B 770 -31.68 -8.86 -2.77
CA ASP B 770 -31.87 -8.61 -4.19
C ASP B 770 -31.28 -9.77 -4.99
N SER B 771 -30.24 -10.41 -4.44
CA SER B 771 -29.66 -11.60 -5.06
C SER B 771 -30.46 -12.83 -4.65
N ARG B 772 -30.14 -13.97 -5.28
CA ARG B 772 -30.89 -15.20 -5.10
C ARG B 772 -30.01 -16.26 -4.42
N GLU B 773 -29.00 -15.82 -3.66
CA GLU B 773 -28.04 -16.76 -3.08
C GLU B 773 -28.62 -17.43 -1.83
N LEU B 774 -29.48 -16.73 -1.10
CA LEU B 774 -29.98 -17.25 0.16
C LEU B 774 -31.27 -16.54 0.56
N ALA B 775 -32.06 -17.22 1.40
CA ALA B 775 -33.29 -16.67 1.95
C ALA B 775 -33.70 -17.47 3.18
N SER B 776 -34.30 -16.79 4.16
CA SER B 776 -34.54 -17.35 5.48
C SER B 776 -35.96 -17.03 5.95
N LEU B 777 -36.29 -17.48 7.16
CA LEU B 777 -37.48 -17.03 7.85
C LEU B 777 -37.15 -16.81 9.33
N ASP B 778 -37.65 -15.70 9.88
CA ASP B 778 -37.43 -15.34 11.27
C ASP B 778 -38.69 -15.66 12.07
N LEU B 779 -39.71 -14.83 11.90
CA LEU B 779 -40.92 -14.91 12.71
C LEU B 779 -41.95 -15.78 11.99
N MET B 780 -42.50 -16.75 12.72
CA MET B 780 -43.35 -17.77 12.13
C MET B 780 -44.19 -18.38 13.26
N ARG B 781 -45.51 -18.10 13.22
CA ARG B 781 -46.42 -18.50 14.27
C ARG B 781 -47.57 -19.30 13.66
N VAL B 782 -48.05 -20.31 14.40
CA VAL B 782 -49.15 -21.15 13.95
C VAL B 782 -50.17 -21.25 15.09
N HIS B 783 -51.43 -21.55 14.73
CA HIS B 783 -52.50 -21.65 15.71
C HIS B 783 -52.37 -22.97 16.47
N PRO B 784 -52.81 -23.04 17.75
CA PRO B 784 -52.94 -24.32 18.46
C PRO B 784 -53.90 -25.31 17.79
N ASP B 785 -54.97 -24.79 17.17
CA ASP B 785 -56.03 -25.62 16.60
C ASP B 785 -55.69 -26.05 15.18
N ALA B 786 -54.62 -25.50 14.60
CA ALA B 786 -54.22 -25.82 13.24
C ALA B 786 -53.74 -27.28 13.18
N PRO B 787 -53.89 -27.98 12.03
CA PRO B 787 -53.36 -29.34 11.87
C PRO B 787 -51.84 -29.38 12.07
N LYS B 788 -51.32 -30.58 12.37
CA LYS B 788 -49.92 -30.75 12.70
C LYS B 788 -49.07 -30.70 11.44
N LEU B 789 -49.63 -31.16 10.32
CA LEU B 789 -48.90 -31.25 9.06
C LEU B 789 -49.05 -29.97 8.25
N THR B 790 -49.89 -29.04 8.73
CA THR B 790 -50.09 -27.75 8.06
C THR B 790 -48.81 -26.93 8.08
N MET B 791 -48.13 -26.91 9.24
CA MET B 791 -46.91 -26.14 9.40
C MET B 791 -45.81 -26.69 8.49
N GLU B 792 -45.69 -28.03 8.44
CA GLU B 792 -44.69 -28.70 7.64
C GLU B 792 -44.96 -28.46 6.16
N PHE B 793 -46.25 -28.43 5.79
CA PHE B 793 -46.66 -28.10 4.44
C PHE B 793 -46.26 -26.67 4.09
N LEU B 794 -46.40 -25.76 5.07
CA LEU B 794 -46.12 -24.35 4.86
C LEU B 794 -44.69 -24.15 4.35
N MET B 795 -43.71 -24.61 5.14
CA MET B 795 -42.31 -24.36 4.83
C MET B 795 -41.89 -25.18 3.61
N LEU B 796 -42.55 -26.32 3.40
CA LEU B 796 -42.33 -27.10 2.19
C LEU B 796 -42.78 -26.28 0.98
N GLY B 797 -43.93 -25.61 1.11
CA GLY B 797 -44.41 -24.68 0.10
C GLY B 797 -43.43 -23.53 -0.12
N LEU B 798 -42.83 -23.03 0.97
CA LEU B 798 -41.84 -21.97 0.91
C LEU B 798 -40.63 -22.45 0.12
N ILE B 799 -40.16 -23.67 0.39
CA ILE B 799 -39.01 -24.23 -0.29
C ILE B 799 -39.32 -24.36 -1.78
N LEU B 800 -40.51 -24.90 -2.10
CA LEU B 800 -40.93 -25.08 -3.49
C LEU B 800 -40.94 -23.74 -4.22
N HIS B 801 -41.45 -22.70 -3.56
CA HIS B 801 -41.55 -21.38 -4.14
C HIS B 801 -40.14 -20.84 -4.44
N TYR B 802 -39.23 -21.04 -3.49
CA TYR B 802 -37.86 -20.56 -3.64
C TYR B 802 -37.12 -21.35 -4.72
N LYS B 803 -37.48 -22.63 -4.88
CA LYS B 803 -36.91 -23.45 -5.93
C LYS B 803 -37.39 -22.95 -7.29
N ALA B 804 -38.64 -22.48 -7.33
CA ALA B 804 -39.22 -21.94 -8.55
C ALA B 804 -38.56 -20.61 -8.92
N GLN B 805 -38.25 -19.80 -7.89
CA GLN B 805 -37.62 -18.51 -8.09
C GLN B 805 -36.15 -18.67 -8.47
N GLY B 806 -35.58 -19.85 -8.19
CA GLY B 806 -34.21 -20.17 -8.56
C GLY B 806 -33.21 -19.67 -7.53
N HIS B 807 -33.58 -19.78 -6.25
CA HIS B 807 -32.66 -19.47 -5.17
C HIS B 807 -31.66 -20.61 -5.04
N ALA B 808 -30.40 -20.27 -4.71
CA ALA B 808 -29.35 -21.25 -4.56
C ALA B 808 -29.61 -22.09 -3.33
N ARG B 809 -29.68 -21.45 -2.17
CA ARG B 809 -29.81 -22.12 -0.89
C ARG B 809 -31.04 -21.59 -0.16
N PHE B 810 -31.44 -22.29 0.90
CA PHE B 810 -32.52 -21.84 1.78
C PHE B 810 -32.19 -22.26 3.21
N SER B 811 -32.45 -21.36 4.16
CA SER B 811 -32.10 -21.58 5.56
C SER B 811 -33.35 -21.91 6.37
N LEU B 812 -33.22 -22.87 7.30
CA LEU B 812 -34.30 -23.24 8.20
C LEU B 812 -34.11 -22.55 9.54
N GLY B 813 -32.97 -22.82 10.19
CA GLY B 813 -32.67 -22.22 11.48
C GLY B 813 -31.59 -22.98 12.24
N MET B 814 -31.27 -22.51 13.45
CA MET B 814 -30.21 -23.07 14.26
C MET B 814 -30.83 -23.85 15.42
N VAL B 815 -30.29 -25.05 15.70
CA VAL B 815 -30.59 -25.77 16.91
C VAL B 815 -29.35 -25.72 17.82
N PRO B 816 -29.50 -25.30 19.10
CA PRO B 816 -28.37 -25.20 20.00
C PRO B 816 -27.92 -26.56 20.55
N LEU B 817 -26.83 -26.54 21.33
CA LEU B 817 -26.27 -27.72 21.97
C LEU B 817 -25.94 -28.78 20.91
N PHE B 846 -35.35 -29.47 22.41
CA PHE B 846 -34.43 -29.24 21.25
C PHE B 846 -34.34 -30.50 20.38
N GLN B 847 -34.51 -31.67 20.99
CA GLN B 847 -34.44 -32.94 20.28
C GLN B 847 -35.56 -32.99 19.22
N GLY B 848 -36.75 -32.54 19.61
CA GLY B 848 -37.90 -32.50 18.72
C GLY B 848 -37.68 -31.55 17.55
N LEU B 849 -37.07 -30.39 17.83
CA LEU B 849 -36.77 -29.40 16.79
C LEU B 849 -35.69 -29.95 15.86
N ARG B 850 -34.69 -30.63 16.42
CA ARG B 850 -33.59 -31.18 15.64
C ARG B 850 -34.13 -32.21 14.66
N ARG B 851 -34.98 -33.12 15.16
CA ARG B 851 -35.58 -34.15 14.32
C ARG B 851 -36.43 -33.51 13.23
N PHE B 852 -37.19 -32.48 13.60
CA PHE B 852 -38.10 -31.81 12.67
C PHE B 852 -37.32 -31.18 11.52
N LYS B 853 -36.15 -30.59 11.81
CA LYS B 853 -35.29 -30.02 10.80
C LYS B 853 -34.69 -31.13 9.94
N ASP B 854 -34.38 -32.27 10.58
CA ASP B 854 -33.71 -33.39 9.93
C ASP B 854 -34.69 -34.11 8.99
N LYS B 855 -35.99 -33.79 9.11
CA LYS B 855 -37.00 -34.40 8.25
C LYS B 855 -36.79 -34.00 6.79
N PHE B 856 -36.21 -32.81 6.56
CA PHE B 856 -36.02 -32.31 5.20
C PHE B 856 -34.64 -32.70 4.66
N GLN B 857 -33.85 -33.43 5.45
CA GLN B 857 -32.51 -33.84 5.06
C GLN B 857 -31.70 -32.60 4.65
N PRO B 858 -31.42 -31.67 5.59
CA PRO B 858 -30.70 -30.44 5.27
C PRO B 858 -29.18 -30.61 5.33
N ASP B 859 -28.46 -29.52 5.07
CA ASP B 859 -27.01 -29.49 5.16
C ASP B 859 -26.62 -28.68 6.40
N TRP B 860 -25.97 -29.34 7.35
CA TRP B 860 -25.64 -28.72 8.63
C TRP B 860 -24.37 -27.89 8.49
N GLU B 861 -24.29 -26.84 9.31
CA GLU B 861 -23.12 -25.97 9.36
C GLU B 861 -23.01 -25.42 10.78
N PRO B 862 -21.81 -25.49 11.40
CA PRO B 862 -21.65 -25.03 12.79
C PRO B 862 -21.78 -23.51 12.89
N ARG B 863 -22.45 -23.07 13.95
CA ARG B 863 -22.53 -21.66 14.29
C ARG B 863 -21.81 -21.45 15.62
N TYR B 864 -20.93 -20.45 15.68
CA TYR B 864 -20.08 -20.27 16.85
C TYR B 864 -20.51 -19.06 17.65
N LEU B 865 -19.98 -18.98 18.86
CA LEU B 865 -20.05 -17.81 19.72
C LEU B 865 -18.63 -17.33 19.99
N ALA B 866 -18.38 -16.02 19.84
CA ALA B 866 -17.07 -15.47 20.10
C ALA B 866 -17.05 -14.74 21.44
N VAL B 867 -16.09 -15.08 22.30
CA VAL B 867 -15.99 -14.46 23.62
C VAL B 867 -14.52 -14.31 23.99
N PRO B 868 -14.16 -13.32 24.84
CA PRO B 868 -12.77 -13.13 25.26
C PRO B 868 -12.16 -14.36 25.92
N ALA B 869 -10.82 -14.43 25.91
CA ALA B 869 -10.09 -15.59 26.41
C ALA B 869 -9.64 -15.34 27.85
N GLY B 870 -10.49 -15.74 28.81
CA GLY B 870 -10.16 -15.63 30.23
C GLY B 870 -9.48 -16.89 30.74
N LEU B 871 -8.16 -16.97 30.55
CA LEU B 871 -7.38 -18.16 30.88
C LEU B 871 -6.23 -17.78 31.80
N ASP B 872 -6.56 -17.19 32.94
CA ASP B 872 -5.57 -16.83 33.95
C ASP B 872 -5.31 -18.05 34.84
N PRO B 873 -4.05 -18.56 34.89
CA PRO B 873 -3.72 -19.69 35.76
C PRO B 873 -4.17 -19.55 37.21
N LEU B 874 -3.96 -18.35 37.79
CA LEU B 874 -4.26 -18.10 39.19
C LEU B 874 -5.73 -18.34 39.49
N VAL B 875 -6.62 -17.88 38.61
CA VAL B 875 -8.05 -18.04 38.78
C VAL B 875 -8.40 -19.52 38.84
N ALA B 876 -7.81 -20.31 37.94
CA ALA B 876 -8.09 -21.73 37.83
C ALA B 876 -7.58 -22.48 39.06
N LEU B 877 -6.41 -22.06 39.57
CA LEU B 877 -5.80 -22.70 40.72
C LEU B 877 -6.60 -22.37 41.98
N ALA B 878 -7.07 -21.11 42.09
CA ALA B 878 -7.88 -20.67 43.21
C ALA B 878 -9.21 -21.43 43.22
N ASP B 879 -9.76 -21.69 42.03
CA ASP B 879 -11.00 -22.42 41.88
C ASP B 879 -10.81 -23.88 42.31
N THR B 880 -9.67 -24.47 41.90
CA THR B 880 -9.33 -25.83 42.24
C THR B 880 -9.15 -25.98 43.75
N ALA B 881 -8.42 -25.02 44.35
CA ALA B 881 -8.13 -25.04 45.78
C ALA B 881 -9.42 -24.90 46.59
N ALA B 882 -10.34 -24.05 46.10
CA ALA B 882 -11.61 -23.80 46.78
C ALA B 882 -12.49 -25.05 46.75
N LEU B 883 -12.46 -25.77 45.61
CA LEU B 883 -13.27 -26.97 45.44
C LEU B 883 -12.71 -28.10 46.29
N ILE B 884 -11.38 -28.22 46.33
CA ILE B 884 -10.71 -29.25 47.12
C ILE B 884 -11.05 -29.05 48.60
N ALA B 885 -10.95 -27.81 49.08
CA ALA B 885 -11.26 -27.48 50.46
C ALA B 885 -12.78 -27.51 50.66
C13 J4U C . 30.37 -2.67 11.07
C15 J4U C . 28.13 -3.66 10.57
C16 J4U C . 31.81 -2.88 11.48
C17 J4U C . 32.31 -1.85 12.47
C01 J4U C . 25.59 -0.21 7.90
C03 J4U C . 24.50 -1.55 9.82
C04 J4U C . 24.54 -2.91 9.09
C06 J4U C . 26.76 -2.00 9.27
C07 J4U C . 27.46 -2.28 10.60
C08 J4U C . 28.37 -1.09 10.96
C10 J4U C . 26.30 0.25 10.26
C18 J4U C . 32.06 -0.48 11.93
C19 J4U C . 30.58 -0.24 11.71
CG1 J4U C . 34.29 -1.47 13.81
C02 J4U C . 25.76 -0.82 9.30
C05 J4U C . 25.97 -3.11 8.58
C09 J4U C . 27.83 0.21 10.36
C11 J4U C . 29.91 -1.25 10.75
C12 J4U C . 30.32 -0.92 9.30
C14 J4U C . 29.57 -3.71 10.97
C22 J4U C . 35.39 -0.52 13.36
C23 J4U C . 36.79 -1.05 13.51
C24 J4U C . 37.29 -0.91 14.95
C48 J4U C . 37.73 -0.36 12.55
C73 J4U C . 22.47 -2.08 8.58
C74 J4U C . 23.06 -1.05 9.55
C75 J4U C . 22.90 0.42 9.16
C76 J4U C . 21.66 -1.52 7.43
C77 J4U C . 20.92 -2.61 6.63
C78 J4U C . 20.13 -3.51 7.56
C79 J4U C . 21.07 -4.03 8.63
C81 J4U C . 19.45 -4.66 6.82
O20 J4U C . 33.72 -2.11 12.68
O72 J4U C . 23.58 -2.79 8.03
O80 J4U C . 21.67 -2.96 9.36
C40 PGT D . 25.33 -6.65 5.72
C39 PGT D . 26.68 -6.65 6.41
C38 PGT D . 27.83 -6.21 5.53
C37 PGT D . 29.20 -6.40 6.15
C36 PGT D . 29.44 -5.58 7.40
C35 PGT D . 30.88 -5.52 7.86
C34 PGT D . 31.54 -6.86 8.08
C33 PGT D . 32.14 -7.07 9.47
C32 PGT D . 33.29 -6.18 9.76
C31 PGT D . 34.60 -6.68 9.22
O31 PGT D . 35.43 -7.30 9.83
O2 PGT D . 34.69 -6.32 7.92
C2 PGT D . 35.90 -6.64 7.16
C1 PGT D . 37.09 -5.82 7.65
O3P PGT D . 38.29 -6.65 7.71
P PGT D . 39.51 -6.31 6.73
O1P PGT D . 39.23 -6.97 5.40
O2P PGT D . 39.78 -4.83 6.79
O4P PGT D . 40.75 -7.06 7.42
C4 PGT D . 42.01 -7.19 6.70
C3 PGT D . 35.49 -6.35 5.74
O3 PGT D . 36.05 -7.35 4.85
C11 PGT D . 35.56 -7.45 3.61
O11 PGT D . 35.99 -8.25 2.82
C12 PGT D . 34.43 -6.48 3.33
C13 PGT D . 33.54 -6.89 2.18
C14 PGT D . 32.23 -7.51 2.63
C15 PGT D . 31.06 -6.56 2.64
C16 PGT D . 30.44 -6.34 1.26
C17 PGT D . 29.23 -5.44 1.26
C18 PGT D . 29.44 -4.10 1.93
C19 PGT D . 28.56 -2.98 1.40
C20 PGT D . 27.07 -3.26 1.43
C45 PGT E . 6.38 19.25 -2.28
C44 PGT E . 6.14 17.87 -1.74
C43 PGT E . 5.07 17.77 -0.70
C42 PGT E . 5.35 18.58 0.55
C41 PGT E . 4.49 18.21 1.75
C40 PGT E . 3.00 18.26 1.51
C39 PGT E . 2.49 19.60 1.03
C38 PGT E . 1.42 20.20 1.90
C37 PGT E . 0.10 19.47 1.84
C36 PGT E . -1.01 20.15 2.62
C35 PGT E . -1.52 21.43 1.99
C34 PGT E . -2.61 22.13 2.78
C33 PGT E . -4.01 21.98 2.21
C32 PGT E . -4.63 20.65 2.52
C45 PGT F . 8.11 32.20 -40.04
C44 PGT F . 6.91 33.12 -40.03
C43 PGT F . 7.20 34.53 -39.57
C42 PGT F . 6.00 35.46 -39.61
C41 PGT F . 6.31 36.87 -39.19
C40 PGT F . 5.45 37.93 -39.86
C39 PGT F . 3.97 37.77 -39.60
C38 PGT F . 3.15 39.03 -39.82
C37 PGT F . 3.29 39.62 -41.20
C36 PGT F . 2.04 40.25 -41.75
C35 PGT F . 1.39 41.25 -40.82
C34 PGT F . 0.45 42.22 -41.50
C33 PGT F . 1.11 43.49 -42.01
C32 PGT F . 1.06 43.62 -43.50
C8 PTY G . 39.07 11.30 -23.16
C11 PTY G . 37.64 10.97 -23.47
C12 PTY G . 36.71 11.16 -22.30
C13 PTY G . 35.56 10.16 -22.28
C14 PTY G . 34.38 10.54 -23.12
C15 PTY G . 33.50 9.39 -23.52
C16 PTY G . 32.05 9.74 -23.78
C17 PTY G . 31.18 8.56 -24.15
C18 PTY G . 29.76 8.92 -24.52
C19 PTY G . 28.93 7.76 -25.02
C20 PTY G . 29.00 7.54 -26.51
C21 PTY G . 30.19 6.71 -26.97
C22 PTY G . 30.98 7.32 -28.10
C23 PTY G . 32.19 8.14 -27.69
C24 PTY G . 33.16 8.40 -28.82
C8 PTY H . 19.59 39.39 -0.59
C11 PTY H . 18.81 40.22 -1.58
C12 PTY H . 18.41 39.49 -2.85
C13 PTY H . 17.59 38.22 -2.65
C14 PTY H . 17.65 37.26 -3.81
C15 PTY H . 16.57 37.49 -4.86
C16 PTY H . 16.08 36.24 -5.58
C17 PTY H . 16.15 34.96 -4.78
C18 PTY H . 15.28 33.85 -5.31
C19 PTY H . 15.51 33.51 -6.76
C20 PTY H . 15.02 32.14 -7.15
C21 PTY H . 14.49 32.05 -8.57
C22 PTY H . 14.82 30.73 -9.26
C23 PTY H . 14.07 30.42 -10.54
C24 PTY H . 12.83 31.24 -10.81
C45 PGT I . 25.26 26.82 -36.96
C44 PGT I . 25.95 26.06 -35.84
C43 PGT I . 26.58 26.95 -34.78
C42 PGT I . 27.97 27.41 -35.09
C41 PGT I . 29.02 26.31 -35.07
C40 PGT I . 30.37 26.75 -34.56
C39 PGT I . 31.03 27.81 -35.41
C38 PGT I . 32.45 28.12 -35.01
C37 PGT I . 32.58 28.81 -33.68
C36 PGT I . 33.98 29.22 -33.33
C35 PGT I . 34.92 28.06 -33.09
C34 PGT I . 36.26 28.45 -32.53
C33 PGT I . 37.18 29.15 -33.52
C32 PGT I . 38.61 28.73 -33.38
C45 PGT J . 30.52 -6.30 -4.45
C44 PGT J . 31.24 -6.49 -3.14
C43 PGT J . 32.73 -6.69 -3.25
C42 PGT J . 33.51 -5.44 -3.55
C41 PGT J . 35.01 -5.57 -3.39
C40 PGT J . 35.45 -6.01 -2.02
C39 PGT J . 36.83 -5.53 -1.63
C38 PGT J . 37.39 -6.24 -0.42
C37 PGT J . 38.02 -7.57 -0.72
C36 PGT J . 39.44 -7.48 -1.22
C35 PGT J . 40.45 -7.11 -0.17
C34 PGT J . 41.89 -7.27 -0.59
C33 PGT J . 42.90 -7.17 0.54
C32 PGT J . 44.29 -7.50 0.12
C48 PGT K . 10.31 36.00 -35.64
C47 PGT K . 9.89 35.15 -34.47
C46 PGT K . 8.40 35.23 -34.15
C45 PGT K . 7.61 33.96 -34.32
C44 PGT K . 7.85 33.22 -35.62
C43 PGT K . 6.70 32.38 -36.08
C42 PGT K . 6.22 31.36 -35.08
C41 PGT K . 5.15 30.42 -35.60
C40 PGT K . 5.65 29.40 -36.60
C39 PGT K . 4.56 28.59 -37.24
C38 PGT K . 3.95 27.54 -36.33
C37 PGT K . 2.82 26.76 -36.95
C36 PGT K . 3.24 25.84 -38.08
C35 PGT K . 2.09 25.25 -38.86
C34 PGT K . 1.35 24.13 -38.15
C33 PGT K . 2.11 22.80 -38.08
C32 PGT K . 1.98 22.00 -39.35
C48 PGT L . 40.69 22.86 -32.05
C47 PGT L . 39.41 22.19 -31.65
C46 PGT L . 38.20 23.12 -31.74
C45 PGT L . 36.87 22.42 -31.60
C44 PGT L . 35.69 23.20 -32.11
C43 PGT L . 34.42 22.40 -32.28
C42 PGT L . 33.74 22.03 -30.99
C41 PGT L . 32.62 21.05 -31.14
C40 PGT L . 31.51 21.51 -32.05
C39 PGT L . 30.30 20.60 -32.10
C38 PGT L . 29.39 20.85 -33.28
C37 PGT L . 27.96 20.42 -33.05
C36 PGT L . 27.03 20.73 -34.21
C35 PGT L . 25.61 20.30 -34.00
C34 PGT L . 24.81 20.17 -35.27
C48 PGT M . 25.99 -6.77 -2.13
C47 PGT M . 26.14 -6.03 -0.82
C46 PGT M . 24.82 -5.63 -0.21
C45 PGT M . 24.11 -4.48 -0.90
C44 PGT M . 22.65 -4.74 -1.18
C43 PGT M . 21.91 -3.60 -1.84
C42 PGT M . 20.40 -3.62 -1.65
C41 PGT M . 19.78 -4.98 -1.40
C40 PGT M . 18.74 -5.40 -2.41
C39 PGT M . 17.38 -4.77 -2.19
C38 PGT M . 16.32 -5.75 -1.73
C37 PGT M . 14.90 -5.22 -1.84
C36 PGT M . 14.05 -5.95 -2.85
C35 PGT M . 12.59 -6.06 -2.48
C34 PGT M . 11.75 -4.89 -2.93
C33 PGT M . 10.35 -5.28 -3.41
C32 PGT M . 10.26 -5.40 -4.91
C31 PGT M . 10.22 -6.83 -5.41
O31 PGT M . 9.26 -7.55 -5.36
O2 PGT M . 11.39 -7.23 -5.95
C48 PGT N . 33.01 21.49 -15.70
C47 PGT N . 32.10 22.37 -16.54
C46 PGT N . 32.58 22.59 -17.96
C45 PGT N . 32.68 21.34 -18.80
C44 PGT N . 31.40 20.56 -18.93
C43 PGT N . 31.43 19.44 -19.94
C42 PGT N . 31.66 18.07 -19.34
C41 PGT N . 30.42 17.47 -18.71
C40 PGT N . 30.71 16.31 -17.79
C39 PGT N . 30.78 16.66 -16.32
C38 PGT N . 29.67 17.56 -15.83
C37 PGT N . 29.60 17.68 -14.33
C36 PGT N . 30.91 17.98 -13.66
C35 PGT N . 30.81 18.62 -12.29
C34 PGT N . 29.55 18.27 -11.52
C33 PGT N . 29.71 18.24 -10.01
C32 PGT N . 30.95 17.56 -9.55
C31 PGT N . 30.94 17.26 -8.08
O31 PGT N . 31.40 18.00 -7.24
O2 PGT N . 30.37 16.08 -7.81
C2 PGT N . 30.03 15.76 -6.43
C1 PGT N . 31.19 15.04 -5.77
O3P PGT N . 32.33 15.94 -5.61
P PGT N . 32.60 16.70 -4.23
O1P PGT N . 34.04 16.46 -3.86
O2P PGT N . 32.10 18.11 -4.36
O4P PGT N . 31.61 15.96 -3.18
C4 PGT N . 32.17 15.22 -2.05
C5 PGT N . 31.52 15.70 -0.78
O5 PGT N . 30.20 15.16 -0.70
C6 PGT N . 31.46 17.21 -0.63
O6 PGT N . 32.63 17.84 -1.16
C3 PGT N . 28.75 14.95 -6.44
O3 PGT N . 28.06 15.15 -7.68
C11 PGT N . 27.20 16.16 -7.75
O11 PGT N . 27.00 16.93 -6.84
C12 PGT N . 26.49 16.20 -9.09
C13 PGT N . 25.75 17.48 -9.36
C14 PGT N . 24.97 17.45 -10.67
C15 PGT N . 23.54 16.95 -10.57
C16 PGT N . 22.77 17.43 -9.35
C17 PGT N . 21.30 17.11 -9.38
C18 PGT N . 20.54 17.62 -8.17
C19 PGT N . 19.32 16.79 -7.81
C20 PGT N . 19.62 15.37 -7.41
C21 PGT N . 18.44 14.60 -6.88
C22 PGT N . 17.89 15.11 -5.57
C23 PGT N . 16.42 15.43 -5.60
C24 PGT N . 15.91 16.06 -4.33
C25 PGT N . 16.12 17.55 -4.24
C26 PGT N . 14.89 18.37 -4.53
C8 PTY O . 38.52 -5.73 -10.47
C11 PTY O . 37.13 -5.62 -9.91
C12 PTY O . 36.16 -4.89 -10.80
C13 PTY O . 34.72 -4.90 -10.26
C14 PTY O . 33.88 -6.07 -10.74
C15 PTY O . 32.57 -5.68 -11.40
C16 PTY O . 31.33 -5.96 -10.58
C17 PTY O . 30.03 -5.52 -11.24
C18 PTY O . 28.94 -6.58 -11.27
C19 PTY O . 28.42 -6.91 -12.66
C20 PTY O . 29.22 -7.96 -13.39
C21 PTY O . 28.44 -8.68 -14.48
C22 PTY O . 29.30 -9.16 -15.65
C23 PTY O . 28.80 -10.42 -16.32
C24 PTY O . 29.00 -10.42 -17.82
C8 PTY P . 40.94 5.61 -24.87
C11 PTY P . 40.70 6.28 -23.55
C12 PTY P . 39.26 6.57 -23.24
C13 PTY P . 38.31 5.49 -23.73
C14 PTY P . 36.89 5.63 -23.24
C15 PTY P . 36.12 4.33 -23.16
C16 PTY P . 34.66 4.45 -23.52
C17 PTY P . 33.89 5.53 -22.77
C18 PTY P . 32.86 5.03 -21.78
C19 PTY P . 32.05 3.84 -22.25
C20 PTY P . 30.61 3.88 -21.84
C21 PTY P . 29.81 2.69 -22.31
C22 PTY P . 28.75 2.21 -21.34
C23 PTY P . 27.88 1.10 -21.87
C24 PTY P . 28.54 -0.26 -21.83
C8 PTY Q . 47.06 6.68 -20.73
C11 PTY Q . 45.69 6.17 -20.38
C12 PTY Q . 45.55 4.68 -20.57
C13 PTY Q . 44.26 4.09 -19.99
C14 PTY Q . 43.36 5.06 -19.25
C15 PTY Q . 42.02 4.51 -18.80
C16 PTY Q . 41.57 3.23 -19.48
C17 PTY Q . 40.15 2.79 -19.19
C18 PTY Q . 39.23 3.89 -18.70
C19 PTY Q . 38.58 3.59 -17.38
C20 PTY Q . 37.56 2.49 -17.45
C21 PTY Q . 36.55 2.67 -18.54
C22 PTY Q . 35.49 1.60 -18.55
C23 PTY Q . 36.00 0.26 -19.00
C24 PTY Q . 34.94 -0.80 -19.06
C25 PTY Q . 34.07 -0.74 -20.29
C26 PTY Q . 33.13 -1.93 -20.45
C27 PTY Q . 32.55 -2.12 -21.84
C28 PTY Q . 32.58 -0.94 -22.80
C29 PTY Q . 33.70 -1.02 -23.82
C8 PTY R . -2.87 27.30 -5.53
C11 PTY R . -3.19 26.70 -6.87
C12 PTY R . -2.19 27.01 -7.97
C13 PTY R . -1.01 27.86 -7.52
C14 PTY R . 0.03 28.09 -8.59
C15 PTY R . 1.27 28.79 -8.12
C16 PTY R . 1.71 29.96 -8.97
C17 PTY R . 3.19 30.22 -8.98
C18 PTY R . 3.92 29.59 -10.15
C19 PTY R . 5.41 29.86 -10.17
C20 PTY R . 5.84 30.88 -11.20
C21 PTY R . 7.21 31.45 -10.95
C22 PTY R . 7.72 32.35 -12.06
C23 PTY R . 9.22 32.47 -12.12
C24 PTY R . 9.88 32.81 -10.81
C41 PGT S . 18.84 19.89 3.67
C40 PGT S . 19.66 20.79 4.57
C39 PGT S . 20.94 21.31 3.95
C38 PGT S . 22.17 21.13 4.81
C37 PGT S . 22.17 21.93 6.10
C36 PGT S . 22.65 23.36 5.96
C35 PGT S . 24.09 23.53 5.54
C34 PGT S . 25.11 22.94 6.49
C33 PGT S . 26.31 23.84 6.79
C32 PGT S . 27.09 24.20 5.55
C48 PGT T . 20.46 16.27 11.64
C47 PGT T . 19.68 14.99 11.52
C46 PGT T . 18.35 15.12 10.83
C45 PGT T . 17.47 13.90 10.97
C44 PGT T . 16.22 13.94 10.14
C43 PGT T . 15.07 14.68 10.78
C42 PGT T . 13.90 14.92 9.85
C41 PGT T . 13.33 13.67 9.24
C40 PGT T . 11.98 13.83 8.61
C39 PGT T . 11.55 12.65 7.77
C38 PGT T . 10.12 12.73 7.30
C37 PGT T . 9.91 12.31 5.87
C36 PGT T . 9.20 10.99 5.70
C35 PGT T . 7.76 11.10 5.28
C34 PGT T . 7.32 10.00 4.35
C33 PGT T . 5.81 9.87 4.25
C32 PGT T . 5.27 8.67 4.99
C31 PGT T . 4.47 7.75 4.12
O31 PGT T . 3.35 7.98 3.73
O2 PGT T . 5.17 6.64 3.85
C2 PGT T . 4.61 5.70 2.90
C1 PGT T . 3.32 5.12 3.43
O3P PGT T . 2.19 5.72 2.76
P PGT T . 0.77 4.97 2.84
O1P PGT T . -0.18 5.77 1.99
O2P PGT T . 0.98 3.50 2.59
O4P PGT T . 0.36 5.08 4.39
C4 PGT T . -0.27 6.29 4.87
C5 PGT T . -1.06 6.00 6.12
O5 PGT T . -2.22 5.25 5.79
C6 PGT T . -1.44 7.27 6.88
O6 PGT T . -2.41 8.04 6.16
C3 PGT T . 5.68 4.66 2.65
O3 PGT T . 5.86 3.97 3.90
C11 PGT T . 6.92 4.24 4.66
O11 PGT T . 6.97 3.94 5.83
C12 PGT T . 8.10 4.79 3.91
C13 PGT T . 9.25 5.11 4.79
C14 PGT T . 10.39 5.75 4.03
C15 PGT T . 10.76 7.13 4.50
C16 PGT T . 12.13 7.57 4.06
C17 PGT T . 12.45 9.00 4.44
C18 PGT T . 13.12 9.14 5.77
C19 PGT T . 14.63 9.11 5.69
C20 PGT T . 15.32 9.18 7.03
C21 PGT T . 16.81 8.98 6.96
C22 PGT T . 17.22 7.63 6.45
C23 PGT T . 18.69 7.34 6.57
C24 PGT T . 19.54 8.06 5.55
C25 PGT T . 21.02 8.02 5.79
C26 PGT T . 21.61 6.64 5.76
C41 PGT U . 23.95 -7.79 11.39
C40 PGT U . 25.44 -8.04 11.30
C39 PGT U . 26.17 -7.99 12.62
C38 PGT U . 27.41 -7.12 12.62
C37 PGT U . 28.54 -7.60 11.74
C36 PGT U . 29.44 -8.64 12.36
C35 PGT U . 30.22 -8.18 13.57
C34 PGT U . 31.18 -7.03 13.31
C33 PGT U . 32.56 -7.19 13.93
C32 PGT U . 32.53 -7.34 15.43
C48 PGT V . 27.99 -2.58 5.40
C47 PGT V . 26.80 -1.85 4.82
C46 PGT V . 25.57 -2.71 4.62
C45 PGT V . 24.50 -2.04 3.80
C44 PGT V . 23.21 -2.80 3.73
C43 PGT V . 23.17 -3.87 2.67
C42 PGT V . 21.97 -4.78 2.77
C41 PGT V . 20.64 -4.06 2.71
C40 PGT V . 19.46 -4.95 2.45
C39 PGT V . 18.13 -4.28 2.67
C38 PGT V . 16.94 -5.08 2.22
C37 PGT V . 15.77 -5.05 3.16
C36 PGT V . 14.58 -4.27 2.67
C35 PGT V . 13.43 -5.11 2.18
C34 PGT V . 12.09 -4.52 2.47
C33 PGT V . 10.96 -5.13 1.65
C32 PGT V . 10.47 -4.22 0.55
C31 PGT V . 9.01 -3.94 0.62
O31 PGT V . 8.14 -4.73 0.32
O2 PGT V . 8.79 -2.70 1.06
C2 PGT V . 7.42 -2.30 1.33
C1 PGT V . 6.61 -2.31 0.07
O3P PGT V . 5.75 -3.48 0.04
P PGT V . 4.51 -3.48 -0.98
O1P PGT V . 3.75 -4.76 -0.73
O2P PGT V . 3.80 -2.15 -0.89
O4P PGT V . 5.19 -3.51 -2.44
C4 PGT V . 5.62 -4.78 -2.98
C5 PGT V . 5.70 -4.69 -4.49
O5 PGT V . 4.38 -4.64 -5.03
C6 PGT V . 6.48 -5.84 -5.11
O6 PGT V . 5.79 -7.08 -4.97
C3 PGT V . 7.50 -0.94 1.98
O3 PGT V . 8.02 -0.05 0.99
C11 PGT V . 9.30 0.34 1.04
O11 PGT V . 9.87 0.81 0.10
C12 PGT V . 9.89 0.30 2.42
C13 PGT V . 11.32 0.71 2.45
C14 PGT V . 11.93 0.56 3.82
C15 PGT V . 13.10 -0.39 3.90
C16 PGT V . 13.95 -0.20 5.12
C17 PGT V . 15.05 -1.22 5.24
C18 PGT V . 16.35 -0.81 4.60
C19 PGT V . 17.28 -0.09 5.54
C20 PGT V . 18.56 0.40 4.89
C21 PGT V . 19.40 1.26 5.79
C22 PGT V . 18.74 2.54 6.20
C23 PGT V . 19.65 3.50 6.92
C24 PGT V . 19.96 3.10 8.35
C25 PGT V . 21.06 3.88 9.02
C26 PGT V . 20.78 5.35 9.16
C13 J4U W . 25.31 18.41 8.52
C15 J4U W . 23.07 18.14 7.44
C16 J4U W . 26.40 19.34 9.00
C17 J4U W . 27.80 18.84 8.68
C01 J4U W . 21.45 13.50 8.65
C03 J4U W . 21.22 14.47 6.27
C04 J4U W . 20.18 15.56 6.65
C06 J4U W . 22.18 15.83 7.95
C07 J4U W . 23.29 16.63 7.25
C08 J4U W . 24.67 16.08 7.70
C10 J4U W . 23.51 13.84 7.27
C18 J4U W . 27.96 17.44 9.19
C19 J4U W . 26.96 16.50 8.54
CG1 J4U W . 30.07 19.66 8.83
C02 J4U W . 22.10 14.34 7.53
C05 J4U W . 20.73 16.31 7.85
C09 J4U W . 24.56 14.59 8.08
C11 J4U W . 25.48 16.91 8.74
C12 J4U W . 25.07 16.57 10.19
C14 J4U W . 24.24 18.92 7.96
C22 J4U W . 30.98 19.28 9.99
C23 J4U W . 31.75 20.42 10.60
C24 J4U W . 32.98 20.77 9.78
C48 J4U W . 32.12 20.10 12.03
C73 J4U W . 18.90 13.77 5.98
C74 J4U W . 20.34 13.31 5.72
C75 J4U W . 20.70 11.91 6.18
C76 J4U W . 17.96 12.72 6.52
C77 J4U W . 16.50 13.18 6.53
C78 J4U W . 16.09 13.74 5.18
C79 J4U W . 17.09 14.81 4.80
C81 J4U W . 14.67 14.30 5.19
O20 J4U W . 28.73 19.76 9.29
O72 J4U W . 18.98 14.81 6.95
O80 J4U W . 18.42 14.29 4.74
C40 PGT X . 16.98 18.61 9.16
C39 PGT X . 18.27 19.36 9.41
C38 PGT X . 18.72 19.37 10.85
C37 PGT X . 19.91 20.27 11.12
C36 PGT X . 21.18 19.89 10.41
C35 PGT X . 22.43 20.59 10.90
C34 PGT X . 22.36 22.10 10.88
C33 PGT X . 23.47 22.79 10.10
C32 PGT X . 24.83 22.60 10.69
C31 PGT X . 25.15 23.56 11.80
O31 PGT X . 25.76 24.59 11.70
O2 PGT X . 24.62 23.09 12.94
C2 PGT X . 24.82 23.80 14.20
C1 PGT X . 26.27 23.73 14.64
O3P PGT X . 26.71 25.02 15.16
P PGT X . 27.11 25.13 16.71
O1P PGT X . 25.84 25.36 17.49
O2P PGT X . 28.02 23.99 17.06
O4P PGT X . 27.98 26.49 16.76
C4 PGT X . 28.33 27.07 18.04
C3 PGT X . 23.85 23.12 15.14
O3 PGT X . 23.24 24.11 16.01
C11 PGT X . 22.14 23.76 16.69
O11 PGT X . 21.59 24.52 17.44
C12 PGT X . 21.68 22.34 16.41
C13 PGT X . 20.23 22.09 16.74
C14 PGT X . 19.34 22.08 15.51
C15 PGT X . 19.01 20.71 14.98
C16 PGT X . 17.90 20.00 15.75
C17 PGT X . 17.52 18.65 15.19
C18 PGT X . 18.68 17.70 15.00
C19 PGT X . 18.32 16.22 15.09
C20 PGT X . 17.22 15.78 14.15
C45 PGT Y . 11.93 -14.08 8.72
C44 PGT Y . 11.44 -12.90 7.93
C43 PGT Y . 11.29 -13.15 6.45
C42 PGT Y . 12.58 -13.51 5.76
C41 PGT Y . 12.54 -13.39 4.25
C40 PGT Y . 11.44 -14.18 3.58
C39 PGT Y . 11.45 -15.66 3.87
C38 PGT Y . 11.53 -16.54 2.66
C37 PGT Y . 10.29 -16.54 1.81
C36 PGT Y . 10.32 -17.52 0.66
C35 PGT Y . 10.22 -18.97 1.08
C34 PGT Y . 10.29 -19.95 -0.08
C33 PGT Y . 8.96 -20.58 -0.46
C32 PGT Y . 8.11 -19.67 -1.30
C45 PGT Z . -2.92 -30.74 41.87
C44 PGT Z . -3.27 -32.09 41.31
C43 PGT Z . -2.15 -33.10 41.34
C42 PGT Z . -2.53 -34.48 40.83
C41 PGT Z . -1.42 -35.49 40.92
C40 PGT Z . -1.88 -36.92 41.11
C39 PGT Z . -2.79 -37.44 40.02
C38 PGT Z . -2.87 -38.95 39.92
C37 PGT Z . -3.30 -39.62 41.20
C36 PGT Z . -4.16 -40.85 41.00
C35 PGT Z . -3.57 -41.86 40.06
C34 PGT Z . -4.14 -43.26 40.20
C33 PGT Z . -3.40 -44.13 41.20
C32 PGT Z . -4.24 -44.51 42.38
C8 PTY AA . 17.62 4.72 43.10
C11 PTY AA . 16.33 4.28 42.46
C12 PTY AA . 16.49 3.88 41.02
C13 PTY AA . 15.27 4.21 40.16
C14 PTY AA . 14.18 3.18 40.20
C15 PTY AA . 12.82 3.70 39.82
C16 PTY AA . 11.87 2.67 39.24
C17 PTY AA . 10.53 3.23 38.82
C18 PTY AA . 9.54 2.18 38.35
C19 PTY AA . 8.16 2.72 38.07
C20 PTY AA . 7.23 2.70 39.26
C21 PTY AA . 7.36 3.90 40.18
C22 PTY AA . 7.51 3.56 41.65
C23 PTY AA . 8.93 3.48 42.16
C24 PTY AA . 9.03 3.53 43.67
C8 PTY BA . 31.11 -25.05 18.43
C11 PTY BA . 30.41 -26.31 18.89
C12 PTY BA . 29.06 -26.08 19.55
C13 PTY BA . 28.05 -25.32 18.70
C14 PTY BA . 26.95 -24.66 19.50
C15 PTY BA . 25.73 -25.53 19.74
C16 PTY BA . 24.40 -24.80 19.82
C17 PTY BA . 24.31 -23.53 19.02
C18 PTY BA . 22.90 -23.06 18.74
C19 PTY BA . 22.05 -22.89 19.97
C20 PTY BA . 20.85 -22.00 19.77
C21 PTY BA . 19.63 -22.40 20.57
C22 PTY BA . 18.83 -21.23 21.09
C23 PTY BA . 17.44 -21.51 21.62
C24 PTY BA . 16.84 -22.85 21.25
C45 PGT CA . 7.71 -17.50 48.56
C44 PGT CA . 8.46 -16.33 47.95
C43 PGT CA . 9.91 -16.64 47.62
C42 PGT CA . 10.87 -16.43 48.76
C41 PGT CA . 11.06 -14.99 49.17
C40 PGT CA . 12.45 -14.65 49.62
C39 PGT CA . 12.89 -15.40 50.87
C38 PGT CA . 14.21 -14.93 51.43
C37 PGT CA . 15.40 -15.25 50.55
C36 PGT CA . 16.72 -14.89 51.17
C35 PGT CA . 16.94 -13.40 51.33
C34 PGT CA . 18.34 -13.02 51.73
C33 PGT CA . 18.69 -13.36 53.17
C32 PGT CA . 19.52 -12.31 53.83
C45 PGT DA . 14.63 19.05 20.34
C44 PGT DA . 15.79 19.78 19.68
C43 PGT DA . 16.61 20.64 20.61
C42 PGT DA . 17.54 19.87 21.51
C41 PGT DA . 18.56 20.71 22.24
C40 PGT DA . 19.45 21.53 21.34
C39 PGT DA . 20.81 21.82 21.91
C38 PGT DA . 21.56 22.90 21.16
C37 PGT DA . 21.18 24.30 21.55
C36 PGT DA . 21.86 24.81 22.79
C35 PGT DA . 23.33 25.14 22.61
C34 PGT DA . 23.95 25.88 23.76
C33 PGT DA . 25.33 26.45 23.46
C32 PGT DA . 25.85 27.33 24.56
C48 PGT EA . 2.90 -32.27 40.29
C47 PGT EA . 2.90 -31.53 38.96
C46 PGT EA . 2.14 -32.25 37.86
C45 PGT EA . 0.92 -31.55 37.32
C44 PGT EA . -0.02 -31.00 38.37
C43 PGT EA . -1.46 -30.90 37.93
C42 PGT EA . -1.67 -30.07 36.69
C41 PGT EA . -3.12 -29.85 36.32
C40 PGT EA . -3.85 -28.89 37.23
C39 PGT EA . -5.33 -28.80 36.97
C38 PGT EA . -5.69 -28.04 35.72
C37 PGT EA . -7.17 -27.98 35.42
C36 PGT EA . -7.98 -27.18 36.41
C35 PGT EA . -9.48 -27.33 36.26
C34 PGT EA . -10.07 -26.59 35.08
C33 PGT EA . -10.16 -25.08 35.25
C32 PGT EA . -11.36 -24.65 36.05
C48 PGT FA . 18.91 -6.01 53.02
C47 PGT FA . 17.99 -5.97 51.85
C46 PGT FA . 17.58 -7.36 51.36
C45 PGT FA . 16.45 -7.35 50.36
C44 PGT FA . 15.73 -8.67 50.20
C43 PGT FA . 14.42 -8.59 49.46
C42 PGT FA . 14.56 -8.38 47.98
C41 PGT FA . 13.26 -8.08 47.28
C40 PGT FA . 12.21 -9.15 47.44
C39 PGT FA . 10.96 -8.95 46.62
C38 PGT FA . 9.78 -9.78 47.06
C37 PGT FA . 8.77 -10.04 45.97
C36 PGT FA . 7.62 -10.94 46.40
C35 PGT FA . 6.60 -11.20 45.33
C34 PGT FA . 5.26 -11.67 45.85
C48 PGT GA . 12.77 17.73 15.77
C47 PGT GA . 13.98 17.36 14.94
C46 PGT GA . 13.66 16.50 13.74
C45 PGT GA . 13.32 15.06 14.07
C44 PGT GA . 12.07 14.56 13.39
C43 PGT GA . 11.73 13.11 13.68
C42 PGT GA . 10.83 12.44 12.64
C41 PGT GA . 9.93 13.38 11.85
C40 PGT GA . 8.45 13.09 11.97
C39 PGT GA . 7.97 11.94 11.11
C38 PGT GA . 7.08 12.36 9.96
C37 PGT GA . 6.33 11.22 9.31
C36 PGT GA . 4.83 11.28 9.49
C35 PGT GA . 4.03 10.75 8.33
C34 PGT GA . 3.76 9.27 8.39
C33 PGT GA . 2.37 8.88 7.89
C32 PGT GA . 1.38 8.69 9.00
C31 PGT GA . 0.40 9.83 9.15
O31 PGT GA . -0.55 10.01 8.43
O2 PGT GA . 0.66 10.63 10.19
C48 PGT HA . 22.75 -5.74 35.32
C47 PGT HA . 22.07 -7.06 35.60
C46 PGT HA . 21.67 -7.26 37.04
C45 PGT HA . 20.65 -6.27 37.56
C44 PGT HA . 19.36 -6.21 36.79
C43 PGT HA . 18.27 -5.39 37.43
C42 PGT HA . 18.12 -4.00 36.86
C41 PGT HA . 17.39 -3.96 35.53
C40 PGT HA . 17.58 -2.66 34.77
C39 PGT HA . 18.65 -2.69 33.71
C38 PGT HA . 18.63 -3.91 32.82
C37 PGT HA . 19.51 -3.80 31.60
C36 PGT HA . 20.91 -3.33 31.89
C35 PGT HA . 21.94 -3.71 30.85
C34 PGT HA . 21.40 -3.87 29.44
C33 PGT HA . 22.37 -3.52 28.34
C32 PGT HA . 23.14 -2.27 28.58
C31 PGT HA . 23.85 -1.78 27.35
O31 PGT HA . 25.00 -2.06 27.08
O2 PGT HA . 23.08 -0.97 26.61
C2 PGT HA . 23.52 -0.63 25.27
C1 PGT HA . 24.33 0.65 25.30
O3P PGT HA . 25.59 0.43 25.99
P PGT HA . 26.93 0.13 25.17
O1P PGT HA . 27.99 1.07 25.68
O2P PGT HA . 27.19 -1.35 25.22
O4P PGT HA . 26.55 0.48 23.65
C4 PGT HA . 27.23 1.56 22.95
C5 PGT HA . 27.77 1.06 21.64
O5 PGT HA . 26.69 0.92 20.72
C6 PGT HA . 28.52 -0.25 21.74
O6 PGT HA . 29.29 -0.34 22.94
C3 PGT HA . 22.28 -0.52 24.39
O3 PGT HA . 21.19 -1.23 25.01
C11 PGT HA . 21.05 -2.52 24.72
O11 PGT HA . 21.81 -3.13 24.01
C12 PGT HA . 19.82 -3.11 25.38
C13 PGT HA . 19.78 -4.61 25.38
C14 PGT HA . 18.48 -5.17 25.95
C15 PGT HA . 17.36 -5.39 24.95
C16 PGT HA . 17.78 -5.97 23.62
C17 PGT HA . 16.64 -6.39 22.73
C18 PGT HA . 17.08 -6.98 21.41
C19 PGT HA . 16.10 -6.78 20.27
C20 PGT HA . 15.86 -5.34 19.90
C21 PGT HA . 15.04 -5.13 18.66
C22 PGT HA . 15.68 -5.62 17.38
C23 PGT HA . 14.84 -6.60 16.60
C24 PGT HA . 15.53 -7.17 15.39
C25 PGT HA . 16.43 -8.35 15.69
C26 PGT HA . 15.83 -9.68 15.34
C8 PTY IA . 16.67 21.33 29.89
C11 PTY IA . 16.13 20.67 28.64
C12 PTY IA . 15.31 19.44 28.90
C13 PTY IA . 14.67 18.86 27.64
C14 PTY IA . 13.29 19.40 27.34
C15 PTY IA . 12.21 18.33 27.16
C16 PTY IA . 11.74 18.14 25.73
C17 PTY IA . 10.71 17.03 25.57
C18 PTY IA . 9.47 17.43 24.78
C19 PTY IA . 8.16 17.24 25.53
C20 PTY IA . 7.76 18.42 26.40
C21 PTY IA . 6.28 18.49 26.70
C22 PTY IA . 5.94 19.11 28.04
C23 PTY IA . 4.62 19.87 28.08
C24 PTY IA . 3.87 19.72 29.39
C8 PTY JA . 15.18 10.25 44.62
C11 PTY JA . 16.11 9.78 43.54
C12 PTY JA . 15.48 8.90 42.50
C13 PTY JA . 14.05 9.31 42.15
C14 PTY JA . 13.47 8.60 40.96
C15 PTY JA . 12.40 9.38 40.23
C16 PTY JA . 11.27 8.53 39.68
C17 PTY JA . 11.71 7.36 38.81
C18 PTY JA . 11.37 7.48 37.34
C19 PTY JA . 10.00 8.04 37.05
C20 PTY JA . 9.31 7.40 35.88
C21 PTY JA . 7.94 7.98 35.59
C22 PTY JA . 7.59 8.06 34.12
C23 PTY JA . 6.18 8.53 33.85
C24 PTY JA . 6.00 10.02 33.98
C8 PTY KA . 22.15 12.88 45.08
C11 PTY KA . 21.21 12.74 43.92
C12 PTY KA . 20.31 13.93 43.74
C13 PTY KA . 19.52 13.94 42.43
C14 PTY KA . 19.81 12.79 41.47
C15 PTY KA . 18.93 12.71 40.24
C16 PTY KA . 17.63 13.50 40.31
C17 PTY KA . 16.66 13.26 39.18
C18 PTY KA . 16.85 11.96 38.43
C19 PTY KA . 17.05 12.14 36.96
C20 PTY KA . 15.82 12.60 36.23
C21 PTY KA . 14.60 11.79 36.53
C22 PTY KA . 13.39 12.21 35.75
C23 PTY KA . 12.83 13.54 36.18
C24 PTY KA . 11.60 13.96 35.43
C25 PTY KA . 10.33 13.29 35.91
C26 PTY KA . 9.06 13.85 35.30
C27 PTY KA . 7.77 13.51 36.02
C28 PTY KA . 7.79 12.35 37.00
C29 PTY KA . 7.89 12.78 38.45
C8 PTY LA . 7.69 -25.94 7.23
C11 PTY LA . 6.41 -25.79 8.01
C12 PTY LA . 6.58 -25.77 9.51
C13 PTY LA . 8.02 -25.88 9.98
C14 PTY LA . 8.19 -25.77 11.48
C15 PTY LA . 9.62 -25.71 11.95
C16 PTY LA . 9.95 -26.67 13.08
C17 PTY LA . 11.05 -26.19 14.00
C18 PTY LA . 10.56 -25.49 15.24
C19 PTY LA . 11.66 -25.03 16.17
C20 PTY LA . 11.82 -25.89 17.41
C21 PTY LA . 13.14 -25.70 18.12
C22 PTY LA . 13.25 -26.42 19.44
C23 PTY LA . 14.27 -25.83 20.39
C24 PTY LA . 15.63 -25.60 19.79
#